data_8IAT
#
_entry.id   8IAT
#
_cell.length_a   212.051
_cell.length_b   118.353
_cell.length_c   99.820
_cell.angle_alpha   90.00
_cell.angle_beta   108.93
_cell.angle_gamma   90.00
#
_symmetry.space_group_name_H-M   'C 1 2 1'
#
loop_
_entity.id
_entity.type
_entity.pdbx_description
1 polymer 'Pyruvate kinase'
2 non-polymer 'OXALATE ION'
3 non-polymer 'MAGNESIUM ION'
4 non-polymer 'POTASSIUM ION'
5 non-polymer 'TETRAETHYLENE GLYCOL'
6 non-polymer 'TRIETHYLENE GLYCOL'
7 non-polymer GLYCEROL
8 water water
#
_entity_poly.entity_id   1
_entity_poly.type   'polypeptide(L)'
_entity_poly.pdbx_seq_one_letter_code
;MGSSHHHHHHSSGLVPRGSHMNKRVKIVATLGPAVEIRGGKKFGEDGYWGEKLDVEASAKNIAKLIEAGANTFRFNFSHG
DHQEQGERMATVKLAEKIAGKKVGFLLDTKGPEIRTELFEGEAKEYSYKTGEKIRVATKQGIKSTREVIALNVAGALDIY
DDVEVGRQVLVDDGKLGLRVVAKDDATREFEVEVENDGIIAKQKGVNIPNTKIPFPALAERDNDDIRFGLEQGINFIAIS
FVRTAKDVNEVRAICEETGNGHVQLFAKIENQQGIDNLDEIIEAADGIMIARGDMGIEVPFEMVPVYQKMIIKKVNAAGK
VVITATNMLETMTEKPRATRSEVSDVFNAVIDGTDATMLSGESANGKYPLESVTTMATIDKNAQALLNEYGRLDSDSFER
NSKTEVMASAVKDATSSMDIKLVVTLTKTGHTARLISKYRPNADILALTFDELTERGLMLNWGVIPMLTDAPSSTDDMFE
IAERKAVEAGLVESGDDIVIVAGVPVGEAVRTNTMRIRTVR
;
_entity_poly.pdbx_strand_id   A,B,C,D
#
loop_
_chem_comp.id
_chem_comp.type
_chem_comp.name
_chem_comp.formula
GOL non-polymer GLYCEROL 'C3 H8 O3'
K non-polymer 'POTASSIUM ION' 'K 1'
MG non-polymer 'MAGNESIUM ION' 'Mg 2'
OXL non-polymer 'OXALATE ION' 'C2 O4 -2'
PG4 non-polymer 'TETRAETHYLENE GLYCOL' 'C8 H18 O5'
PGE non-polymer 'TRIETHYLENE GLYCOL' 'C6 H14 O4'
#
# COMPACT_ATOMS: atom_id res chain seq x y z
N MET A 21 4.14 -33.19 6.77
CA MET A 21 3.32 -32.20 5.99
C MET A 21 1.84 -32.58 6.06
N ASN A 22 0.97 -31.67 6.51
CA ASN A 22 -0.48 -31.94 6.66
C ASN A 22 -1.23 -31.28 5.49
N LYS A 23 -2.20 -31.99 4.91
CA LYS A 23 -3.03 -31.40 3.82
C LYS A 23 -3.97 -30.37 4.46
N ARG A 24 -3.84 -29.10 4.11
CA ARG A 24 -4.70 -28.05 4.68
C ARG A 24 -6.05 -28.00 3.94
N VAL A 25 -6.08 -28.28 2.64
CA VAL A 25 -7.34 -28.24 1.84
C VAL A 25 -8.12 -29.53 2.09
N LYS A 26 -9.39 -29.40 2.47
CA LYS A 26 -10.20 -30.53 2.89
C LYS A 26 -10.78 -31.22 1.63
N ILE A 27 -10.96 -32.51 1.70
CA ILE A 27 -11.57 -33.29 0.59
C ILE A 27 -12.94 -33.82 1.03
N VAL A 28 -13.96 -33.57 0.20
CA VAL A 28 -15.28 -34.25 0.36
C VAL A 28 -15.28 -35.35 -0.69
N ALA A 29 -15.52 -36.60 -0.30
CA ALA A 29 -15.62 -37.70 -1.28
C ALA A 29 -17.06 -38.22 -1.25
N THR A 30 -17.69 -38.35 -2.43
CA THR A 30 -19.04 -38.96 -2.48
C THR A 30 -18.91 -40.49 -2.42
N LEU A 31 -19.70 -41.16 -1.61
CA LEU A 31 -19.69 -42.63 -1.55
C LEU A 31 -20.77 -43.23 -2.45
N GLY A 32 -20.52 -44.45 -2.88
CA GLY A 32 -21.46 -45.21 -3.72
C GLY A 32 -20.97 -46.64 -3.80
N PRO A 33 -21.36 -47.36 -4.87
CA PRO A 33 -20.99 -48.76 -5.01
C PRO A 33 -19.51 -48.99 -5.33
N ALA A 34 -18.80 -47.96 -5.84
CA ALA A 34 -17.44 -48.12 -6.38
C ALA A 34 -16.51 -48.73 -5.32
N VAL A 35 -16.73 -48.41 -4.03
CA VAL A 35 -15.85 -48.85 -2.90
C VAL A 35 -16.48 -50.06 -2.22
N GLU A 36 -17.69 -50.44 -2.63
CA GLU A 36 -18.49 -51.46 -1.90
C GLU A 36 -18.27 -52.84 -2.54
N ILE A 37 -18.02 -53.82 -1.70
CA ILE A 37 -17.84 -55.25 -2.06
C ILE A 37 -19.17 -55.96 -1.73
N ARG A 38 -19.68 -56.76 -2.66
CA ARG A 38 -20.91 -57.55 -2.47
C ARG A 38 -20.55 -59.00 -2.81
N GLY A 39 -20.57 -59.90 -1.83
CA GLY A 39 -20.26 -61.34 -1.98
C GLY A 39 -18.91 -61.56 -2.64
N GLY A 40 -17.88 -60.87 -2.14
CA GLY A 40 -16.50 -60.96 -2.67
C GLY A 40 -16.36 -60.36 -4.05
N LYS A 41 -17.41 -59.80 -4.63
CA LYS A 41 -17.37 -59.14 -5.96
C LYS A 41 -17.18 -57.63 -5.79
N LYS A 42 -16.43 -57.02 -6.71
CA LYS A 42 -16.25 -55.54 -6.75
C LYS A 42 -17.18 -54.98 -7.84
N PHE A 43 -17.53 -53.70 -7.73
CA PHE A 43 -18.47 -52.97 -8.62
C PHE A 43 -18.05 -53.19 -10.09
N GLY A 44 -19.04 -53.46 -10.95
CA GLY A 44 -18.86 -53.78 -12.37
C GLY A 44 -18.65 -55.27 -12.65
N GLU A 45 -18.40 -56.12 -11.64
CA GLU A 45 -18.15 -57.58 -11.87
C GLU A 45 -19.48 -58.30 -12.13
N ASP A 46 -19.42 -59.45 -12.81
CA ASP A 46 -20.61 -60.27 -13.19
C ASP A 46 -21.37 -60.66 -11.93
N GLY A 47 -22.64 -60.28 -11.81
CA GLY A 47 -23.55 -60.68 -10.71
C GLY A 47 -23.20 -60.00 -9.39
N TYR A 48 -22.56 -58.83 -9.47
CA TYR A 48 -22.25 -57.93 -8.32
C TYR A 48 -23.52 -57.74 -7.48
N TRP A 49 -24.59 -57.28 -8.14
CA TRP A 49 -25.84 -56.84 -7.48
C TRP A 49 -26.64 -58.04 -6.93
N GLY A 50 -26.32 -59.30 -7.30
CA GLY A 50 -27.03 -60.51 -6.84
C GLY A 50 -26.59 -60.97 -5.45
N GLU A 51 -25.70 -60.18 -4.86
CA GLU A 51 -24.96 -60.51 -3.63
C GLU A 51 -25.30 -59.44 -2.58
N LYS A 52 -25.28 -59.83 -1.31
CA LYS A 52 -25.50 -58.90 -0.18
C LYS A 52 -24.23 -58.05 -0.02
N LEU A 53 -24.39 -56.80 0.44
CA LEU A 53 -23.24 -55.94 0.81
C LEU A 53 -22.37 -56.65 1.86
N ASP A 54 -21.06 -56.73 1.61
CA ASP A 54 -20.04 -57.20 2.59
C ASP A 54 -19.58 -55.95 3.36
N VAL A 55 -20.14 -55.74 4.55
CA VAL A 55 -19.99 -54.47 5.30
C VAL A 55 -18.53 -54.29 5.71
N GLU A 56 -17.88 -55.33 6.26
CA GLU A 56 -16.49 -55.22 6.76
C GLU A 56 -15.54 -54.94 5.60
N ALA A 57 -15.66 -55.70 4.50
CA ALA A 57 -14.80 -55.54 3.32
C ALA A 57 -14.99 -54.12 2.76
N SER A 58 -16.24 -53.65 2.68
CA SER A 58 -16.57 -52.28 2.19
C SER A 58 -15.95 -51.24 3.14
N ALA A 59 -16.14 -51.44 4.44
CA ALA A 59 -15.67 -50.52 5.50
C ALA A 59 -14.15 -50.37 5.38
N LYS A 60 -13.43 -51.46 5.05
CA LYS A 60 -11.96 -51.44 4.94
C LYS A 60 -11.55 -50.63 3.71
N ASN A 61 -12.28 -50.75 2.62
CA ASN A 61 -12.05 -49.91 1.41
C ASN A 61 -12.29 -48.42 1.73
N ILE A 62 -13.36 -48.10 2.46
CA ILE A 62 -13.71 -46.70 2.80
C ILE A 62 -12.60 -46.14 3.71
N ALA A 63 -12.07 -46.94 4.62
CA ALA A 63 -10.96 -46.56 5.53
C ALA A 63 -9.72 -46.14 4.73
N LYS A 64 -9.43 -46.78 3.60
CA LYS A 64 -8.28 -46.44 2.76
C LYS A 64 -8.50 -45.01 2.27
N LEU A 65 -9.75 -44.63 1.99
CA LEU A 65 -10.05 -43.27 1.44
C LEU A 65 -9.79 -42.25 2.56
N ILE A 66 -10.21 -42.56 3.78
CA ILE A 66 -9.95 -41.71 4.98
C ILE A 66 -8.43 -41.51 5.07
N GLU A 67 -7.67 -42.59 5.01
CA GLU A 67 -6.19 -42.57 5.19
C GLU A 67 -5.57 -41.73 4.08
N ALA A 68 -6.11 -41.77 2.88
CA ALA A 68 -5.60 -41.04 1.70
C ALA A 68 -5.98 -39.54 1.77
N GLY A 69 -6.85 -39.11 2.70
CA GLY A 69 -7.12 -37.69 2.95
C GLY A 69 -8.58 -37.26 2.73
N ALA A 70 -9.55 -38.17 2.56
CA ALA A 70 -10.99 -37.80 2.61
C ALA A 70 -11.31 -37.26 4.00
N ASN A 71 -11.86 -36.05 4.12
CA ASN A 71 -12.15 -35.42 5.44
C ASN A 71 -13.66 -35.49 5.77
N THR A 72 -14.49 -35.79 4.77
CA THR A 72 -15.97 -35.84 4.89
C THR A 72 -16.48 -36.71 3.73
N PHE A 73 -17.45 -37.58 4.01
CA PHE A 73 -18.21 -38.36 3.00
C PHE A 73 -19.55 -37.66 2.68
N ARG A 74 -19.87 -37.60 1.38
CA ARG A 74 -21.13 -37.05 0.80
C ARG A 74 -22.05 -38.21 0.46
N PHE A 75 -23.25 -38.24 1.06
CA PHE A 75 -24.35 -39.17 0.77
C PHE A 75 -25.34 -38.38 -0.10
N ASN A 76 -25.37 -38.72 -1.38
CA ASN A 76 -26.13 -38.00 -2.43
C ASN A 76 -27.52 -38.64 -2.51
N PHE A 77 -28.53 -37.98 -1.95
CA PHE A 77 -29.91 -38.52 -1.87
C PHE A 77 -30.62 -38.33 -3.21
N SER A 78 -29.95 -37.86 -4.25
CA SER A 78 -30.45 -37.93 -5.65
C SER A 78 -30.55 -39.39 -6.09
N HIS A 79 -29.73 -40.28 -5.57
CA HIS A 79 -29.69 -41.70 -6.00
C HIS A 79 -29.77 -42.56 -4.74
N GLY A 80 -30.62 -43.59 -4.74
CA GLY A 80 -30.66 -44.61 -3.69
C GLY A 80 -31.70 -44.30 -2.63
N ASP A 81 -32.36 -45.33 -2.13
CA ASP A 81 -33.44 -45.17 -1.14
C ASP A 81 -32.81 -45.04 0.24
N HIS A 82 -33.66 -44.88 1.25
CA HIS A 82 -33.27 -44.57 2.64
C HIS A 82 -32.44 -45.73 3.20
N GLN A 83 -32.88 -46.97 2.97
CA GLN A 83 -32.18 -48.17 3.46
C GLN A 83 -30.76 -48.19 2.88
N GLU A 84 -30.57 -47.90 1.59
CA GLU A 84 -29.24 -47.86 0.94
C GLU A 84 -28.37 -46.76 1.59
N GLN A 85 -28.95 -45.60 1.83
CA GLN A 85 -28.24 -44.45 2.46
C GLN A 85 -27.86 -44.81 3.89
N GLY A 86 -28.82 -45.29 4.68
CA GLY A 86 -28.63 -45.67 6.08
C GLY A 86 -27.56 -46.74 6.22
N GLU A 87 -27.57 -47.73 5.33
CA GLU A 87 -26.56 -48.80 5.31
C GLU A 87 -25.18 -48.20 5.02
N ARG A 88 -25.08 -47.29 4.05
CA ARG A 88 -23.79 -46.66 3.67
C ARG A 88 -23.25 -45.83 4.85
N MET A 89 -24.12 -45.17 5.61
CA MET A 89 -23.73 -44.35 6.79
C MET A 89 -23.20 -45.28 7.88
N ALA A 90 -23.89 -46.40 8.14
CA ALA A 90 -23.41 -47.45 9.08
C ALA A 90 -22.04 -47.99 8.64
N THR A 91 -21.82 -48.22 7.35
CA THR A 91 -20.52 -48.73 6.84
C THR A 91 -19.41 -47.69 7.08
N VAL A 92 -19.69 -46.41 6.91
CA VAL A 92 -18.69 -45.33 7.19
C VAL A 92 -18.36 -45.31 8.68
N LYS A 93 -19.34 -45.46 9.56
CA LYS A 93 -19.05 -45.48 11.03
C LYS A 93 -18.09 -46.63 11.36
N LEU A 94 -18.19 -47.77 10.67
CA LEU A 94 -17.25 -48.90 10.90
C LEU A 94 -15.90 -48.51 10.30
N ALA A 95 -15.90 -47.79 9.18
CA ALA A 95 -14.67 -47.38 8.47
C ALA A 95 -13.87 -46.44 9.37
N GLU A 96 -14.56 -45.56 10.11
CA GLU A 96 -13.86 -44.61 11.02
C GLU A 96 -13.05 -45.42 12.07
N LYS A 97 -13.66 -46.45 12.65
CA LYS A 97 -13.00 -47.27 13.69
C LYS A 97 -11.79 -47.96 13.08
N ILE A 98 -11.95 -48.51 11.87
CA ILE A 98 -10.85 -49.21 11.16
C ILE A 98 -9.72 -48.24 10.89
N ALA A 99 -10.02 -47.01 10.46
CA ALA A 99 -9.00 -46.03 10.06
C ALA A 99 -8.34 -45.42 11.31
N GLY A 100 -8.97 -45.54 12.47
CA GLY A 100 -8.65 -44.78 13.69
C GLY A 100 -8.68 -43.29 13.46
N LYS A 101 -9.52 -42.81 12.53
CA LYS A 101 -9.64 -41.37 12.18
C LYS A 101 -11.13 -41.09 11.94
N LYS A 102 -11.60 -39.93 12.34
CA LYS A 102 -13.05 -39.60 12.21
C LYS A 102 -13.20 -38.78 10.93
N VAL A 103 -14.41 -38.80 10.35
CA VAL A 103 -14.74 -37.94 9.19
C VAL A 103 -16.11 -37.31 9.40
N GLY A 104 -16.36 -36.25 8.63
CA GLY A 104 -17.67 -35.58 8.56
C GLY A 104 -18.67 -36.42 7.76
N PHE A 105 -19.95 -36.26 8.06
CA PHE A 105 -21.10 -36.90 7.39
C PHE A 105 -21.91 -35.79 6.75
N LEU A 106 -21.95 -35.76 5.42
CA LEU A 106 -22.62 -34.68 4.67
C LEU A 106 -23.78 -35.30 3.88
N LEU A 107 -24.97 -34.75 4.03
CA LEU A 107 -26.16 -35.20 3.25
C LEU A 107 -26.36 -34.20 2.15
N ASP A 108 -26.50 -34.65 0.89
CA ASP A 108 -26.73 -33.76 -0.27
C ASP A 108 -28.17 -34.05 -0.75
N THR A 109 -29.03 -33.04 -0.76
CA THR A 109 -30.47 -33.23 -1.05
C THR A 109 -30.66 -33.49 -2.54
N LYS A 110 -31.72 -34.21 -2.87
CA LYS A 110 -32.13 -34.33 -4.28
C LYS A 110 -32.53 -32.96 -4.82
N GLY A 111 -33.42 -32.28 -4.09
CA GLY A 111 -33.82 -30.94 -4.52
C GLY A 111 -34.64 -31.01 -5.81
N PRO A 112 -34.85 -29.86 -6.45
CA PRO A 112 -35.83 -29.71 -7.54
C PRO A 112 -35.32 -30.18 -8.91
N GLU A 113 -34.95 -31.45 -8.96
CA GLU A 113 -34.34 -32.07 -10.16
C GLU A 113 -35.42 -32.27 -11.22
N ILE A 114 -35.11 -32.02 -12.49
CA ILE A 114 -35.95 -32.47 -13.65
C ILE A 114 -35.14 -33.56 -14.35
N ARG A 115 -35.80 -34.65 -14.70
CA ARG A 115 -35.21 -35.78 -15.46
C ARG A 115 -36.10 -36.09 -16.66
N THR A 116 -35.55 -36.68 -17.70
CA THR A 116 -36.36 -37.28 -18.78
C THR A 116 -37.06 -38.50 -18.22
N GLU A 117 -38.26 -38.79 -18.73
CA GLU A 117 -39.01 -40.00 -18.31
C GLU A 117 -38.53 -41.26 -19.04
N LEU A 118 -39.06 -42.40 -18.62
CA LEU A 118 -39.03 -43.64 -19.40
C LEU A 118 -39.74 -43.43 -20.73
N PHE A 119 -39.24 -44.09 -21.78
CA PHE A 119 -39.93 -44.16 -23.10
C PHE A 119 -40.94 -45.32 -23.15
N GLU A 120 -41.99 -45.09 -23.94
CA GLU A 120 -42.93 -46.16 -24.37
C GLU A 120 -42.13 -47.27 -25.06
N GLY A 121 -42.52 -48.55 -24.90
CA GLY A 121 -41.92 -49.67 -25.62
C GLY A 121 -40.55 -50.03 -25.05
N GLU A 122 -40.25 -49.51 -23.87
CA GLU A 122 -38.96 -49.67 -23.12
C GLU A 122 -37.78 -49.20 -23.99
N ALA A 123 -38.01 -48.30 -24.95
CA ALA A 123 -36.90 -47.80 -25.79
C ALA A 123 -35.97 -47.17 -24.77
N LYS A 124 -34.65 -47.18 -25.00
CA LYS A 124 -33.71 -46.62 -24.00
C LYS A 124 -33.41 -45.18 -24.40
N GLU A 125 -33.32 -44.93 -25.69
CA GLU A 125 -32.91 -43.60 -26.19
C GLU A 125 -33.25 -43.48 -27.67
N TYR A 126 -33.21 -42.25 -28.17
CA TYR A 126 -33.36 -41.93 -29.60
C TYR A 126 -32.28 -40.90 -29.95
N SER A 127 -31.86 -40.88 -31.21
CA SER A 127 -30.94 -39.87 -31.80
C SER A 127 -31.75 -38.84 -32.59
N TYR A 128 -31.33 -37.58 -32.52
CA TYR A 128 -31.99 -36.38 -33.09
C TYR A 128 -30.96 -35.59 -33.90
N LYS A 129 -31.43 -34.96 -34.99
CA LYS A 129 -30.63 -34.11 -35.90
C LYS A 129 -31.05 -32.65 -35.75
N THR A 130 -30.06 -31.74 -35.84
CA THR A 130 -30.27 -30.28 -35.84
C THR A 130 -31.46 -29.93 -36.76
N GLY A 131 -32.43 -29.16 -36.29
CA GLY A 131 -33.59 -28.69 -37.10
C GLY A 131 -34.85 -29.49 -36.89
N GLU A 132 -34.79 -30.71 -36.35
CA GLU A 132 -36.02 -31.49 -36.09
C GLU A 132 -36.93 -30.70 -35.17
N LYS A 133 -38.23 -30.77 -35.44
CA LYS A 133 -39.28 -30.23 -34.57
C LYS A 133 -39.85 -31.39 -33.76
N ILE A 134 -39.76 -31.30 -32.44
CA ILE A 134 -40.39 -32.27 -31.51
C ILE A 134 -41.08 -31.48 -30.41
N ARG A 135 -41.60 -32.16 -29.40
CA ARG A 135 -42.36 -31.54 -28.31
C ARG A 135 -41.78 -31.99 -26.99
N VAL A 136 -41.94 -31.15 -25.99
CA VAL A 136 -41.73 -31.52 -24.57
C VAL A 136 -43.06 -31.44 -23.84
N ALA A 137 -43.47 -32.53 -23.22
CA ALA A 137 -44.70 -32.61 -22.40
C ALA A 137 -44.46 -32.00 -21.02
N THR A 138 -45.54 -31.52 -20.41
CA THR A 138 -45.53 -31.00 -19.04
C THR A 138 -46.40 -31.92 -18.18
N LYS A 139 -47.32 -32.70 -18.79
CA LYS A 139 -48.12 -33.68 -18.02
C LYS A 139 -47.16 -34.59 -17.26
N GLN A 140 -47.53 -34.94 -16.03
CA GLN A 140 -46.65 -35.74 -15.14
C GLN A 140 -47.23 -37.15 -15.06
N GLY A 141 -46.41 -38.12 -14.69
CA GLY A 141 -46.83 -39.52 -14.55
C GLY A 141 -46.98 -40.21 -15.90
N ILE A 142 -46.37 -39.68 -16.98
CA ILE A 142 -46.50 -40.27 -18.35
C ILE A 142 -45.14 -40.65 -18.92
N LYS A 143 -45.18 -41.45 -19.97
CA LYS A 143 -43.97 -41.91 -20.68
C LYS A 143 -43.65 -40.95 -21.81
N SER A 144 -42.37 -40.88 -22.17
CA SER A 144 -41.86 -40.21 -23.36
C SER A 144 -42.18 -41.05 -24.60
N THR A 145 -42.24 -40.40 -25.76
CA THR A 145 -42.17 -41.06 -27.07
C THR A 145 -41.00 -40.39 -27.78
N ARG A 146 -40.58 -40.93 -28.90
CA ARG A 146 -39.46 -40.32 -29.62
C ARG A 146 -39.79 -38.83 -29.83
N GLU A 147 -41.03 -38.51 -30.21
CA GLU A 147 -41.34 -37.10 -30.61
C GLU A 147 -41.93 -36.23 -29.50
N VAL A 148 -42.28 -36.80 -28.37
CA VAL A 148 -42.84 -36.05 -27.24
C VAL A 148 -42.08 -36.52 -25.99
N ILE A 149 -41.10 -35.71 -25.58
CA ILE A 149 -40.27 -35.98 -24.37
C ILE A 149 -41.04 -35.57 -23.12
N ALA A 150 -41.29 -36.52 -22.24
CA ALA A 150 -41.98 -36.24 -20.96
C ALA A 150 -40.90 -36.02 -19.88
N LEU A 151 -41.24 -35.21 -18.90
CA LEU A 151 -40.39 -34.82 -17.77
C LEU A 151 -40.88 -35.42 -16.45
N ASN A 152 -39.94 -35.92 -15.68
CA ASN A 152 -40.17 -36.26 -14.26
C ASN A 152 -39.78 -35.01 -13.46
N VAL A 153 -40.75 -34.15 -13.14
CA VAL A 153 -40.49 -32.91 -12.38
C VAL A 153 -40.64 -33.18 -10.89
N ALA A 154 -39.68 -32.69 -10.12
CA ALA A 154 -39.68 -32.90 -8.66
C ALA A 154 -41.06 -32.48 -8.15
N GLY A 155 -41.71 -33.35 -7.36
CA GLY A 155 -43.03 -33.09 -6.74
C GLY A 155 -44.17 -33.07 -7.76
N ALA A 156 -43.94 -33.55 -8.97
CA ALA A 156 -44.91 -33.62 -10.09
C ALA A 156 -45.51 -32.24 -10.35
N LEU A 157 -44.68 -31.20 -10.30
CA LEU A 157 -45.14 -29.82 -10.57
C LEU A 157 -45.45 -29.67 -12.05
N ASP A 158 -46.44 -28.84 -12.36
CA ASP A 158 -46.84 -28.50 -13.73
C ASP A 158 -46.04 -27.26 -14.12
N ILE A 159 -45.14 -27.33 -15.09
CA ILE A 159 -44.18 -26.23 -15.37
C ILE A 159 -44.64 -25.44 -16.59
N TYR A 160 -45.81 -25.73 -17.17
CA TYR A 160 -46.16 -25.16 -18.49
C TYR A 160 -46.23 -23.63 -18.44
N ASP A 161 -46.79 -23.09 -17.38
CA ASP A 161 -46.97 -21.63 -17.18
C ASP A 161 -45.66 -20.95 -16.72
N ASP A 162 -44.58 -21.72 -16.56
CA ASP A 162 -43.34 -21.25 -15.88
C ASP A 162 -42.24 -21.08 -16.91
N VAL A 163 -42.48 -21.49 -18.15
CA VAL A 163 -41.43 -21.50 -19.20
C VAL A 163 -41.98 -20.74 -20.39
N GLU A 164 -41.22 -19.75 -20.87
CA GLU A 164 -41.67 -18.80 -21.90
C GLU A 164 -41.05 -19.26 -23.21
N VAL A 165 -41.70 -18.95 -24.33
CA VAL A 165 -41.08 -19.08 -25.68
C VAL A 165 -39.70 -18.42 -25.61
N GLY A 166 -38.73 -18.96 -26.36
CA GLY A 166 -37.33 -18.50 -26.44
C GLY A 166 -36.41 -19.15 -25.41
N ARG A 167 -36.95 -19.75 -24.36
CA ARG A 167 -36.15 -20.51 -23.37
C ARG A 167 -35.55 -21.77 -24.01
N GLN A 168 -34.53 -22.31 -23.35
CA GLN A 168 -33.76 -23.50 -23.79
C GLN A 168 -34.04 -24.65 -22.81
N VAL A 169 -34.38 -25.82 -23.31
CA VAL A 169 -34.47 -27.07 -22.53
C VAL A 169 -33.21 -27.86 -22.88
N LEU A 170 -32.39 -28.18 -21.89
CA LEU A 170 -31.08 -28.85 -22.11
C LEU A 170 -31.14 -30.26 -21.53
N VAL A 171 -30.67 -31.25 -22.26
CA VAL A 171 -30.80 -32.67 -21.83
C VAL A 171 -29.41 -33.29 -21.68
N ASP A 172 -29.16 -33.95 -20.55
CA ASP A 172 -27.96 -34.80 -20.31
C ASP A 172 -26.69 -33.93 -20.25
N ASP A 173 -26.50 -33.32 -19.08
CA ASP A 173 -25.33 -32.47 -18.75
C ASP A 173 -25.25 -31.36 -19.79
N GLY A 174 -26.41 -30.87 -20.24
CA GLY A 174 -26.41 -29.72 -21.17
C GLY A 174 -25.92 -30.06 -22.56
N LYS A 175 -25.86 -31.32 -22.97
CA LYS A 175 -25.24 -31.71 -24.25
C LYS A 175 -26.21 -31.48 -25.42
N LEU A 176 -27.51 -31.69 -25.22
CA LEU A 176 -28.53 -31.54 -26.32
C LEU A 176 -29.46 -30.39 -25.98
N GLY A 177 -29.51 -29.36 -26.84
CA GLY A 177 -30.32 -28.17 -26.66
C GLY A 177 -31.62 -28.25 -27.47
N LEU A 178 -32.73 -27.90 -26.82
CA LEU A 178 -34.09 -27.84 -27.43
C LEU A 178 -34.62 -26.41 -27.23
N ARG A 179 -34.82 -25.67 -28.32
CA ARG A 179 -35.30 -24.27 -28.22
C ARG A 179 -36.83 -24.26 -28.20
N VAL A 180 -37.44 -23.64 -27.21
CA VAL A 180 -38.91 -23.48 -27.15
C VAL A 180 -39.29 -22.43 -28.21
N VAL A 181 -40.04 -22.85 -29.24
CA VAL A 181 -40.47 -21.94 -30.35
C VAL A 181 -41.96 -21.62 -30.28
N ALA A 182 -42.79 -22.42 -29.60
CA ALA A 182 -44.23 -22.13 -29.36
C ALA A 182 -44.71 -23.00 -28.21
N LYS A 183 -45.87 -22.66 -27.64
CA LYS A 183 -46.52 -23.45 -26.57
C LYS A 183 -47.89 -23.87 -27.07
N ASP A 184 -48.30 -25.11 -26.75
CA ASP A 184 -49.60 -25.70 -27.18
C ASP A 184 -50.51 -25.89 -25.97
N ASP A 185 -51.47 -24.97 -25.83
CA ASP A 185 -52.46 -24.97 -24.72
C ASP A 185 -53.24 -26.28 -24.69
N ALA A 186 -53.49 -26.92 -25.84
CA ALA A 186 -54.39 -28.09 -25.93
C ALA A 186 -53.77 -29.27 -25.19
N THR A 187 -52.45 -29.43 -25.31
CA THR A 187 -51.68 -30.58 -24.75
C THR A 187 -50.75 -30.11 -23.60
N ARG A 188 -50.62 -28.79 -23.43
CA ARG A 188 -49.66 -28.15 -22.47
C ARG A 188 -48.26 -28.71 -22.79
N GLU A 189 -47.87 -28.55 -24.04
CA GLU A 189 -46.60 -29.00 -24.62
C GLU A 189 -45.83 -27.79 -25.10
N PHE A 190 -44.52 -27.84 -24.89
CA PHE A 190 -43.52 -26.95 -25.51
C PHE A 190 -43.23 -27.51 -26.88
N GLU A 191 -43.42 -26.68 -27.90
CA GLU A 191 -42.99 -27.00 -29.28
C GLU A 191 -41.54 -26.57 -29.36
N VAL A 192 -40.63 -27.49 -29.68
CA VAL A 192 -39.17 -27.19 -29.61
C VAL A 192 -38.52 -27.58 -30.92
N GLU A 193 -37.40 -26.93 -31.17
CA GLU A 193 -36.47 -27.22 -32.26
C GLU A 193 -35.19 -27.82 -31.67
N VAL A 194 -34.73 -28.93 -32.21
CA VAL A 194 -33.41 -29.55 -31.87
C VAL A 194 -32.31 -28.62 -32.35
N GLU A 195 -31.50 -28.13 -31.42
CA GLU A 195 -30.47 -27.10 -31.73
C GLU A 195 -29.18 -27.76 -32.23
N ASN A 196 -28.95 -29.04 -31.96
CA ASN A 196 -27.66 -29.73 -32.26
C ASN A 196 -27.90 -31.24 -32.30
N ASP A 197 -27.10 -31.99 -33.05
CA ASP A 197 -27.20 -33.47 -33.14
C ASP A 197 -27.01 -34.06 -31.74
N GLY A 198 -27.79 -35.05 -31.35
CA GLY A 198 -27.61 -35.58 -29.99
C GLY A 198 -28.59 -36.67 -29.67
N ILE A 199 -28.45 -37.18 -28.45
CA ILE A 199 -29.23 -38.36 -27.98
C ILE A 199 -30.07 -37.87 -26.82
N ILE A 200 -31.32 -38.33 -26.74
CA ILE A 200 -32.15 -38.19 -25.52
C ILE A 200 -32.36 -39.59 -25.00
N ALA A 201 -31.78 -39.89 -23.85
CA ALA A 201 -32.01 -41.17 -23.16
C ALA A 201 -32.97 -40.95 -22.00
N LYS A 202 -33.54 -42.04 -21.52
CA LYS A 202 -34.39 -42.03 -20.32
C LYS A 202 -33.54 -41.71 -19.07
N GLN A 203 -34.20 -41.11 -18.09
CA GLN A 203 -33.72 -40.82 -16.72
C GLN A 203 -32.49 -39.94 -16.80
N LYS A 204 -32.40 -39.04 -17.76
CA LYS A 204 -31.24 -38.11 -17.84
C LYS A 204 -31.64 -36.75 -17.26
N GLY A 205 -30.67 -36.01 -16.73
CA GLY A 205 -30.94 -34.69 -16.14
C GLY A 205 -31.38 -33.70 -17.21
N VAL A 206 -32.31 -32.85 -16.84
CA VAL A 206 -32.79 -31.74 -17.71
C VAL A 206 -32.61 -30.41 -17.00
N ASN A 207 -32.22 -29.39 -17.73
CA ASN A 207 -32.10 -28.03 -17.18
C ASN A 207 -32.89 -27.07 -18.09
N ILE A 208 -33.49 -26.06 -17.49
CA ILE A 208 -34.21 -24.98 -18.21
C ILE A 208 -33.72 -23.67 -17.63
N PRO A 209 -32.58 -23.15 -18.14
CA PRO A 209 -31.91 -22.03 -17.49
C PRO A 209 -32.77 -20.77 -17.54
N ASN A 210 -32.66 -19.92 -16.52
CA ASN A 210 -33.23 -18.55 -16.55
C ASN A 210 -34.74 -18.61 -16.35
N THR A 211 -35.24 -19.62 -15.65
CA THR A 211 -36.70 -19.73 -15.38
C THR A 211 -36.88 -19.62 -13.88
N LYS A 212 -38.09 -19.41 -13.43
CA LYS A 212 -38.35 -19.34 -11.98
C LYS A 212 -39.49 -20.31 -11.68
N ILE A 213 -39.28 -21.58 -12.00
CA ILE A 213 -40.29 -22.61 -11.66
C ILE A 213 -40.48 -22.54 -10.15
N PRO A 214 -41.74 -22.42 -9.69
CA PRO A 214 -42.02 -22.22 -8.26
C PRO A 214 -41.92 -23.49 -7.41
N PHE A 215 -40.78 -24.19 -7.49
CA PHE A 215 -40.49 -25.27 -6.53
C PHE A 215 -40.61 -24.67 -5.15
N PRO A 216 -41.17 -25.40 -4.17
CA PRO A 216 -41.29 -24.88 -2.82
C PRO A 216 -39.90 -24.71 -2.20
N ALA A 217 -39.85 -23.90 -1.15
CA ALA A 217 -38.59 -23.57 -0.45
C ALA A 217 -38.02 -24.89 0.09
N LEU A 218 -38.91 -25.72 0.64
CA LEU A 218 -38.53 -27.08 1.04
C LEU A 218 -39.65 -28.04 0.65
N ALA A 219 -39.39 -28.87 -0.36
CA ALA A 219 -40.32 -29.92 -0.83
C ALA A 219 -40.43 -31.02 0.21
N GLU A 220 -41.58 -31.68 0.20
CA GLU A 220 -41.86 -32.80 1.13
C GLU A 220 -40.74 -33.88 1.04
N ARG A 221 -40.32 -34.24 -0.16
CA ARG A 221 -39.35 -35.35 -0.32
C ARG A 221 -38.01 -34.99 0.36
N ASP A 222 -37.55 -33.78 0.17
CA ASP A 222 -36.29 -33.27 0.78
C ASP A 222 -36.46 -33.18 2.29
N ASN A 223 -37.64 -32.75 2.78
CA ASN A 223 -37.99 -32.65 4.21
C ASN A 223 -37.83 -34.05 4.83
N ASP A 224 -38.45 -35.05 4.20
CA ASP A 224 -38.37 -36.47 4.63
C ASP A 224 -36.92 -36.98 4.61
N ASP A 225 -36.17 -36.66 3.55
CA ASP A 225 -34.78 -37.14 3.35
C ASP A 225 -33.88 -36.53 4.46
N ILE A 226 -33.99 -35.24 4.71
CA ILE A 226 -33.26 -34.51 5.78
C ILE A 226 -33.57 -35.11 7.14
N ARG A 227 -34.85 -35.33 7.45
CA ARG A 227 -35.26 -35.88 8.76
C ARG A 227 -34.68 -37.28 8.94
N PHE A 228 -34.64 -38.09 7.88
CA PHE A 228 -34.06 -39.45 7.95
C PHE A 228 -32.56 -39.30 8.26
N GLY A 229 -31.87 -38.44 7.53
CA GLY A 229 -30.41 -38.24 7.73
C GLY A 229 -30.13 -37.75 9.14
N LEU A 230 -30.93 -36.83 9.64
CA LEU A 230 -30.75 -36.30 11.02
C LEU A 230 -30.90 -37.43 12.01
N GLU A 231 -31.80 -38.38 11.75
CA GLU A 231 -32.06 -39.54 12.65
C GLU A 231 -30.82 -40.43 12.64
N GLN A 232 -30.16 -40.60 11.49
CA GLN A 232 -28.97 -41.48 11.36
C GLN A 232 -27.76 -40.83 12.05
N GLY A 233 -27.67 -39.49 12.04
CA GLY A 233 -26.51 -38.74 12.55
C GLY A 233 -25.68 -38.09 11.43
N ILE A 234 -25.77 -36.79 11.23
CA ILE A 234 -24.97 -36.11 10.18
C ILE A 234 -24.35 -34.84 10.74
N ASN A 235 -23.39 -34.24 10.04
CA ASN A 235 -22.73 -33.00 10.48
C ASN A 235 -23.13 -31.86 9.56
N PHE A 236 -23.38 -32.18 8.28
CA PHE A 236 -23.54 -31.16 7.22
C PHE A 236 -24.75 -31.52 6.36
N ILE A 237 -25.39 -30.50 5.81
CA ILE A 237 -26.41 -30.68 4.73
C ILE A 237 -26.03 -29.75 3.62
N ALA A 238 -25.86 -30.28 2.41
CA ALA A 238 -25.65 -29.45 1.22
C ALA A 238 -27.01 -29.39 0.52
N ILE A 239 -27.61 -28.23 0.47
CA ILE A 239 -29.02 -28.06 -0.01
C ILE A 239 -28.97 -27.75 -1.51
N SER A 240 -29.53 -28.62 -2.34
CA SER A 240 -29.39 -28.48 -3.82
C SER A 240 -30.25 -27.30 -4.29
N PHE A 241 -29.78 -26.57 -5.28
CA PHE A 241 -30.46 -25.46 -6.04
C PHE A 241 -31.01 -24.39 -5.09
N VAL A 242 -30.21 -23.91 -4.18
CA VAL A 242 -30.65 -22.80 -3.31
C VAL A 242 -30.80 -21.53 -4.14
N ARG A 243 -31.97 -20.89 -4.06
CA ARG A 243 -32.30 -19.65 -4.81
C ARG A 243 -32.34 -18.43 -3.88
N THR A 244 -32.76 -18.60 -2.63
CA THR A 244 -32.92 -17.51 -1.64
C THR A 244 -32.57 -18.01 -0.24
N ALA A 245 -32.51 -17.07 0.72
CA ALA A 245 -32.24 -17.41 2.13
C ALA A 245 -33.33 -18.39 2.61
N LYS A 246 -34.56 -18.28 2.09
CA LYS A 246 -35.71 -19.10 2.53
C LYS A 246 -35.43 -20.60 2.37
N ASP A 247 -34.79 -20.99 1.27
CA ASP A 247 -34.36 -22.38 1.01
C ASP A 247 -33.44 -22.84 2.16
N VAL A 248 -32.65 -21.93 2.74
CA VAL A 248 -31.71 -22.33 3.83
C VAL A 248 -32.50 -22.36 5.14
N ASN A 249 -33.27 -21.29 5.39
CA ASN A 249 -34.00 -21.10 6.68
C ASN A 249 -35.00 -22.24 6.93
N GLU A 250 -35.65 -22.82 5.90
CA GLU A 250 -36.65 -23.88 6.15
C GLU A 250 -35.92 -25.15 6.60
N VAL A 251 -34.72 -25.42 6.09
CA VAL A 251 -33.86 -26.54 6.58
C VAL A 251 -33.36 -26.24 7.99
N ARG A 252 -32.87 -25.04 8.24
CA ARG A 252 -32.41 -24.62 9.60
C ARG A 252 -33.51 -24.90 10.64
N ALA A 253 -34.78 -24.61 10.34
CA ALA A 253 -35.92 -24.80 11.27
C ALA A 253 -36.08 -26.28 11.65
N ILE A 254 -35.91 -27.20 10.69
CA ILE A 254 -35.99 -28.66 10.99
C ILE A 254 -34.80 -29.07 11.86
N CYS A 255 -33.60 -28.58 11.57
CA CYS A 255 -32.39 -28.93 12.37
C CYS A 255 -32.62 -28.49 13.83
N GLU A 256 -33.19 -27.31 13.99
CA GLU A 256 -33.44 -26.68 15.32
C GLU A 256 -34.59 -27.44 16.01
N GLU A 257 -35.68 -27.74 15.28
CA GLU A 257 -36.88 -28.46 15.83
C GLU A 257 -36.47 -29.84 16.38
N THR A 258 -35.51 -30.52 15.75
CA THR A 258 -35.18 -31.93 16.06
C THR A 258 -34.03 -32.02 17.08
N GLY A 259 -33.46 -30.88 17.51
CA GLY A 259 -32.32 -30.85 18.45
C GLY A 259 -31.01 -31.14 17.73
N ASN A 260 -30.95 -30.76 16.46
CA ASN A 260 -29.75 -30.92 15.59
C ASN A 260 -29.24 -29.54 15.20
N GLY A 261 -29.24 -28.59 16.15
CA GLY A 261 -28.78 -27.22 15.95
C GLY A 261 -27.30 -27.18 15.55
N HIS A 262 -26.55 -28.25 15.85
CA HIS A 262 -25.11 -28.40 15.52
C HIS A 262 -24.91 -28.51 13.99
N VAL A 263 -25.94 -28.91 13.26
CA VAL A 263 -25.77 -29.20 11.82
C VAL A 263 -25.48 -27.90 11.07
N GLN A 264 -24.45 -27.93 10.23
CA GLN A 264 -24.09 -26.80 9.37
C GLN A 264 -24.73 -27.00 7.99
N LEU A 265 -25.17 -25.91 7.40
CA LEU A 265 -25.87 -25.93 6.10
C LEU A 265 -24.98 -25.27 5.08
N PHE A 266 -24.65 -25.99 4.01
CA PHE A 266 -24.01 -25.43 2.82
C PHE A 266 -25.05 -25.26 1.73
N ALA A 267 -25.27 -24.03 1.28
CA ALA A 267 -26.16 -23.76 0.13
C ALA A 267 -25.41 -24.13 -1.13
N LYS A 268 -26.01 -24.96 -1.99
CA LYS A 268 -25.42 -25.23 -3.31
C LYS A 268 -25.84 -24.12 -4.25
N ILE A 269 -24.88 -23.46 -4.87
CA ILE A 269 -25.12 -22.39 -5.87
C ILE A 269 -25.00 -23.06 -7.23
N GLU A 270 -26.12 -23.19 -7.93
CA GLU A 270 -26.20 -24.07 -9.12
C GLU A 270 -26.90 -23.36 -10.28
N ASN A 271 -27.39 -22.15 -10.07
CA ASN A 271 -28.20 -21.46 -11.10
C ASN A 271 -28.10 -19.95 -10.96
N GLN A 272 -28.72 -19.21 -11.89
CA GLN A 272 -28.59 -17.74 -11.92
C GLN A 272 -29.24 -17.14 -10.68
N GLN A 273 -30.35 -17.69 -10.19
CA GLN A 273 -31.03 -17.09 -9.01
C GLN A 273 -30.08 -17.11 -7.81
N GLY A 274 -29.45 -18.26 -7.56
CA GLY A 274 -28.48 -18.43 -6.47
C GLY A 274 -27.33 -17.45 -6.61
N ILE A 275 -26.80 -17.27 -7.82
CA ILE A 275 -25.72 -16.26 -8.00
C ILE A 275 -26.28 -14.86 -7.69
N ASP A 276 -27.46 -14.53 -8.19
CA ASP A 276 -28.06 -13.18 -8.01
C ASP A 276 -28.27 -12.89 -6.52
N ASN A 277 -28.68 -13.89 -5.74
CA ASN A 277 -29.04 -13.73 -4.32
C ASN A 277 -27.89 -14.21 -3.41
N LEU A 278 -26.65 -14.28 -3.92
CA LEU A 278 -25.50 -14.89 -3.19
C LEU A 278 -25.32 -14.27 -1.80
N ASP A 279 -25.34 -12.95 -1.68
CA ASP A 279 -25.06 -12.28 -0.39
C ASP A 279 -26.08 -12.73 0.67
N GLU A 280 -27.38 -12.78 0.38
CA GLU A 280 -28.37 -13.14 1.42
C GLU A 280 -28.22 -14.64 1.72
N ILE A 281 -27.78 -15.42 0.74
CA ILE A 281 -27.65 -16.89 0.90
C ILE A 281 -26.44 -17.19 1.82
N ILE A 282 -25.31 -16.55 1.57
CA ILE A 282 -24.11 -16.64 2.46
C ILE A 282 -24.48 -16.24 3.89
N GLU A 283 -25.23 -15.15 4.09
CA GLU A 283 -25.69 -14.67 5.42
C GLU A 283 -26.47 -15.75 6.14
N ALA A 284 -27.40 -16.43 5.47
CA ALA A 284 -28.25 -17.44 6.10
C ALA A 284 -27.53 -18.78 6.32
N ALA A 285 -26.53 -19.10 5.51
CA ALA A 285 -25.91 -20.44 5.47
C ALA A 285 -24.62 -20.49 6.33
N ASP A 286 -24.09 -21.68 6.49
CA ASP A 286 -22.78 -21.91 7.16
C ASP A 286 -21.66 -22.02 6.16
N GLY A 287 -21.98 -21.93 4.88
CA GLY A 287 -21.02 -22.12 3.77
C GLY A 287 -21.72 -22.38 2.45
N ILE A 288 -20.93 -22.51 1.40
CA ILE A 288 -21.41 -22.62 0.00
C ILE A 288 -20.71 -23.80 -0.64
N MET A 289 -21.47 -24.60 -1.38
CA MET A 289 -20.91 -25.59 -2.32
C MET A 289 -21.12 -25.02 -3.72
N ILE A 290 -20.01 -24.85 -4.43
CA ILE A 290 -19.99 -24.36 -5.83
C ILE A 290 -20.23 -25.59 -6.70
N ALA A 291 -21.49 -25.75 -7.11
CA ALA A 291 -22.00 -26.95 -7.80
C ALA A 291 -21.81 -26.74 -9.31
N ARG A 292 -20.63 -27.01 -9.83
CA ARG A 292 -20.23 -26.56 -11.17
C ARG A 292 -20.93 -27.37 -12.26
N GLY A 293 -21.53 -28.50 -11.93
CA GLY A 293 -22.27 -29.35 -12.88
C GLY A 293 -23.51 -28.62 -13.39
N ASP A 294 -24.50 -28.45 -12.51
CA ASP A 294 -25.69 -27.62 -12.85
C ASP A 294 -25.24 -26.20 -13.14
N MET A 295 -24.26 -25.63 -12.42
CA MET A 295 -23.92 -24.21 -12.72
C MET A 295 -23.44 -24.06 -14.15
N GLY A 296 -22.60 -25.00 -14.63
CA GLY A 296 -22.02 -24.95 -15.99
C GLY A 296 -23.04 -25.14 -17.12
N ILE A 297 -24.24 -25.62 -16.79
CA ILE A 297 -25.39 -25.71 -17.75
C ILE A 297 -26.26 -24.46 -17.61
N GLU A 298 -26.49 -23.99 -16.38
CA GLU A 298 -27.43 -22.92 -16.00
C GLU A 298 -26.89 -21.52 -16.33
N VAL A 299 -25.56 -21.34 -16.41
CA VAL A 299 -24.91 -20.07 -16.87
C VAL A 299 -24.00 -20.37 -18.05
N PRO A 300 -23.51 -19.34 -18.77
CA PRO A 300 -22.62 -19.54 -19.91
C PRO A 300 -21.34 -20.26 -19.42
N PHE A 301 -20.83 -21.23 -20.19
N PHE A 301 -20.83 -21.23 -20.18
CA PHE A 301 -19.70 -22.14 -19.83
CA PHE A 301 -19.69 -22.11 -19.79
C PHE A 301 -18.47 -21.32 -19.40
C PHE A 301 -18.48 -21.28 -19.35
N GLU A 302 -18.14 -20.20 -20.07
CA GLU A 302 -16.93 -19.35 -19.80
C GLU A 302 -17.07 -18.45 -18.58
N MET A 303 -18.25 -18.36 -18.00
CA MET A 303 -18.47 -17.56 -16.78
C MET A 303 -18.21 -18.44 -15.55
N VAL A 304 -18.14 -19.76 -15.67
CA VAL A 304 -18.07 -20.60 -14.44
C VAL A 304 -16.83 -20.19 -13.62
N PRO A 305 -15.64 -20.02 -14.23
CA PRO A 305 -14.45 -19.60 -13.47
C PRO A 305 -14.60 -18.24 -12.77
N VAL A 306 -15.39 -17.33 -13.35
CA VAL A 306 -15.60 -15.98 -12.75
C VAL A 306 -16.37 -16.19 -11.47
N TYR A 307 -17.46 -16.95 -11.55
CA TYR A 307 -18.35 -17.19 -10.41
C TYR A 307 -17.62 -18.00 -9.34
N GLN A 308 -16.78 -18.94 -9.77
CA GLN A 308 -15.99 -19.75 -8.80
C GLN A 308 -15.11 -18.83 -7.93
N LYS A 309 -14.34 -17.95 -8.56
CA LYS A 309 -13.40 -17.06 -7.84
C LYS A 309 -14.18 -16.07 -6.97
N MET A 310 -15.26 -15.50 -7.49
CA MET A 310 -16.09 -14.51 -6.76
C MET A 310 -16.72 -15.17 -5.52
N ILE A 311 -17.26 -16.38 -5.66
CA ILE A 311 -17.91 -17.07 -4.52
C ILE A 311 -16.87 -17.43 -3.45
N ILE A 312 -15.72 -17.96 -3.84
CA ILE A 312 -14.67 -18.32 -2.85
C ILE A 312 -14.28 -17.04 -2.10
N LYS A 313 -14.11 -15.93 -2.78
CA LYS A 313 -13.68 -14.66 -2.12
C LYS A 313 -14.71 -14.23 -1.07
N LYS A 314 -16.00 -14.29 -1.38
CA LYS A 314 -17.08 -13.76 -0.51
C LYS A 314 -17.30 -14.71 0.67
N VAL A 315 -17.22 -16.03 0.47
CA VAL A 315 -17.46 -16.96 1.60
C VAL A 315 -16.28 -16.83 2.62
N ASN A 316 -15.07 -16.71 2.12
CA ASN A 316 -13.87 -16.54 2.99
C ASN A 316 -14.03 -15.25 3.79
N ALA A 317 -14.48 -14.18 3.15
CA ALA A 317 -14.66 -12.86 3.81
C ALA A 317 -15.72 -12.98 4.92
N ALA A 318 -16.64 -13.93 4.83
CA ALA A 318 -17.71 -14.14 5.83
C ALA A 318 -17.27 -15.11 6.93
N GLY A 319 -16.08 -15.69 6.82
CA GLY A 319 -15.57 -16.68 7.79
C GLY A 319 -16.33 -17.97 7.71
N LYS A 320 -16.77 -18.33 6.52
CA LYS A 320 -17.60 -19.55 6.30
C LYS A 320 -16.86 -20.48 5.33
N VAL A 321 -17.39 -21.67 5.14
CA VAL A 321 -16.74 -22.80 4.41
C VAL A 321 -17.18 -22.76 2.95
N VAL A 322 -16.23 -22.79 2.02
CA VAL A 322 -16.54 -22.98 0.58
C VAL A 322 -15.97 -24.30 0.10
N ILE A 323 -16.81 -25.08 -0.60
CA ILE A 323 -16.47 -26.37 -1.24
C ILE A 323 -16.52 -26.18 -2.75
N THR A 324 -15.41 -26.44 -3.47
CA THR A 324 -15.38 -26.36 -4.95
C THR A 324 -15.73 -27.76 -5.48
N ALA A 325 -16.81 -27.91 -6.29
CA ALA A 325 -17.38 -29.26 -6.52
C ALA A 325 -17.60 -29.53 -8.01
N THR A 326 -17.47 -30.82 -8.36
CA THR A 326 -18.03 -31.44 -9.60
C THR A 326 -17.04 -31.39 -10.77
N ASN A 327 -16.67 -32.57 -11.28
CA ASN A 327 -15.90 -32.77 -12.54
C ASN A 327 -14.44 -32.31 -12.35
N MET A 328 -13.97 -32.24 -11.11
CA MET A 328 -12.60 -31.76 -10.81
C MET A 328 -11.58 -32.75 -11.39
N LEU A 329 -11.83 -34.05 -11.24
CA LEU A 329 -10.93 -35.10 -11.80
C LEU A 329 -11.76 -36.09 -12.63
N GLU A 330 -12.66 -35.60 -13.47
CA GLU A 330 -13.72 -36.41 -14.14
C GLU A 330 -13.12 -37.62 -14.88
N THR A 331 -12.06 -37.42 -15.66
CA THR A 331 -11.48 -38.53 -16.48
C THR A 331 -11.12 -39.71 -15.55
N MET A 332 -10.90 -39.50 -14.25
CA MET A 332 -10.43 -40.61 -13.36
C MET A 332 -11.59 -41.53 -13.00
N THR A 333 -12.82 -41.21 -13.40
CA THR A 333 -13.95 -42.17 -13.34
C THR A 333 -13.56 -43.41 -14.16
N GLU A 334 -12.94 -43.22 -15.32
CA GLU A 334 -12.68 -44.35 -16.29
C GLU A 334 -11.19 -44.69 -16.41
N LYS A 335 -10.29 -43.75 -16.15
CA LYS A 335 -8.84 -43.89 -16.45
C LYS A 335 -8.04 -43.67 -15.18
N PRO A 336 -6.85 -44.31 -15.06
CA PRO A 336 -6.06 -44.28 -13.82
C PRO A 336 -5.28 -42.98 -13.60
N ARG A 337 -5.31 -42.05 -14.53
CA ARG A 337 -4.60 -40.76 -14.35
C ARG A 337 -5.52 -39.64 -14.85
N ALA A 338 -5.43 -38.49 -14.19
CA ALA A 338 -6.20 -37.25 -14.53
C ALA A 338 -5.60 -36.64 -15.78
N THR A 339 -6.27 -35.67 -16.40
CA THR A 339 -5.72 -34.87 -17.50
C THR A 339 -4.93 -33.71 -16.90
N ARG A 340 -4.12 -33.05 -17.73
CA ARG A 340 -3.37 -31.83 -17.34
C ARG A 340 -4.37 -30.73 -16.97
N SER A 341 -5.52 -30.63 -17.65
CA SER A 341 -6.55 -29.61 -17.36
C SER A 341 -7.14 -29.87 -15.96
N GLU A 342 -7.35 -31.12 -15.62
CA GLU A 342 -7.95 -31.52 -14.33
C GLU A 342 -6.97 -31.16 -13.21
N VAL A 343 -5.70 -31.45 -13.40
CA VAL A 343 -4.65 -31.07 -12.41
C VAL A 343 -4.69 -29.55 -12.21
N SER A 344 -4.73 -28.78 -13.30
CA SER A 344 -4.76 -27.31 -13.26
C SER A 344 -6.01 -26.86 -12.49
N ASP A 345 -7.14 -27.51 -12.75
CA ASP A 345 -8.45 -27.12 -12.19
C ASP A 345 -8.38 -27.27 -10.66
N VAL A 346 -7.91 -28.42 -10.18
CA VAL A 346 -7.89 -28.69 -8.73
C VAL A 346 -6.91 -27.68 -8.12
N PHE A 347 -5.74 -27.55 -8.73
CA PHE A 347 -4.65 -26.70 -8.21
C PHE A 347 -5.16 -25.27 -8.06
N ASN A 348 -5.86 -24.76 -9.08
CA ASN A 348 -6.30 -23.34 -9.11
C ASN A 348 -7.45 -23.13 -8.11
N ALA A 349 -8.25 -24.15 -7.79
CA ALA A 349 -9.33 -24.04 -6.79
C ALA A 349 -8.68 -23.74 -5.44
N VAL A 350 -7.53 -24.38 -5.21
CA VAL A 350 -6.74 -24.13 -3.98
C VAL A 350 -6.21 -22.70 -4.01
N ILE A 351 -5.57 -22.29 -5.09
CA ILE A 351 -4.99 -20.93 -5.18
C ILE A 351 -6.11 -19.90 -5.03
N ASP A 352 -7.30 -20.18 -5.58
CA ASP A 352 -8.48 -19.30 -5.44
C ASP A 352 -8.81 -19.08 -3.96
N GLY A 353 -8.55 -20.04 -3.07
CA GLY A 353 -8.85 -19.88 -1.64
C GLY A 353 -9.82 -20.90 -1.10
N THR A 354 -10.10 -21.97 -1.84
CA THR A 354 -11.18 -22.91 -1.46
C THR A 354 -10.79 -23.56 -0.12
N ASP A 355 -11.76 -23.76 0.77
CA ASP A 355 -11.59 -24.56 2.00
C ASP A 355 -11.46 -26.03 1.60
N ALA A 356 -12.24 -26.49 0.61
CA ALA A 356 -12.41 -27.93 0.32
C ALA A 356 -12.63 -28.13 -1.17
N THR A 357 -12.20 -29.30 -1.66
CA THR A 357 -12.37 -29.78 -3.04
C THR A 357 -13.15 -31.08 -2.98
N MET A 358 -13.97 -31.36 -3.99
CA MET A 358 -14.95 -32.48 -3.85
C MET A 358 -14.77 -33.44 -5.03
N LEU A 359 -15.00 -34.70 -4.75
CA LEU A 359 -15.15 -35.79 -5.74
C LEU A 359 -16.61 -36.26 -5.69
N SER A 360 -17.14 -36.56 -6.86
CA SER A 360 -18.53 -37.05 -7.03
C SER A 360 -18.45 -38.43 -7.70
N GLY A 361 -18.62 -38.52 -9.02
CA GLY A 361 -18.56 -39.83 -9.71
C GLY A 361 -17.21 -40.51 -9.55
N GLU A 362 -16.13 -39.75 -9.47
CA GLU A 362 -14.75 -40.30 -9.37
C GLU A 362 -14.66 -41.23 -8.17
N SER A 363 -15.25 -40.89 -7.03
CA SER A 363 -15.18 -41.74 -5.81
C SER A 363 -16.43 -42.61 -5.66
N ALA A 364 -17.58 -42.21 -6.23
CA ALA A 364 -18.86 -42.90 -5.95
C ALA A 364 -19.04 -44.07 -6.92
N ASN A 365 -18.65 -43.94 -8.17
CA ASN A 365 -18.98 -45.06 -9.09
C ASN A 365 -17.90 -45.23 -10.16
N GLY A 366 -16.73 -44.68 -9.95
CA GLY A 366 -15.61 -44.90 -10.85
C GLY A 366 -14.86 -46.18 -10.58
N LYS A 367 -13.92 -46.44 -11.48
CA LYS A 367 -12.99 -47.58 -11.45
C LYS A 367 -11.84 -47.30 -10.47
N TYR A 368 -11.54 -46.03 -10.13
CA TYR A 368 -10.35 -45.65 -9.33
C TYR A 368 -10.68 -44.71 -8.16
N PRO A 369 -11.55 -45.08 -7.21
CA PRO A 369 -11.91 -44.17 -6.12
C PRO A 369 -10.72 -43.79 -5.21
N LEU A 370 -9.95 -44.78 -4.76
CA LEU A 370 -8.79 -44.46 -3.87
C LEU A 370 -7.77 -43.61 -4.61
N GLU A 371 -7.43 -43.98 -5.85
CA GLU A 371 -6.47 -43.23 -6.69
C GLU A 371 -6.97 -41.79 -6.91
N SER A 372 -8.28 -41.58 -7.10
CA SER A 372 -8.83 -40.21 -7.24
C SER A 372 -8.61 -39.38 -5.95
N VAL A 373 -8.84 -39.97 -4.77
CA VAL A 373 -8.65 -39.24 -3.48
C VAL A 373 -7.14 -38.97 -3.34
N THR A 374 -6.31 -39.95 -3.71
CA THR A 374 -4.82 -39.78 -3.63
C THR A 374 -4.35 -38.66 -4.55
N THR A 375 -4.82 -38.61 -5.79
CA THR A 375 -4.41 -37.58 -6.78
C THR A 375 -4.88 -36.19 -6.30
N MET A 376 -6.14 -36.08 -5.84
CA MET A 376 -6.66 -34.81 -5.29
C MET A 376 -5.77 -34.32 -4.13
N ALA A 377 -5.45 -35.20 -3.19
CA ALA A 377 -4.63 -34.91 -2.01
C ALA A 377 -3.26 -34.38 -2.44
N THR A 378 -2.64 -35.04 -3.41
CA THR A 378 -1.30 -34.68 -3.93
C THR A 378 -1.37 -33.28 -4.55
N ILE A 379 -2.36 -33.01 -5.39
CA ILE A 379 -2.51 -31.67 -5.99
C ILE A 379 -2.76 -30.66 -4.88
N ASP A 380 -3.69 -30.94 -3.99
CA ASP A 380 -4.06 -29.96 -2.93
C ASP A 380 -2.78 -29.63 -2.11
N LYS A 381 -1.99 -30.64 -1.76
CA LYS A 381 -0.74 -30.47 -0.96
C LYS A 381 0.27 -29.63 -1.75
N ASN A 382 0.47 -29.90 -3.05
CA ASN A 382 1.45 -29.15 -3.88
C ASN A 382 1.01 -27.69 -3.92
N ALA A 383 -0.30 -27.44 -3.99
CA ALA A 383 -0.81 -26.09 -4.23
C ALA A 383 -0.70 -25.26 -2.95
N GLN A 384 -0.88 -25.86 -1.78
CA GLN A 384 -0.90 -25.07 -0.51
C GLN A 384 0.51 -24.47 -0.35
N ALA A 385 1.51 -25.10 -0.97
CA ALA A 385 2.91 -24.63 -0.88
C ALA A 385 3.02 -23.28 -1.57
N LEU A 386 2.13 -22.94 -2.51
CA LEU A 386 2.19 -21.66 -3.29
C LEU A 386 1.23 -20.60 -2.77
N LEU A 387 0.48 -20.87 -1.70
CA LEU A 387 -0.54 -19.91 -1.20
C LEU A 387 0.15 -18.63 -0.68
N ASN A 388 1.26 -18.74 0.03
CA ASN A 388 1.96 -17.52 0.52
C ASN A 388 2.23 -16.59 -0.65
N GLU A 389 2.77 -17.11 -1.76
CA GLU A 389 3.14 -16.28 -2.93
C GLU A 389 1.95 -15.99 -3.87
N TYR A 390 1.10 -16.97 -4.20
CA TYR A 390 0.14 -16.82 -5.34
C TYR A 390 -1.31 -16.75 -4.88
N GLY A 391 -1.61 -17.08 -3.62
CA GLY A 391 -2.97 -17.05 -3.04
C GLY A 391 -3.73 -15.80 -3.45
N ARG A 392 -4.98 -15.95 -3.94
CA ARG A 392 -5.83 -14.84 -4.43
C ARG A 392 -6.62 -14.21 -3.28
N LEU A 393 -6.82 -14.93 -2.19
CA LEU A 393 -7.44 -14.38 -0.96
C LEU A 393 -6.52 -13.29 -0.41
N ASP A 394 -7.13 -12.30 0.25
CA ASP A 394 -6.44 -11.10 0.79
C ASP A 394 -6.99 -10.78 2.17
N SER A 395 -6.44 -11.44 3.21
CA SER A 395 -6.87 -11.25 4.62
C SER A 395 -6.53 -9.82 5.09
N ASP A 396 -5.61 -9.12 4.42
CA ASP A 396 -5.22 -7.73 4.83
C ASP A 396 -6.43 -6.81 4.66
N SER A 397 -7.33 -7.16 3.73
CA SER A 397 -8.51 -6.34 3.38
C SER A 397 -9.62 -6.45 4.43
N PHE A 398 -9.64 -7.50 5.27
CA PHE A 398 -10.80 -7.81 6.17
C PHE A 398 -10.90 -6.77 7.27
N GLU A 399 -12.10 -6.33 7.59
CA GLU A 399 -12.29 -5.52 8.81
C GLU A 399 -12.32 -6.50 10.01
N ARG A 400 -11.68 -6.09 11.10
CA ARG A 400 -11.61 -6.83 12.38
C ARG A 400 -12.70 -6.26 13.29
N ASN A 401 -13.85 -6.93 13.35
CA ASN A 401 -15.11 -6.43 14.00
C ASN A 401 -15.23 -6.96 15.44
N SER A 402 -14.21 -7.64 15.96
CA SER A 402 -14.27 -8.32 17.28
C SER A 402 -12.85 -8.64 17.77
N LYS A 403 -12.68 -8.83 19.05
CA LYS A 403 -11.33 -9.13 19.59
C LYS A 403 -10.84 -10.49 19.03
N THR A 404 -11.73 -11.45 18.74
CA THR A 404 -11.32 -12.79 18.24
C THR A 404 -10.83 -12.63 16.80
N GLU A 405 -11.44 -11.72 16.05
CA GLU A 405 -10.93 -11.36 14.71
C GLU A 405 -9.56 -10.67 14.81
N VAL A 406 -9.34 -9.76 15.76
CA VAL A 406 -8.00 -9.09 15.80
C VAL A 406 -6.97 -10.12 16.29
N MET A 407 -7.36 -11.03 17.20
CA MET A 407 -6.46 -12.14 17.65
C MET A 407 -6.16 -13.06 16.47
N ALA A 408 -7.13 -13.37 15.60
CA ALA A 408 -6.86 -14.29 14.46
C ALA A 408 -5.87 -13.61 13.52
N SER A 409 -6.02 -12.30 13.34
CA SER A 409 -5.15 -11.51 12.46
C SER A 409 -3.72 -11.55 13.03
N ALA A 410 -3.60 -11.40 14.34
CA ALA A 410 -2.32 -11.46 15.10
C ALA A 410 -1.68 -12.84 14.94
N VAL A 411 -2.47 -13.92 15.05
CA VAL A 411 -1.95 -15.31 14.87
C VAL A 411 -1.34 -15.38 13.48
N LYS A 412 -2.04 -14.87 12.47
CA LYS A 412 -1.56 -14.87 11.06
C LYS A 412 -0.19 -14.18 10.97
N ASP A 413 -0.08 -13.01 11.61
CA ASP A 413 1.12 -12.12 11.53
C ASP A 413 2.28 -12.87 12.19
N ALA A 414 2.02 -13.54 13.33
CA ALA A 414 3.05 -14.26 14.11
C ALA A 414 3.57 -15.46 13.29
N THR A 415 2.69 -16.12 12.52
CA THR A 415 3.07 -17.24 11.61
C THR A 415 3.84 -16.72 10.39
N SER A 416 3.65 -15.46 9.98
CA SER A 416 4.37 -14.85 8.83
C SER A 416 5.78 -14.39 9.26
N SER A 417 5.92 -13.94 10.50
CA SER A 417 7.15 -13.32 11.08
C SER A 417 8.09 -14.37 11.66
N MET A 418 7.56 -15.28 12.48
CA MET A 418 8.29 -16.41 13.04
C MET A 418 7.96 -17.65 12.20
N ASP A 419 8.83 -18.63 12.27
CA ASP A 419 8.58 -19.96 11.66
C ASP A 419 7.72 -20.68 12.72
N ILE A 420 6.41 -20.66 12.54
CA ILE A 420 5.49 -21.30 13.51
C ILE A 420 5.00 -22.59 12.85
N LYS A 421 5.25 -23.70 13.52
CA LYS A 421 4.98 -25.08 13.05
C LYS A 421 3.46 -25.30 13.09
N LEU A 422 2.79 -24.74 14.10
CA LEU A 422 1.40 -25.12 14.47
C LEU A 422 0.76 -24.01 15.30
N VAL A 423 -0.51 -23.74 15.03
CA VAL A 423 -1.43 -22.99 15.90
C VAL A 423 -2.31 -23.99 16.63
N VAL A 424 -2.46 -23.85 17.95
CA VAL A 424 -3.32 -24.74 18.76
C VAL A 424 -4.39 -23.87 19.39
N THR A 425 -5.66 -24.26 19.24
CA THR A 425 -6.74 -23.51 19.89
C THR A 425 -7.53 -24.49 20.70
N LEU A 426 -7.89 -24.09 21.91
CA LEU A 426 -8.92 -24.80 22.70
C LEU A 426 -10.23 -24.06 22.52
N THR A 427 -11.23 -24.78 21.99
CA THR A 427 -12.50 -24.17 21.50
C THR A 427 -13.66 -25.08 21.92
N LYS A 428 -14.64 -24.51 22.60
CA LYS A 428 -15.85 -25.23 23.05
C LYS A 428 -16.79 -25.41 21.85
N THR A 429 -16.93 -24.36 21.04
CA THR A 429 -17.92 -24.27 19.91
C THR A 429 -17.25 -24.31 18.54
N GLY A 430 -15.90 -24.26 18.42
CA GLY A 430 -15.17 -24.11 17.15
C GLY A 430 -14.95 -22.67 16.68
N HIS A 431 -15.53 -21.71 17.36
CA HIS A 431 -15.50 -20.28 16.95
C HIS A 431 -14.06 -19.80 16.75
N THR A 432 -13.14 -20.04 17.70
CA THR A 432 -11.72 -19.56 17.55
C THR A 432 -11.07 -20.20 16.32
N ALA A 433 -11.29 -21.50 16.12
CA ALA A 433 -10.73 -22.28 15.00
C ALA A 433 -11.21 -21.73 13.67
N ARG A 434 -12.50 -21.41 13.56
CA ARG A 434 -13.06 -20.84 12.32
C ARG A 434 -12.40 -19.50 11.97
N LEU A 435 -12.21 -18.65 12.96
CA LEU A 435 -11.65 -17.30 12.71
C LEU A 435 -10.16 -17.38 12.35
N ILE A 436 -9.42 -18.26 13.02
CA ILE A 436 -7.99 -18.50 12.69
C ILE A 436 -7.93 -19.06 11.26
N SER A 437 -8.78 -20.03 10.91
CA SER A 437 -8.85 -20.62 9.56
C SER A 437 -9.14 -19.55 8.52
N LYS A 438 -10.06 -18.64 8.82
CA LYS A 438 -10.44 -17.54 7.89
C LYS A 438 -9.17 -16.81 7.42
N TYR A 439 -8.20 -16.57 8.32
CA TYR A 439 -7.01 -15.74 8.00
C TYR A 439 -5.95 -16.56 7.24
N ARG A 440 -6.11 -17.88 7.13
CA ARG A 440 -5.24 -18.71 6.26
C ARG A 440 -3.80 -18.52 6.72
N PRO A 441 -3.49 -18.82 8.01
CA PRO A 441 -2.11 -18.78 8.52
C PRO A 441 -1.21 -19.83 7.85
N ASN A 442 0.08 -19.49 7.68
CA ASN A 442 1.06 -20.41 7.06
C ASN A 442 1.50 -21.38 8.16
N ALA A 443 0.54 -22.18 8.65
CA ALA A 443 0.64 -23.15 9.76
C ALA A 443 -0.63 -24.02 9.78
N ASP A 444 -0.52 -25.24 10.26
CA ASP A 444 -1.68 -26.13 10.49
C ASP A 444 -2.37 -25.62 11.76
N ILE A 445 -3.66 -25.90 11.93
CA ILE A 445 -4.46 -25.45 13.09
C ILE A 445 -5.00 -26.69 13.81
N LEU A 446 -4.39 -26.99 14.95
CA LEU A 446 -4.87 -28.06 15.85
C LEU A 446 -5.98 -27.45 16.69
N ALA A 447 -7.22 -27.93 16.50
CA ALA A 447 -8.39 -27.42 17.25
C ALA A 447 -8.77 -28.48 18.28
N LEU A 448 -8.44 -28.23 19.55
CA LEU A 448 -8.85 -29.12 20.67
C LEU A 448 -10.24 -28.73 21.12
N THR A 449 -11.21 -29.65 21.04
CA THR A 449 -12.59 -29.41 21.48
C THR A 449 -13.06 -30.57 22.35
N PHE A 450 -14.22 -30.45 22.95
CA PHE A 450 -14.62 -31.32 24.09
C PHE A 450 -15.87 -32.15 23.76
N ASP A 451 -16.34 -32.12 22.52
CA ASP A 451 -17.48 -32.97 22.09
C ASP A 451 -17.35 -33.33 20.61
N GLU A 452 -17.95 -34.43 20.23
CA GLU A 452 -17.80 -35.06 18.90
C GLU A 452 -18.60 -34.28 17.87
N LEU A 453 -19.65 -33.56 18.27
CA LEU A 453 -20.40 -32.69 17.32
C LEU A 453 -19.48 -31.55 16.85
N THR A 454 -18.81 -30.86 17.76
CA THR A 454 -17.90 -29.76 17.41
C THR A 454 -16.71 -30.30 16.64
N GLU A 455 -16.23 -31.48 17.01
CA GLU A 455 -15.05 -32.11 16.38
C GLU A 455 -15.32 -32.35 14.89
N ARG A 456 -16.39 -33.07 14.57
CA ARG A 456 -16.68 -33.48 13.17
C ARG A 456 -17.08 -32.22 12.39
N GLY A 457 -17.69 -31.28 13.09
CA GLY A 457 -18.20 -30.03 12.54
C GLY A 457 -17.09 -29.12 12.06
N LEU A 458 -15.81 -29.37 12.44
CA LEU A 458 -14.69 -28.53 11.94
C LEU A 458 -13.94 -29.17 10.77
N MET A 459 -14.36 -30.32 10.28
CA MET A 459 -13.52 -31.12 9.37
C MET A 459 -13.42 -30.51 7.97
N LEU A 460 -14.28 -29.55 7.58
CA LEU A 460 -14.16 -28.87 6.27
C LEU A 460 -13.60 -27.45 6.37
N ASN A 461 -13.11 -27.00 7.51
CA ASN A 461 -12.39 -25.69 7.59
C ASN A 461 -10.93 -25.85 7.19
N TRP A 462 -10.49 -24.98 6.31
CA TRP A 462 -9.11 -24.95 5.78
C TRP A 462 -8.16 -25.08 6.96
N GLY A 463 -7.23 -26.03 6.88
CA GLY A 463 -6.07 -26.07 7.80
C GLY A 463 -6.40 -26.68 9.14
N VAL A 464 -7.69 -26.88 9.46
CA VAL A 464 -8.08 -27.32 10.83
C VAL A 464 -7.94 -28.84 10.98
N ILE A 465 -7.21 -29.23 12.03
CA ILE A 465 -7.08 -30.64 12.50
C ILE A 465 -7.87 -30.70 13.81
N PRO A 466 -9.12 -31.21 13.83
CA PRO A 466 -9.89 -31.29 15.06
C PRO A 466 -9.41 -32.49 15.89
N MET A 467 -9.46 -32.36 17.21
CA MET A 467 -9.07 -33.45 18.13
C MET A 467 -9.89 -33.36 19.42
N LEU A 468 -10.46 -34.47 19.85
CA LEU A 468 -11.33 -34.50 21.06
C LEU A 468 -10.41 -34.52 22.28
N THR A 469 -10.76 -33.78 23.33
CA THR A 469 -10.06 -33.83 24.65
C THR A 469 -11.03 -33.55 25.80
N ASP A 470 -10.57 -33.74 27.04
CA ASP A 470 -11.34 -33.34 28.25
C ASP A 470 -11.23 -31.82 28.39
N ALA A 471 -12.29 -31.13 28.81
CA ALA A 471 -12.24 -29.67 29.07
C ALA A 471 -11.20 -29.41 30.17
N PRO A 472 -10.34 -28.38 30.04
CA PRO A 472 -9.34 -28.08 31.07
C PRO A 472 -10.05 -27.52 32.32
N SER A 473 -9.38 -27.55 33.49
CA SER A 473 -9.88 -27.02 34.80
C SER A 473 -9.43 -25.57 35.04
N SER A 474 -8.21 -25.19 34.60
CA SER A 474 -7.61 -23.83 34.79
C SER A 474 -6.99 -23.33 33.47
N THR A 475 -6.40 -22.12 33.48
CA THR A 475 -5.72 -21.50 32.30
C THR A 475 -4.37 -22.18 32.05
N ASP A 476 -3.50 -22.24 33.07
CA ASP A 476 -2.13 -22.81 33.01
C ASP A 476 -2.21 -24.27 32.56
N ASP A 477 -3.20 -25.01 33.08
CA ASP A 477 -3.64 -26.35 32.63
C ASP A 477 -3.78 -26.31 31.09
N MET A 478 -4.45 -25.29 30.57
CA MET A 478 -4.87 -25.15 29.15
C MET A 478 -3.65 -25.08 28.23
N PHE A 479 -2.59 -24.34 28.59
CA PHE A 479 -1.36 -24.22 27.75
C PHE A 479 -0.55 -25.53 27.75
N GLU A 480 -0.60 -26.27 28.85
CA GLU A 480 0.07 -27.58 29.04
C GLU A 480 -0.65 -28.63 28.18
N ILE A 481 -1.96 -28.69 28.31
CA ILE A 481 -2.85 -29.56 27.48
C ILE A 481 -2.50 -29.32 26.01
N ALA A 482 -2.49 -28.05 25.60
CA ALA A 482 -2.27 -27.63 24.19
C ALA A 482 -0.93 -28.18 23.69
N GLU A 483 0.13 -28.08 24.47
CA GLU A 483 1.48 -28.52 24.05
C GLU A 483 1.52 -30.05 24.09
N ARG A 484 0.96 -30.68 25.12
CA ARG A 484 1.04 -32.14 25.31
C ARG A 484 0.32 -32.82 24.13
N LYS A 485 -0.89 -32.34 23.78
CA LYS A 485 -1.76 -32.97 22.74
C LYS A 485 -1.07 -32.82 21.39
N ALA A 486 -0.46 -31.67 21.13
CA ALA A 486 0.29 -31.41 19.89
C ALA A 486 1.45 -32.40 19.80
N VAL A 487 2.14 -32.65 20.91
CA VAL A 487 3.31 -33.57 20.97
C VAL A 487 2.81 -35.00 20.76
N GLU A 488 1.80 -35.44 21.52
CA GLU A 488 1.18 -36.79 21.43
C GLU A 488 0.73 -37.12 20.00
N ALA A 489 0.34 -36.11 19.22
CA ALA A 489 -0.24 -36.24 17.86
C ALA A 489 0.86 -36.25 16.80
N GLY A 490 2.11 -35.98 17.20
CA GLY A 490 3.27 -35.96 16.28
C GLY A 490 3.27 -34.74 15.39
N LEU A 491 2.61 -33.64 15.79
CA LEU A 491 2.52 -32.40 14.95
C LEU A 491 3.77 -31.53 15.20
N VAL A 492 4.36 -31.64 16.40
CA VAL A 492 5.50 -30.78 16.85
C VAL A 492 6.46 -31.64 17.68
N GLU A 493 7.74 -31.25 17.71
CA GLU A 493 8.81 -31.91 18.53
C GLU A 493 9.58 -30.85 19.31
N SER A 494 10.32 -31.28 20.35
CA SER A 494 11.10 -30.38 21.25
C SER A 494 11.78 -29.30 20.41
N GLY A 495 11.69 -28.03 20.82
CA GLY A 495 12.39 -26.95 20.10
C GLY A 495 11.52 -26.29 19.05
N ASP A 496 10.37 -26.87 18.71
CA ASP A 496 9.41 -26.22 17.78
C ASP A 496 8.68 -25.12 18.55
N ASP A 497 8.46 -23.97 17.89
CA ASP A 497 7.59 -22.87 18.38
C ASP A 497 6.13 -23.12 17.94
N ILE A 498 5.18 -23.04 18.85
CA ILE A 498 3.72 -23.04 18.54
C ILE A 498 3.06 -21.75 19.05
N VAL A 499 1.91 -21.39 18.47
CA VAL A 499 1.03 -20.29 18.97
C VAL A 499 -0.18 -20.96 19.58
N ILE A 500 -0.47 -20.71 20.87
CA ILE A 500 -1.68 -21.22 21.56
C ILE A 500 -2.69 -20.08 21.74
N VAL A 501 -3.94 -20.33 21.36
CA VAL A 501 -5.02 -19.33 21.37
C VAL A 501 -6.21 -19.97 22.03
N ALA A 502 -6.76 -19.29 23.01
CA ALA A 502 -7.99 -19.70 23.71
C ALA A 502 -8.71 -18.47 24.23
N GLY A 503 -10.01 -18.63 24.50
CA GLY A 503 -10.73 -17.76 25.43
C GLY A 503 -10.23 -18.01 26.83
N VAL A 504 -10.39 -17.03 27.71
CA VAL A 504 -10.12 -17.18 29.17
C VAL A 504 -11.42 -16.84 29.89
N PRO A 505 -12.09 -17.83 30.51
CA PRO A 505 -11.75 -19.24 30.35
C PRO A 505 -12.21 -19.80 28.98
N VAL A 506 -11.95 -21.08 28.70
CA VAL A 506 -12.23 -21.70 27.37
C VAL A 506 -13.72 -21.56 27.06
N GLY A 507 -14.05 -21.10 25.86
CA GLY A 507 -15.44 -20.82 25.44
C GLY A 507 -15.83 -19.36 25.55
N GLU A 508 -15.01 -18.50 26.18
CA GLU A 508 -15.40 -17.08 26.46
C GLU A 508 -14.54 -16.11 25.64
N ALA A 509 -14.00 -16.57 24.50
CA ALA A 509 -13.06 -15.77 23.67
C ALA A 509 -13.71 -14.44 23.25
N VAL A 510 -15.05 -14.35 23.25
CA VAL A 510 -15.75 -13.06 22.90
C VAL A 510 -15.50 -11.99 23.98
N ARG A 511 -15.39 -12.37 25.26
CA ARG A 511 -15.14 -11.46 26.42
C ARG A 511 -13.62 -11.24 26.66
N THR A 512 -12.85 -12.33 26.65
CA THR A 512 -11.39 -12.33 26.99
C THR A 512 -10.72 -13.43 26.18
N ASN A 513 -9.68 -13.10 25.43
CA ASN A 513 -8.92 -14.11 24.67
C ASN A 513 -7.44 -13.89 24.95
N THR A 514 -6.67 -14.92 24.65
CA THR A 514 -5.21 -14.98 24.92
C THR A 514 -4.53 -15.69 23.77
N MET A 515 -3.33 -15.21 23.49
CA MET A 515 -2.37 -15.80 22.55
C MET A 515 -1.03 -15.95 23.26
N ARG A 516 -0.50 -17.17 23.30
CA ARG A 516 0.85 -17.42 23.82
C ARG A 516 1.73 -18.04 22.74
N ILE A 517 3.00 -17.65 22.73
CA ILE A 517 4.04 -18.26 21.86
C ILE A 517 4.92 -19.11 22.78
N ARG A 518 4.97 -20.42 22.52
CA ARG A 518 5.50 -21.42 23.46
C ARG A 518 6.54 -22.22 22.67
N THR A 519 7.72 -22.47 23.26
CA THR A 519 8.72 -23.40 22.67
C THR A 519 8.41 -24.75 23.27
N VAL A 520 8.32 -25.78 22.43
CA VAL A 520 7.98 -27.13 22.93
C VAL A 520 9.22 -27.69 23.61
N ARG A 521 9.05 -28.19 24.84
CA ARG A 521 10.10 -28.79 25.71
C ARG A 521 10.27 -30.27 25.34
N MET B 21 -8.01 11.67 29.13
CA MET B 21 -6.96 11.64 28.05
C MET B 21 -5.59 11.98 28.65
N ASN B 22 -4.64 11.05 28.51
CA ASN B 22 -3.32 11.09 29.18
C ASN B 22 -2.30 11.62 28.16
N LYS B 23 -1.35 12.44 28.62
CA LYS B 23 -0.31 13.01 27.74
C LYS B 23 0.72 11.90 27.47
N ARG B 24 0.97 11.57 26.22
CA ARG B 24 1.91 10.49 25.87
C ARG B 24 3.36 11.01 25.75
N VAL B 25 3.55 12.25 25.31
CA VAL B 25 4.92 12.83 25.15
C VAL B 25 5.37 13.27 26.54
N LYS B 26 6.60 12.92 26.87
CA LYS B 26 7.15 13.19 28.22
C LYS B 26 7.69 14.62 28.29
N ILE B 27 7.62 15.25 29.46
CA ILE B 27 8.16 16.60 29.68
C ILE B 27 9.33 16.47 30.67
N VAL B 28 10.47 16.95 30.25
CA VAL B 28 11.64 17.19 31.14
C VAL B 28 11.62 18.68 31.53
N ALA B 29 11.48 18.98 32.81
CA ALA B 29 11.52 20.36 33.34
C ALA B 29 12.81 20.56 34.16
N THR B 30 13.56 21.58 33.83
CA THR B 30 14.76 21.96 34.61
C THR B 30 14.34 22.67 35.88
N LEU B 31 14.89 22.24 37.02
CA LEU B 31 14.57 22.88 38.31
C LEU B 31 15.61 23.95 38.57
N GLY B 32 15.21 24.95 39.31
CA GLY B 32 16.10 26.02 39.73
C GLY B 32 15.36 26.87 40.73
N PRO B 33 15.86 28.10 40.97
CA PRO B 33 15.29 28.94 42.03
C PRO B 33 13.87 29.46 41.73
N ALA B 34 13.42 29.38 40.47
CA ALA B 34 12.11 29.97 40.08
C ALA B 34 10.95 29.39 40.88
N VAL B 35 11.02 28.13 41.31
CA VAL B 35 9.94 27.49 42.13
C VAL B 35 10.26 27.52 43.64
N GLU B 36 11.47 27.97 44.00
CA GLU B 36 11.98 27.87 45.39
C GLU B 36 11.64 29.14 46.18
N ILE B 37 11.05 28.91 47.34
CA ILE B 37 10.68 29.95 48.32
C ILE B 37 11.76 29.93 49.39
N ARG B 38 12.34 31.09 49.69
CA ARG B 38 13.33 31.25 50.78
C ARG B 38 12.79 32.23 51.82
N GLY B 39 12.58 31.76 53.06
CA GLY B 39 11.95 32.55 54.14
C GLY B 39 10.85 33.42 53.58
N GLY B 40 9.85 32.78 52.94
CA GLY B 40 8.64 33.45 52.42
C GLY B 40 8.91 34.29 51.18
N LYS B 41 10.15 34.39 50.70
CA LYS B 41 10.51 35.26 49.55
C LYS B 41 10.54 34.44 48.26
N LYS B 42 10.18 35.08 47.13
CA LYS B 42 10.22 34.49 45.76
C LYS B 42 11.52 34.93 45.09
N PHE B 43 12.03 34.11 44.18
CA PHE B 43 13.22 34.43 43.36
C PHE B 43 13.08 35.80 42.74
N GLY B 44 14.13 36.62 42.86
CA GLY B 44 14.20 37.96 42.26
C GLY B 44 13.84 39.05 43.26
N GLU B 45 13.18 38.71 44.37
CA GLU B 45 12.80 39.61 45.50
C GLU B 45 14.07 40.07 46.24
N ASP B 46 14.00 41.17 46.99
CA ASP B 46 15.17 41.67 47.76
C ASP B 46 15.45 40.71 48.93
N GLY B 47 16.72 40.38 49.15
CA GLY B 47 17.20 39.51 50.25
C GLY B 47 16.83 38.05 50.06
N TYR B 48 16.31 37.63 48.90
CA TYR B 48 16.02 36.21 48.58
C TYR B 48 17.18 35.30 49.02
N TRP B 49 18.35 35.53 48.45
CA TRP B 49 19.55 34.68 48.68
C TRP B 49 20.02 34.79 50.13
N GLY B 50 19.48 35.75 50.89
CA GLY B 50 19.77 35.94 52.31
C GLY B 50 19.00 34.96 53.17
N GLU B 51 17.87 34.46 52.68
CA GLU B 51 17.00 33.56 53.49
C GLU B 51 17.44 32.12 53.26
N LYS B 52 17.03 31.24 54.16
CA LYS B 52 17.22 29.79 54.01
C LYS B 52 16.09 29.28 53.12
N LEU B 53 16.32 28.12 52.51
CA LEU B 53 15.35 27.43 51.62
C LEU B 53 14.18 26.97 52.47
N ASP B 54 12.95 27.35 52.08
CA ASP B 54 11.67 26.85 52.64
C ASP B 54 11.33 25.54 51.90
N VAL B 55 11.66 24.39 52.49
CA VAL B 55 11.66 23.09 51.79
C VAL B 55 10.21 22.67 51.50
N GLU B 56 9.30 22.82 52.46
CA GLU B 56 7.90 22.40 52.29
C GLU B 56 7.22 23.29 51.25
N ALA B 57 7.39 24.62 51.33
CA ALA B 57 6.77 25.60 50.42
C ALA B 57 7.33 25.39 49.01
N SER B 58 8.62 25.06 48.87
CA SER B 58 9.29 24.76 47.57
C SER B 58 8.77 23.43 47.00
N ALA B 59 8.66 22.38 47.81
CA ALA B 59 8.08 21.09 47.40
C ALA B 59 6.63 21.26 46.92
N LYS B 60 5.84 22.16 47.53
CA LYS B 60 4.43 22.40 47.08
C LYS B 60 4.45 22.96 45.66
N ASN B 61 5.34 23.91 45.35
CA ASN B 61 5.50 24.48 43.97
C ASN B 61 5.93 23.37 43.00
N ILE B 62 6.90 22.52 43.38
CA ILE B 62 7.36 21.40 42.50
C ILE B 62 6.24 20.38 42.25
N ALA B 63 5.47 20.01 43.27
CA ALA B 63 4.30 19.14 43.10
C ALA B 63 3.34 19.72 42.06
N LYS B 64 3.12 21.02 41.98
CA LYS B 64 2.22 21.64 40.96
C LYS B 64 2.81 21.40 39.56
N LEU B 65 4.14 21.41 39.42
CA LEU B 65 4.79 21.08 38.11
C LEU B 65 4.51 19.64 37.74
N ILE B 66 4.63 18.70 38.69
CA ILE B 66 4.38 17.26 38.45
C ILE B 66 2.91 17.13 38.01
N GLU B 67 1.99 17.77 38.72
CA GLU B 67 0.53 17.61 38.40
C GLU B 67 0.28 18.16 37.01
N ALA B 68 1.00 19.19 36.58
CA ALA B 68 0.80 19.84 35.27
C ALA B 68 1.42 19.01 34.14
N GLY B 69 2.21 17.98 34.44
CA GLY B 69 2.71 17.04 33.41
C GLY B 69 4.23 16.92 33.31
N ALA B 70 5.03 17.47 34.23
CA ALA B 70 6.49 17.14 34.27
C ALA B 70 6.69 15.66 34.60
N ASN B 71 7.49 14.95 33.81
CA ASN B 71 7.68 13.50 34.00
C ASN B 71 9.09 13.21 34.54
N THR B 72 10.00 14.18 34.41
CA THR B 72 11.42 14.06 34.83
C THR B 72 11.92 15.47 35.10
N PHE B 73 12.70 15.67 36.16
CA PHE B 73 13.33 16.96 36.44
C PHE B 73 14.81 16.86 36.04
N ARG B 74 15.27 17.92 35.40
CA ARG B 74 16.67 18.08 34.97
C ARG B 74 17.36 18.90 36.04
N PHE B 75 18.49 18.39 36.50
CA PHE B 75 19.40 19.07 37.45
C PHE B 75 20.62 19.48 36.61
N ASN B 76 20.73 20.74 36.28
CA ASN B 76 21.75 21.29 35.36
C ASN B 76 23.03 21.61 36.16
N PHE B 77 24.02 20.75 36.08
CA PHE B 77 25.25 20.91 36.92
C PHE B 77 26.15 21.98 36.32
N SER B 78 25.70 22.66 35.28
CA SER B 78 26.42 23.86 34.75
C SER B 78 26.38 24.97 35.81
N HIS B 79 25.43 24.96 36.74
CA HIS B 79 25.20 26.05 37.72
C HIS B 79 24.96 25.43 39.10
N GLY B 80 25.28 26.18 40.16
CA GLY B 80 24.96 25.75 41.52
C GLY B 80 26.13 24.97 42.10
N ASP B 81 26.00 24.49 43.31
CA ASP B 81 27.01 23.60 43.91
C ASP B 81 26.34 22.28 44.19
N HIS B 82 27.12 21.28 44.60
CA HIS B 82 26.58 19.93 44.91
C HIS B 82 25.53 20.03 46.03
N GLN B 83 25.72 20.92 47.00
CA GLN B 83 24.79 20.97 48.16
C GLN B 83 23.41 21.41 47.64
N GLU B 84 23.39 22.42 46.80
CA GLU B 84 22.14 22.94 46.19
C GLU B 84 21.48 21.81 45.40
N GLN B 85 22.25 21.02 44.65
CA GLN B 85 21.72 19.93 43.79
C GLN B 85 21.15 18.84 44.69
N GLY B 86 21.88 18.38 45.70
CA GLY B 86 21.41 17.34 46.61
C GLY B 86 20.15 17.76 47.34
N GLU B 87 20.12 19.00 47.82
CA GLU B 87 18.94 19.61 48.50
C GLU B 87 17.75 19.60 47.53
N ARG B 88 17.98 20.05 46.30
CA ARG B 88 16.91 20.12 45.27
C ARG B 88 16.36 18.71 45.02
N MET B 89 17.23 17.72 44.93
CA MET B 89 16.79 16.32 44.69
C MET B 89 15.96 15.87 45.89
N ALA B 90 16.35 16.20 47.12
CA ALA B 90 15.54 15.86 48.31
C ALA B 90 14.20 16.62 48.26
N THR B 91 14.16 17.86 47.78
CA THR B 91 12.90 18.64 47.71
C THR B 91 11.92 17.94 46.73
N VAL B 92 12.46 17.39 45.63
CA VAL B 92 11.67 16.64 44.62
C VAL B 92 11.04 15.40 45.26
N LYS B 93 11.79 14.61 46.04
CA LYS B 93 11.23 13.38 46.66
C LYS B 93 10.03 13.74 47.55
N LEU B 94 10.07 14.89 48.24
CA LEU B 94 8.95 15.43 49.05
C LEU B 94 7.79 15.84 48.13
N ALA B 95 8.10 16.46 47.00
CA ALA B 95 7.07 16.87 46.02
C ALA B 95 6.34 15.66 45.44
N GLU B 96 7.02 14.55 45.21
CA GLU B 96 6.43 13.28 44.69
C GLU B 96 5.37 12.78 45.69
N LYS B 97 5.62 12.86 46.99
CA LYS B 97 4.61 12.44 48.01
C LYS B 97 3.41 13.41 47.97
N ILE B 98 3.63 14.72 47.77
CA ILE B 98 2.56 15.75 47.68
C ILE B 98 1.71 15.48 46.44
N ALA B 99 2.31 15.15 45.29
CA ALA B 99 1.55 14.99 44.04
C ALA B 99 0.95 13.59 43.98
N GLY B 100 1.49 12.64 44.75
CA GLY B 100 1.22 11.19 44.63
C GLY B 100 1.66 10.63 43.30
N LYS B 101 2.78 11.12 42.76
CA LYS B 101 3.28 10.70 41.43
C LYS B 101 4.81 10.86 41.41
N LYS B 102 5.51 9.82 40.97
CA LYS B 102 6.99 9.83 40.89
C LYS B 102 7.41 10.42 39.54
N VAL B 103 8.65 10.92 39.50
CA VAL B 103 9.29 11.44 38.28
C VAL B 103 10.70 10.85 38.18
N GLY B 104 11.28 10.98 37.01
CA GLY B 104 12.67 10.64 36.74
C GLY B 104 13.61 11.78 37.13
N PHE B 105 14.86 11.45 37.44
CA PHE B 105 15.91 12.42 37.88
C PHE B 105 17.01 12.37 36.82
N LEU B 106 17.25 13.50 36.15
CA LEU B 106 18.23 13.56 35.03
C LEU B 106 19.28 14.57 35.46
N LEU B 107 20.55 14.18 35.35
CA LEU B 107 21.71 15.09 35.56
C LEU B 107 22.18 15.55 34.19
N ASP B 108 22.35 16.84 34.01
CA ASP B 108 22.95 17.41 32.79
C ASP B 108 24.36 17.96 33.10
N THR B 109 25.36 17.51 32.38
CA THR B 109 26.79 17.84 32.64
C THR B 109 27.10 19.24 32.11
N LYS B 110 28.10 19.87 32.70
CA LYS B 110 28.59 21.21 32.27
C LYS B 110 29.32 21.03 30.93
N GLY B 111 30.23 20.08 30.85
CA GLY B 111 31.02 19.84 29.65
C GLY B 111 31.99 21.00 29.44
N PRO B 112 32.67 21.03 28.27
CA PRO B 112 33.68 22.04 27.98
C PRO B 112 33.07 23.39 27.56
N GLU B 113 33.61 24.47 28.10
CA GLU B 113 33.12 25.82 27.77
C GLU B 113 34.31 26.68 27.34
N ILE B 114 34.03 27.64 26.47
CA ILE B 114 34.94 28.77 26.21
C ILE B 114 34.13 30.05 26.48
N ARG B 115 34.69 30.96 27.27
CA ARG B 115 34.00 32.20 27.69
C ARG B 115 34.92 33.37 27.36
N THR B 116 34.37 34.52 26.97
CA THR B 116 35.18 35.76 26.82
C THR B 116 35.66 36.21 28.19
N GLU B 117 36.89 36.72 28.23
CA GLU B 117 37.44 37.25 29.51
C GLU B 117 36.76 38.56 29.92
N LEU B 118 37.03 38.96 31.16
CA LEU B 118 36.92 40.36 31.68
C LEU B 118 37.79 41.26 30.83
N PHE B 119 37.41 42.53 30.67
CA PHE B 119 38.23 43.55 29.98
C PHE B 119 38.98 44.35 31.03
N GLU B 120 40.11 44.96 30.67
CA GLU B 120 40.84 45.94 31.52
C GLU B 120 39.98 47.21 31.60
N GLY B 121 40.05 47.93 32.72
CA GLY B 121 39.17 49.08 33.05
C GLY B 121 37.84 48.61 33.60
N GLU B 122 37.68 47.29 33.73
CA GLU B 122 36.37 46.60 33.90
C GLU B 122 35.30 47.26 33.01
N ALA B 123 35.58 47.42 31.72
CA ALA B 123 34.54 47.69 30.69
C ALA B 123 33.67 46.44 30.58
N LYS B 124 32.35 46.60 30.50
CA LYS B 124 31.39 45.49 30.37
C LYS B 124 31.50 44.89 28.97
N GLU B 125 31.63 45.74 27.94
CA GLU B 125 31.47 45.31 26.53
C GLU B 125 31.98 46.40 25.58
N TYR B 126 32.16 46.04 24.31
CA TYR B 126 32.43 46.96 23.18
C TYR B 126 31.53 46.59 21.99
N SER B 127 31.07 47.61 21.27
CA SER B 127 30.32 47.50 19.98
C SER B 127 31.33 47.51 18.83
N TYR B 128 31.11 46.66 17.82
CA TYR B 128 31.95 46.50 16.62
C TYR B 128 31.07 46.66 15.36
N LYS B 129 31.72 46.89 14.21
CA LYS B 129 31.05 47.06 12.90
C LYS B 129 31.72 46.11 11.92
N THR B 130 30.98 45.62 10.93
CA THR B 130 31.49 44.71 9.87
C THR B 130 32.83 45.25 9.36
N GLY B 131 33.72 44.36 8.90
CA GLY B 131 35.01 44.72 8.27
C GLY B 131 36.12 45.11 9.24
N GLU B 132 35.81 45.61 10.46
CA GLU B 132 36.81 45.90 11.52
C GLU B 132 37.77 44.71 11.67
N LYS B 133 39.08 44.96 11.78
CA LYS B 133 40.11 43.90 12.00
C LYS B 133 40.60 43.95 13.45
N ILE B 134 40.43 42.83 14.19
CA ILE B 134 40.81 42.77 15.64
C ILE B 134 41.55 41.45 15.89
N ARG B 135 41.86 41.17 17.16
CA ARG B 135 42.68 39.99 17.49
C ARG B 135 41.96 39.16 18.57
N VAL B 136 42.15 37.85 18.50
CA VAL B 136 41.71 36.92 19.59
C VAL B 136 42.96 36.22 20.16
N ALA B 137 43.21 36.41 21.45
CA ALA B 137 44.38 35.84 22.16
C ALA B 137 44.05 34.43 22.64
N THR B 138 44.98 33.51 22.50
CA THR B 138 44.91 32.13 23.04
C THR B 138 45.59 32.06 24.43
N LYS B 139 46.43 33.02 24.82
CA LYS B 139 47.14 32.95 26.14
C LYS B 139 46.13 33.00 27.30
N GLN B 140 46.25 32.07 28.26
CA GLN B 140 45.27 31.97 29.38
C GLN B 140 45.73 32.85 30.54
N GLY B 141 44.80 33.46 31.26
CA GLY B 141 45.09 34.24 32.49
C GLY B 141 45.36 35.69 32.18
N ILE B 142 44.89 36.19 31.04
CA ILE B 142 45.02 37.63 30.73
C ILE B 142 43.63 38.21 30.54
N LYS B 143 43.57 39.53 30.45
CA LYS B 143 42.31 40.28 30.28
C LYS B 143 42.18 40.72 28.83
N SER B 144 40.94 40.95 28.43
CA SER B 144 40.54 41.45 27.08
C SER B 144 40.76 42.98 27.05
N THR B 145 41.08 43.50 25.86
CA THR B 145 40.95 44.93 25.47
C THR B 145 39.96 44.99 24.29
N ARG B 146 39.54 46.17 23.86
CA ARG B 146 38.71 46.28 22.63
C ARG B 146 39.43 45.57 21.48
N GLU B 147 40.74 45.79 21.30
CA GLU B 147 41.48 45.38 20.07
C GLU B 147 41.89 43.91 20.17
N VAL B 148 42.03 43.35 21.38
CA VAL B 148 42.50 41.94 21.54
C VAL B 148 41.59 41.23 22.55
N ILE B 149 40.83 40.24 22.08
CA ILE B 149 39.83 39.54 22.91
C ILE B 149 40.50 38.31 23.51
N ALA B 150 40.41 38.18 24.82
CA ALA B 150 40.99 37.05 25.59
C ALA B 150 39.88 36.04 25.91
N LEU B 151 40.27 34.77 25.95
CA LEU B 151 39.36 33.62 26.17
C LEU B 151 39.73 32.90 27.47
N ASN B 152 38.71 32.49 28.21
CA ASN B 152 38.83 31.48 29.29
C ASN B 152 38.41 30.14 28.67
N VAL B 153 39.37 29.30 28.31
CA VAL B 153 39.15 27.94 27.74
C VAL B 153 39.18 26.95 28.90
N ALA B 154 38.20 26.05 29.00
CA ALA B 154 38.18 24.95 30.01
C ALA B 154 39.57 24.29 30.12
N GLY B 155 40.06 24.10 31.34
CA GLY B 155 41.37 23.47 31.56
C GLY B 155 42.55 24.37 31.18
N ALA B 156 42.30 25.63 30.82
CA ALA B 156 43.33 26.58 30.36
C ALA B 156 44.08 25.96 29.17
N LEU B 157 43.39 25.15 28.38
CA LEU B 157 43.95 24.56 27.13
C LEU B 157 44.41 25.70 26.19
N ASP B 158 45.58 25.55 25.55
CA ASP B 158 46.07 26.49 24.51
C ASP B 158 45.48 26.01 23.18
N ILE B 159 44.58 26.78 22.57
CA ILE B 159 43.82 26.27 21.40
C ILE B 159 44.50 26.74 20.10
N TYR B 160 45.63 27.46 20.21
CA TYR B 160 46.25 28.11 19.02
C TYR B 160 46.34 27.16 17.83
N ASP B 161 46.85 25.94 18.05
CA ASP B 161 47.23 24.97 16.98
C ASP B 161 46.01 24.22 16.46
N ASP B 162 44.82 24.43 17.07
CA ASP B 162 43.59 23.66 16.76
C ASP B 162 42.62 24.45 15.86
N VAL B 163 42.82 25.76 15.68
CA VAL B 163 41.91 26.57 14.81
C VAL B 163 42.72 27.13 13.64
N GLU B 164 42.33 26.69 12.43
CA GLU B 164 42.90 27.04 11.11
C GLU B 164 42.36 28.40 10.63
N VAL B 165 43.09 29.05 9.73
CA VAL B 165 42.58 30.24 8.98
C VAL B 165 41.34 29.75 8.24
N GLY B 166 40.29 30.58 8.18
CA GLY B 166 39.01 30.21 7.53
C GLY B 166 37.98 29.67 8.52
N ARG B 167 38.38 29.40 9.77
CA ARG B 167 37.41 29.07 10.85
C ARG B 167 36.74 30.36 11.34
N GLN B 168 35.64 30.19 12.07
CA GLN B 168 34.79 31.26 12.65
C GLN B 168 34.85 31.14 14.18
N VAL B 169 35.08 32.25 14.86
CA VAL B 169 34.92 32.39 16.33
C VAL B 169 33.62 33.14 16.54
N LEU B 170 32.64 32.51 17.19
CA LEU B 170 31.30 33.07 17.45
C LEU B 170 31.17 33.46 18.92
N VAL B 171 30.58 34.62 19.17
CA VAL B 171 30.42 35.19 20.53
C VAL B 171 28.94 35.40 20.85
N ASP B 172 28.50 34.97 22.03
CA ASP B 172 27.19 35.26 22.67
C ASP B 172 26.05 34.62 21.86
N ASP B 173 25.74 33.34 22.14
CA ASP B 173 24.72 32.53 21.41
C ASP B 173 24.92 32.71 19.91
N GLY B 174 26.18 32.83 19.44
CA GLY B 174 26.52 32.85 18.01
C GLY B 174 25.96 34.09 17.27
N LYS B 175 25.72 35.17 18.00
CA LYS B 175 25.14 36.46 17.54
C LYS B 175 26.24 37.33 16.90
N LEU B 176 27.52 37.14 17.26
CA LEU B 176 28.66 37.92 16.67
C LEU B 176 29.72 36.96 16.10
N GLY B 177 30.01 37.10 14.81
CA GLY B 177 30.98 36.27 14.08
C GLY B 177 32.28 37.01 13.89
N LEU B 178 33.40 36.33 14.18
CA LEU B 178 34.76 36.78 13.82
C LEU B 178 35.38 35.73 12.91
N ARG B 179 35.78 36.11 11.70
CA ARG B 179 36.39 35.19 10.71
C ARG B 179 37.90 35.21 10.97
N VAL B 180 38.53 34.04 11.07
CA VAL B 180 40.01 33.92 11.23
C VAL B 180 40.63 34.14 9.85
N VAL B 181 41.28 35.29 9.67
CA VAL B 181 41.95 35.70 8.40
C VAL B 181 43.44 35.31 8.45
N ALA B 182 44.11 35.43 9.60
CA ALA B 182 45.54 35.09 9.78
C ALA B 182 45.87 34.71 11.23
N LYS B 183 46.96 33.95 11.40
CA LYS B 183 47.51 33.51 12.72
C LYS B 183 48.93 34.09 12.91
N ASP B 184 49.15 34.80 14.04
CA ASP B 184 50.43 35.43 14.46
C ASP B 184 51.11 34.53 15.51
N ASP B 185 52.04 33.65 15.08
CA ASP B 185 52.75 32.70 15.97
C ASP B 185 53.57 33.45 17.04
N ALA B 186 53.92 34.71 16.80
CA ALA B 186 54.72 35.54 17.74
C ALA B 186 53.93 35.79 19.03
N THR B 187 52.63 36.09 18.93
CA THR B 187 51.74 36.37 20.10
C THR B 187 50.74 35.22 20.31
N ARG B 188 50.77 34.19 19.46
CA ARG B 188 49.78 33.08 19.40
C ARG B 188 48.37 33.70 19.37
N GLU B 189 48.16 34.68 18.49
CA GLU B 189 46.88 35.43 18.39
C GLU B 189 46.22 35.11 17.05
N PHE B 190 44.89 35.18 17.03
CA PHE B 190 44.10 35.09 15.78
C PHE B 190 43.88 36.52 15.30
N GLU B 191 44.28 36.81 14.06
CA GLU B 191 43.86 38.01 13.30
C GLU B 191 42.49 37.66 12.69
N VAL B 192 41.44 38.37 13.11
CA VAL B 192 40.05 38.05 12.71
C VAL B 192 39.39 39.30 12.14
N GLU B 193 38.39 39.11 11.29
CA GLU B 193 37.52 40.17 10.69
C GLU B 193 36.11 40.06 11.30
N VAL B 194 35.60 41.13 11.91
CA VAL B 194 34.18 41.23 12.37
C VAL B 194 33.25 41.10 11.15
N GLU B 195 32.48 40.01 11.09
CA GLU B 195 31.65 39.64 9.91
C GLU B 195 30.30 40.36 9.93
N ASN B 196 29.87 40.84 11.09
CA ASN B 196 28.55 41.49 11.30
C ASN B 196 28.64 42.45 12.49
N ASP B 197 27.72 43.40 12.55
CA ASP B 197 27.65 44.41 13.62
C ASP B 197 27.21 43.69 14.88
N GLY B 198 27.94 43.84 15.98
CA GLY B 198 27.56 43.17 17.24
C GLY B 198 28.39 43.60 18.44
N ILE B 199 28.00 43.08 19.60
CA ILE B 199 28.61 43.36 20.93
C ILE B 199 29.51 42.17 21.32
N ILE B 200 30.71 42.44 21.86
CA ILE B 200 31.53 41.43 22.59
C ILE B 200 31.52 41.84 24.06
N ALA B 201 30.75 41.16 24.90
CA ALA B 201 30.67 41.44 26.35
C ALA B 201 31.52 40.41 27.10
N LYS B 202 31.79 40.70 28.37
CA LYS B 202 32.61 39.83 29.26
C LYS B 202 31.82 38.56 29.61
N GLN B 203 32.49 37.42 29.80
CA GLN B 203 31.88 36.19 30.36
C GLN B 203 30.66 35.77 29.53
N LYS B 204 30.81 35.81 28.21
CA LYS B 204 29.81 35.34 27.23
C LYS B 204 30.37 34.07 26.59
N GLY B 205 29.48 33.23 26.09
CA GLY B 205 29.83 31.95 25.48
C GLY B 205 30.48 32.15 24.13
N VAL B 206 31.52 31.39 23.89
CA VAL B 206 32.25 31.37 22.61
C VAL B 206 32.14 29.97 22.05
N ASN B 207 31.91 29.89 20.74
CA ASN B 207 31.90 28.65 19.95
C ASN B 207 32.88 28.83 18.80
N ILE B 208 33.62 27.79 18.46
CA ILE B 208 34.54 27.76 17.30
C ILE B 208 34.18 26.50 16.52
N PRO B 209 33.16 26.58 15.63
CA PRO B 209 32.64 25.40 14.94
C PRO B 209 33.68 24.67 14.10
N ASN B 210 33.45 23.37 13.87
CA ASN B 210 34.19 22.51 12.93
C ASN B 210 35.66 22.48 13.32
N THR B 211 35.95 22.58 14.62
CA THR B 211 37.32 22.42 15.18
C THR B 211 37.31 21.18 16.09
N LYS B 212 38.49 20.66 16.38
CA LYS B 212 38.63 19.52 17.31
C LYS B 212 39.60 19.93 18.41
N ILE B 213 39.19 20.92 19.21
CA ILE B 213 39.94 21.29 20.44
C ILE B 213 39.96 20.03 21.31
N PRO B 214 41.15 19.59 21.78
CA PRO B 214 41.26 18.31 22.50
C PRO B 214 40.79 18.41 23.96
N PHE B 215 39.56 18.90 24.16
CA PHE B 215 38.88 18.73 25.46
C PHE B 215 38.90 17.24 25.78
N PRO B 216 39.24 16.88 27.03
CA PRO B 216 39.26 15.48 27.43
C PRO B 216 37.90 14.79 27.27
N ALA B 217 37.90 13.46 27.08
CA ALA B 217 36.65 12.67 26.92
C ALA B 217 35.85 12.78 28.22
N LEU B 218 36.55 12.91 29.33
CA LEU B 218 35.93 13.09 30.65
C LEU B 218 36.76 14.08 31.46
N ALA B 219 36.29 15.31 31.59
CA ALA B 219 36.96 16.34 32.42
C ALA B 219 36.77 15.96 33.90
N GLU B 220 37.71 16.37 34.74
CA GLU B 220 37.61 16.20 36.21
C GLU B 220 36.30 16.78 36.73
N ARG B 221 35.87 17.94 36.22
CA ARG B 221 34.62 18.57 36.66
C ARG B 221 33.43 17.63 36.42
N ASP B 222 33.36 17.05 35.25
CA ASP B 222 32.22 16.16 34.88
C ASP B 222 32.34 14.83 35.65
N ASN B 223 33.55 14.35 35.90
CA ASN B 223 33.79 13.18 36.78
C ASN B 223 33.17 13.44 38.15
N ASP B 224 33.48 14.56 38.78
CA ASP B 224 32.97 14.93 40.12
C ASP B 224 31.43 15.01 40.06
N ASP B 225 30.88 15.72 39.07
CA ASP B 225 29.42 15.95 39.01
C ASP B 225 28.70 14.61 38.83
N ILE B 226 29.14 13.81 37.91
CA ILE B 226 28.48 12.51 37.58
C ILE B 226 28.51 11.63 38.83
N ARG B 227 29.67 11.55 39.51
CA ARG B 227 29.79 10.59 40.62
C ARG B 227 28.92 11.07 41.76
N PHE B 228 28.86 12.36 41.98
CA PHE B 228 27.98 12.96 43.00
C PHE B 228 26.50 12.62 42.69
N GLY B 229 26.04 12.92 41.47
CA GLY B 229 24.67 12.55 41.07
C GLY B 229 24.33 11.10 41.28
N LEU B 230 25.25 10.22 40.87
CA LEU B 230 25.10 8.77 41.06
C LEU B 230 24.91 8.46 42.54
N GLU B 231 25.68 9.07 43.42
CA GLU B 231 25.51 8.85 44.88
C GLU B 231 24.14 9.32 45.36
N GLN B 232 23.57 10.37 44.75
CA GLN B 232 22.28 10.94 45.18
C GLN B 232 21.16 10.01 44.71
N GLY B 233 21.34 9.25 43.63
CA GLY B 233 20.26 8.43 43.02
C GLY B 233 19.66 9.18 41.83
N ILE B 234 20.32 9.10 40.68
CA ILE B 234 19.72 9.65 39.42
C ILE B 234 19.34 8.48 38.52
N ASN B 235 18.53 8.76 37.51
CA ASN B 235 18.09 7.72 36.54
C ASN B 235 18.76 7.95 35.16
N PHE B 236 19.09 9.19 34.84
CA PHE B 236 19.56 9.57 33.51
C PHE B 236 20.73 10.54 33.68
N ILE B 237 21.64 10.48 32.74
CA ILE B 237 22.73 11.47 32.57
C ILE B 237 22.72 11.96 31.12
N ALA B 238 22.64 13.25 30.95
CA ALA B 238 22.74 13.89 29.62
C ALA B 238 24.18 14.41 29.57
N ILE B 239 24.95 13.89 28.63
CA ILE B 239 26.40 14.17 28.45
C ILE B 239 26.55 15.27 27.42
N SER B 240 27.05 16.44 27.83
CA SER B 240 27.28 17.63 26.96
C SER B 240 28.37 17.35 25.91
N PHE B 241 28.18 17.89 24.69
CA PHE B 241 29.16 17.92 23.58
C PHE B 241 29.73 16.51 23.36
N VAL B 242 28.87 15.53 23.15
CA VAL B 242 29.32 14.17 22.78
C VAL B 242 29.80 14.23 21.34
N ARG B 243 31.07 13.87 21.15
CA ARG B 243 31.75 13.97 19.84
C ARG B 243 31.87 12.60 19.17
N THR B 244 32.04 11.56 19.97
CA THR B 244 32.36 10.18 19.55
C THR B 244 31.77 9.20 20.55
N ALA B 245 31.74 7.92 20.26
CA ALA B 245 31.24 6.90 21.21
C ALA B 245 32.11 6.91 22.48
N LYS B 246 33.39 7.27 22.38
CA LYS B 246 34.32 7.30 23.54
C LYS B 246 33.76 8.24 24.61
N ASP B 247 33.22 9.38 24.21
CA ASP B 247 32.66 10.37 25.18
C ASP B 247 31.51 9.72 25.99
N VAL B 248 30.76 8.80 25.39
CA VAL B 248 29.67 8.07 26.10
C VAL B 248 30.31 6.94 26.91
N ASN B 249 31.20 6.17 26.30
CA ASN B 249 31.80 4.98 26.97
C ASN B 249 32.54 5.40 28.23
N GLU B 250 33.15 6.58 28.28
CA GLU B 250 33.90 6.96 29.51
C GLU B 250 32.89 7.15 30.65
N VAL B 251 31.69 7.68 30.39
CA VAL B 251 30.65 7.83 31.44
C VAL B 251 30.07 6.45 31.77
N ARG B 252 29.82 5.61 30.76
CA ARG B 252 29.32 4.24 30.98
C ARG B 252 30.26 3.53 31.98
N ALA B 253 31.58 3.73 31.82
CA ALA B 253 32.59 3.07 32.71
C ALA B 253 32.35 3.48 34.16
N ILE B 254 32.05 4.74 34.42
CA ILE B 254 31.80 5.20 35.81
C ILE B 254 30.53 4.50 36.33
N CYS B 255 29.46 4.51 35.52
CA CYS B 255 28.21 3.84 35.93
C CYS B 255 28.49 2.36 36.26
N GLU B 256 29.28 1.66 35.43
CA GLU B 256 29.57 0.21 35.65
C GLU B 256 30.44 0.04 36.91
N GLU B 257 31.50 0.82 37.03
CA GLU B 257 32.44 0.78 38.19
C GLU B 257 31.67 0.87 39.51
N THR B 258 30.64 1.72 39.57
CA THR B 258 29.98 2.14 40.82
C THR B 258 28.74 1.28 41.09
N GLY B 259 28.44 0.29 40.23
CA GLY B 259 27.24 -0.58 40.35
C GLY B 259 25.98 0.20 40.00
N ASN B 260 26.12 1.15 39.06
CA ASN B 260 24.98 2.00 38.62
C ASN B 260 24.67 1.68 37.16
N GLY B 261 24.79 0.41 36.78
CA GLY B 261 24.59 -0.05 35.40
C GLY B 261 23.19 0.25 34.87
N HIS B 262 22.22 0.48 35.73
CA HIS B 262 20.80 0.78 35.33
C HIS B 262 20.66 2.24 34.84
N VAL B 263 21.68 3.08 35.07
CA VAL B 263 21.55 4.53 34.71
C VAL B 263 21.60 4.66 33.20
N GLN B 264 20.70 5.46 32.62
CA GLN B 264 20.67 5.62 31.15
C GLN B 264 21.43 6.87 30.75
N LEU B 265 22.19 6.78 29.68
CA LEU B 265 23.01 7.86 29.12
C LEU B 265 22.37 8.41 27.84
N PHE B 266 22.13 9.70 27.84
CA PHE B 266 21.69 10.47 26.68
C PHE B 266 22.87 11.31 26.22
N ALA B 267 23.33 11.03 25.05
CA ALA B 267 24.35 11.85 24.37
C ALA B 267 23.68 13.14 23.95
N LYS B 268 24.24 14.28 24.34
CA LYS B 268 23.83 15.59 23.79
C LYS B 268 24.60 15.81 22.49
N ILE B 269 23.81 15.95 21.41
CA ILE B 269 24.35 16.25 20.06
C ILE B 269 24.29 17.76 19.89
N GLU B 270 25.47 18.40 19.82
CA GLU B 270 25.64 19.86 19.98
C GLU B 270 26.55 20.43 18.88
N ASN B 271 27.18 19.59 18.07
CA ASN B 271 28.20 20.09 17.11
C ASN B 271 28.33 19.17 15.91
N GLN B 272 29.16 19.56 14.94
CA GLN B 272 29.24 18.82 13.66
C GLN B 272 29.82 17.42 13.85
N GLN B 273 30.84 17.25 14.70
CA GLN B 273 31.47 15.92 14.92
C GLN B 273 30.39 15.01 15.50
N GLY B 274 29.56 15.48 16.44
CA GLY B 274 28.50 14.62 17.01
C GLY B 274 27.51 14.22 15.92
N ILE B 275 27.15 15.16 15.05
CA ILE B 275 26.23 14.83 13.93
C ILE B 275 26.90 13.80 13.01
N ASP B 276 28.18 13.98 12.70
CA ASP B 276 28.94 13.09 11.79
C ASP B 276 29.01 11.69 12.39
N ASN B 277 29.13 11.59 13.72
CA ASN B 277 29.26 10.29 14.43
C ASN B 277 27.94 9.82 15.02
N LEU B 278 26.82 10.35 14.54
CA LEU B 278 25.49 10.07 15.13
C LEU B 278 25.23 8.58 15.23
N ASP B 279 25.47 7.79 14.17
CA ASP B 279 25.14 6.34 14.23
C ASP B 279 25.95 5.67 15.36
N GLU B 280 27.25 5.93 15.51
CA GLU B 280 28.07 5.22 16.55
C GLU B 280 27.67 5.69 17.97
N ILE B 281 27.32 6.96 18.10
CA ILE B 281 26.87 7.57 19.37
C ILE B 281 25.51 6.95 19.78
N ILE B 282 24.54 6.86 18.89
CA ILE B 282 23.25 6.18 19.21
C ILE B 282 23.52 4.75 19.72
N GLU B 283 24.42 4.03 19.07
CA GLU B 283 24.68 2.61 19.42
C GLU B 283 25.25 2.56 20.85
N ALA B 284 26.12 3.51 21.20
CA ALA B 284 26.79 3.54 22.52
C ALA B 284 25.85 4.02 23.63
N ALA B 285 24.87 4.89 23.32
CA ALA B 285 24.05 5.62 24.32
C ALA B 285 22.70 4.90 24.47
N ASP B 286 21.91 5.34 25.43
CA ASP B 286 20.53 4.86 25.64
C ASP B 286 19.54 5.82 24.95
N GLY B 287 20.03 6.91 24.41
CA GLY B 287 19.17 7.98 23.86
C GLY B 287 19.98 9.18 23.48
N ILE B 288 19.30 10.16 22.89
CA ILE B 288 19.93 11.39 22.41
C ILE B 288 19.13 12.52 23.02
N MET B 289 19.84 13.55 23.42
CA MET B 289 19.22 14.86 23.68
C MET B 289 19.65 15.80 22.56
N ILE B 290 18.67 16.33 21.84
CA ILE B 290 18.89 17.28 20.71
C ILE B 290 19.10 18.67 21.32
N ALA B 291 20.36 19.08 21.45
CA ALA B 291 20.78 20.30 22.18
C ALA B 291 20.78 21.44 21.20
N ARG B 292 19.61 22.01 20.95
CA ARG B 292 19.42 22.97 19.82
C ARG B 292 20.13 24.32 20.08
N GLY B 293 20.43 24.65 21.32
CA GLY B 293 21.18 25.89 21.66
C GLY B 293 22.55 25.86 21.03
N ASP B 294 23.43 25.03 21.53
CA ASP B 294 24.79 24.91 20.94
C ASP B 294 24.65 24.40 19.48
N MET B 295 23.78 23.45 19.17
CA MET B 295 23.69 22.93 17.78
C MET B 295 23.46 24.08 16.78
N GLY B 296 22.55 25.00 17.12
CA GLY B 296 22.18 26.17 16.31
C GLY B 296 23.34 27.12 16.09
N ILE B 297 24.39 27.04 16.92
CA ILE B 297 25.63 27.87 16.76
C ILE B 297 26.64 27.10 15.93
N GLU B 298 26.74 25.79 16.14
CA GLU B 298 27.82 24.92 15.65
C GLU B 298 27.53 24.47 14.22
N VAL B 299 26.28 24.58 13.76
CA VAL B 299 25.90 24.19 12.38
C VAL B 299 25.11 25.37 11.82
N PRO B 300 24.87 25.46 10.50
CA PRO B 300 24.10 26.58 9.98
C PRO B 300 22.69 26.62 10.62
N PHE B 301 22.25 27.82 11.01
N PHE B 301 22.26 27.78 11.09
CA PHE B 301 21.01 28.08 11.81
CA PHE B 301 20.98 27.98 11.80
C PHE B 301 19.82 27.38 11.11
C PHE B 301 19.85 27.23 11.09
N GLU B 302 19.76 27.39 9.76
CA GLU B 302 18.61 26.87 8.94
C GLU B 302 18.65 25.36 8.77
N MET B 303 19.72 24.69 9.22
CA MET B 303 19.85 23.23 9.11
C MET B 303 19.41 22.53 10.40
N VAL B 304 19.14 23.26 11.46
CA VAL B 304 18.79 22.59 12.76
C VAL B 304 17.55 21.71 12.55
N PRO B 305 16.49 22.18 11.86
CA PRO B 305 15.31 21.32 11.68
C PRO B 305 15.65 20.03 10.93
N VAL B 306 16.63 20.07 10.03
CA VAL B 306 17.01 18.87 9.25
C VAL B 306 17.58 17.85 10.25
N TYR B 307 18.51 18.31 11.06
CA TYR B 307 19.23 17.42 12.00
C TYR B 307 18.23 16.95 13.08
N GLN B 308 17.32 17.82 13.51
CA GLN B 308 16.32 17.42 14.55
C GLN B 308 15.51 16.23 14.02
N LYS B 309 14.95 16.37 12.83
CA LYS B 309 14.08 15.34 12.24
C LYS B 309 14.89 14.06 12.01
N MET B 310 16.11 14.18 11.50
CA MET B 310 16.99 13.02 11.19
C MET B 310 17.28 12.27 12.50
N ILE B 311 17.64 12.99 13.57
CA ILE B 311 18.02 12.35 14.88
C ILE B 311 16.78 11.66 15.45
N ILE B 312 15.62 12.31 15.45
CA ILE B 312 14.39 11.67 16.00
C ILE B 312 14.09 10.37 15.23
N LYS B 313 14.22 10.40 13.92
CA LYS B 313 13.95 9.21 13.06
C LYS B 313 14.93 8.08 13.46
N LYS B 314 16.23 8.40 13.54
CA LYS B 314 17.27 7.37 13.83
C LYS B 314 17.07 6.80 15.23
N VAL B 315 16.80 7.63 16.22
CA VAL B 315 16.67 7.15 17.60
C VAL B 315 15.40 6.31 17.71
N ASN B 316 14.29 6.69 17.07
CA ASN B 316 13.06 5.84 17.14
C ASN B 316 13.36 4.47 16.51
N ALA B 317 14.01 4.45 15.34
CA ALA B 317 14.40 3.20 14.66
C ALA B 317 15.25 2.34 15.59
N ALA B 318 16.07 2.94 16.47
CA ALA B 318 16.97 2.20 17.38
C ALA B 318 16.24 1.76 18.66
N GLY B 319 14.99 2.18 18.87
CA GLY B 319 14.24 1.79 20.07
C GLY B 319 14.68 2.51 21.32
N LYS B 320 15.26 3.70 21.17
CA LYS B 320 15.92 4.45 22.26
C LYS B 320 15.11 5.73 22.50
N VAL B 321 15.50 6.53 23.48
CA VAL B 321 14.73 7.72 23.91
C VAL B 321 15.34 8.96 23.23
N VAL B 322 14.49 9.80 22.64
CA VAL B 322 14.96 11.13 22.16
C VAL B 322 14.24 12.24 22.91
N ILE B 323 15.04 13.22 23.34
CA ILE B 323 14.59 14.46 24.00
C ILE B 323 14.87 15.62 23.05
N THR B 324 13.84 16.38 22.68
CA THR B 324 13.98 17.65 21.97
C THR B 324 14.15 18.77 22.99
N ALA B 325 15.25 19.51 22.94
CA ALA B 325 15.62 20.45 24.01
C ALA B 325 16.00 21.82 23.46
N THR B 326 15.78 22.82 24.32
CA THR B 326 16.38 24.17 24.35
C THR B 326 15.56 25.14 23.50
N ASN B 327 15.03 26.15 24.19
CA ASN B 327 14.34 27.35 23.62
C ASN B 327 13.04 26.92 22.94
N MET B 328 12.40 25.88 23.45
CA MET B 328 11.09 25.45 22.92
C MET B 328 10.03 26.49 23.27
N LEU B 329 10.02 27.06 24.49
CA LEU B 329 9.01 28.07 24.91
C LEU B 329 9.76 29.26 25.55
N GLU B 330 10.86 29.69 24.92
CA GLU B 330 11.88 30.57 25.56
C GLU B 330 11.23 31.91 25.98
N THR B 331 10.25 32.44 25.25
CA THR B 331 9.67 33.76 25.57
C THR B 331 8.89 33.64 26.90
N MET B 332 8.48 32.44 27.32
CA MET B 332 7.71 32.26 28.57
C MET B 332 8.64 32.40 29.79
N THR B 333 9.94 32.59 29.57
CA THR B 333 10.88 32.94 30.67
C THR B 333 10.40 34.28 31.25
N GLU B 334 9.93 35.20 30.37
CA GLU B 334 9.56 36.59 30.77
C GLU B 334 8.07 36.89 30.50
N LYS B 335 7.36 36.09 29.72
CA LYS B 335 5.95 36.41 29.34
C LYS B 335 5.03 35.25 29.63
N PRO B 336 3.76 35.56 30.01
CA PRO B 336 2.77 34.57 30.44
C PRO B 336 2.23 33.73 29.29
N ARG B 337 2.55 34.07 28.06
CA ARG B 337 2.10 33.30 26.86
C ARG B 337 3.25 33.16 25.86
N ALA B 338 3.36 31.97 25.29
CA ALA B 338 4.34 31.58 24.26
C ALA B 338 4.05 32.35 22.97
N THR B 339 5.00 32.35 22.04
CA THR B 339 4.75 32.86 20.67
C THR B 339 4.10 31.78 19.81
N ARG B 340 3.50 32.18 18.71
CA ARG B 340 2.97 31.25 17.67
C ARG B 340 4.08 30.32 17.19
N SER B 341 5.30 30.83 16.97
CA SER B 341 6.43 30.02 16.46
C SER B 341 6.81 28.96 17.51
N GLU B 342 6.84 29.32 18.78
CA GLU B 342 7.14 28.37 19.89
C GLU B 342 6.06 27.28 19.96
N VAL B 343 4.78 27.62 19.84
CA VAL B 343 3.69 26.61 19.81
C VAL B 343 3.96 25.63 18.68
N SER B 344 4.29 26.12 17.49
CA SER B 344 4.58 25.33 16.28
C SER B 344 5.79 24.43 16.53
N ASP B 345 6.84 25.00 17.10
CA ASP B 345 8.09 24.24 17.36
C ASP B 345 7.77 23.02 18.27
N VAL B 346 7.14 23.25 19.39
CA VAL B 346 6.79 22.13 20.32
C VAL B 346 5.90 21.13 19.57
N PHE B 347 4.84 21.62 18.92
CA PHE B 347 3.88 20.75 18.21
C PHE B 347 4.58 19.85 17.20
N ASN B 348 5.47 20.41 16.40
CA ASN B 348 6.21 19.71 15.33
C ASN B 348 7.28 18.77 15.90
N ALA B 349 7.87 19.04 17.04
CA ALA B 349 8.74 18.03 17.70
C ALA B 349 7.93 16.75 17.97
N VAL B 350 6.69 16.87 18.45
CA VAL B 350 5.80 15.70 18.73
C VAL B 350 5.51 14.95 17.45
N ILE B 351 5.10 15.67 16.42
CA ILE B 351 4.81 15.06 15.09
C ILE B 351 6.07 14.40 14.53
N ASP B 352 7.24 14.98 14.80
CA ASP B 352 8.53 14.44 14.31
C ASP B 352 8.74 13.06 14.93
N GLY B 353 8.13 12.78 16.09
CA GLY B 353 8.32 11.48 16.77
C GLY B 353 9.10 11.55 18.08
N THR B 354 9.30 12.74 18.65
CA THR B 354 10.06 12.87 19.92
C THR B 354 9.38 12.09 21.07
N ASP B 355 10.18 11.42 21.90
CA ASP B 355 9.67 10.83 23.17
C ASP B 355 9.32 11.94 24.15
N ALA B 356 10.15 12.98 24.22
CA ALA B 356 10.09 13.99 25.27
C ALA B 356 10.45 15.36 24.72
N THR B 357 9.88 16.37 25.32
CA THR B 357 10.15 17.80 25.02
C THR B 357 10.67 18.41 26.31
N MET B 358 11.54 19.42 26.23
CA MET B 358 12.25 19.92 27.45
C MET B 358 12.06 21.41 27.69
N LEU B 359 12.03 21.81 28.95
CA LEU B 359 12.12 23.21 29.38
C LEU B 359 13.44 23.40 30.15
N SER B 360 14.13 24.49 29.87
CA SER B 360 15.38 24.87 30.56
C SER B 360 15.09 26.11 31.42
N GLY B 361 15.48 27.30 30.99
CA GLY B 361 15.28 28.51 31.79
C GLY B 361 13.82 28.79 32.04
N GLU B 362 12.91 28.30 31.20
CA GLU B 362 11.45 28.58 31.37
C GLU B 362 10.95 28.01 32.70
N SER B 363 11.41 26.83 33.10
CA SER B 363 11.00 26.24 34.38
C SER B 363 12.02 26.57 35.48
N ALA B 364 13.29 26.74 35.14
CA ALA B 364 14.38 26.84 36.16
C ALA B 364 14.44 28.26 36.73
N ASN B 365 14.40 29.29 35.86
CA ASN B 365 14.74 30.70 36.21
C ASN B 365 13.61 31.70 35.94
N GLY B 366 12.54 31.31 35.25
CA GLY B 366 11.61 32.29 34.70
C GLY B 366 10.53 32.71 35.66
N LYS B 367 9.72 33.66 35.20
CA LYS B 367 8.59 34.22 35.98
C LYS B 367 7.39 33.28 35.92
N TYR B 368 7.33 32.34 34.97
CA TYR B 368 6.12 31.47 34.78
C TYR B 368 6.45 29.98 34.64
N PRO B 369 7.12 29.34 35.63
CA PRO B 369 7.48 27.93 35.51
C PRO B 369 6.23 27.04 35.37
N LEU B 370 5.24 27.21 36.24
CA LEU B 370 4.01 26.36 36.18
C LEU B 370 3.32 26.57 34.82
N GLU B 371 3.18 27.81 34.37
CA GLU B 371 2.45 28.15 33.13
C GLU B 371 3.21 27.51 31.95
N SER B 372 4.54 27.43 32.02
CA SER B 372 5.40 26.87 30.94
C SER B 372 5.15 25.37 30.85
N VAL B 373 5.09 24.68 31.97
CA VAL B 373 4.81 23.23 31.98
C VAL B 373 3.39 23.04 31.40
N THR B 374 2.43 23.83 31.87
CA THR B 374 1.00 23.67 31.47
C THR B 374 0.91 23.87 29.96
N THR B 375 1.49 24.95 29.43
CA THR B 375 1.47 25.23 27.97
C THR B 375 2.10 24.05 27.20
N MET B 376 3.30 23.59 27.58
CA MET B 376 3.95 22.46 26.89
C MET B 376 3.05 21.21 26.92
N ALA B 377 2.41 20.91 28.06
CA ALA B 377 1.55 19.74 28.20
C ALA B 377 0.36 19.90 27.24
N THR B 378 -0.22 21.09 27.18
CA THR B 378 -1.41 21.34 26.30
C THR B 378 -1.02 21.12 24.83
N ILE B 379 0.09 21.70 24.40
CA ILE B 379 0.60 21.56 23.02
C ILE B 379 0.87 20.11 22.75
N ASP B 380 1.58 19.41 23.68
CA ASP B 380 1.95 18.00 23.48
C ASP B 380 0.68 17.13 23.34
N LYS B 381 -0.33 17.34 24.19
CA LYS B 381 -1.61 16.57 24.11
C LYS B 381 -2.33 16.85 22.77
N ASN B 382 -2.40 18.11 22.35
CA ASN B 382 -3.07 18.47 21.08
C ASN B 382 -2.34 17.77 19.91
N ALA B 383 -1.01 17.72 19.91
CA ALA B 383 -0.23 17.15 18.79
C ALA B 383 -0.36 15.62 18.77
N GLN B 384 -0.58 14.98 19.91
CA GLN B 384 -0.56 13.49 19.95
C GLN B 384 -1.81 12.97 19.22
N ALA B 385 -2.89 13.76 19.27
CA ALA B 385 -4.18 13.46 18.58
C ALA B 385 -3.96 13.42 17.07
N LEU B 386 -2.99 14.16 16.53
CA LEU B 386 -2.66 14.15 15.10
C LEU B 386 -1.69 13.04 14.74
N LEU B 387 -1.16 12.26 15.70
CA LEU B 387 -0.04 11.34 15.34
C LEU B 387 -0.54 10.23 14.41
N ASN B 388 -1.78 9.74 14.58
CA ASN B 388 -2.35 8.68 13.69
C ASN B 388 -2.31 9.13 12.23
N GLU B 389 -2.78 10.35 11.94
CA GLU B 389 -2.75 10.92 10.57
C GLU B 389 -1.33 11.37 10.18
N TYR B 390 -0.80 12.48 10.76
CA TYR B 390 0.40 13.22 10.26
C TYR B 390 1.71 12.66 10.81
N GLY B 391 1.70 11.71 11.75
CA GLY B 391 2.89 11.10 12.40
C GLY B 391 4.02 10.82 11.42
N ARG B 392 5.21 11.40 11.68
CA ARG B 392 6.47 11.22 10.89
C ARG B 392 6.96 9.76 10.97
N LEU B 393 6.92 9.17 12.17
CA LEU B 393 7.41 7.78 12.44
C LEU B 393 6.54 6.76 11.71
N ASP B 394 7.17 5.66 11.27
CA ASP B 394 6.55 4.53 10.54
C ASP B 394 6.97 3.21 11.20
N SER B 395 6.12 2.67 12.09
CA SER B 395 6.31 1.38 12.80
C SER B 395 6.37 0.17 11.84
N ASP B 396 5.89 0.32 10.60
CA ASP B 396 5.81 -0.83 9.65
C ASP B 396 7.22 -1.26 9.21
N SER B 397 8.25 -0.40 9.38
CA SER B 397 9.65 -0.69 8.95
C SER B 397 10.38 -1.63 9.93
N PHE B 398 9.93 -1.81 11.18
CA PHE B 398 10.67 -2.59 12.22
C PHE B 398 10.66 -4.08 11.86
N GLU B 399 11.78 -4.76 12.15
CA GLU B 399 11.92 -6.21 11.86
C GLU B 399 11.55 -6.95 13.13
N ARG B 400 10.52 -7.82 13.04
CA ARG B 400 10.01 -8.66 14.15
C ARG B 400 10.93 -9.90 14.27
N ASN B 401 12.06 -9.77 14.94
CA ASN B 401 13.11 -10.82 15.00
C ASN B 401 12.99 -11.67 16.27
N SER B 402 12.23 -11.23 17.27
CA SER B 402 12.16 -11.84 18.62
C SER B 402 10.72 -12.15 19.00
N LYS B 403 10.50 -12.98 20.02
CA LYS B 403 9.15 -13.24 20.61
C LYS B 403 8.56 -11.91 21.07
N THR B 404 9.36 -11.15 21.83
CA THR B 404 8.98 -9.83 22.39
C THR B 404 8.64 -8.88 21.24
N GLU B 405 9.43 -8.85 20.16
CA GLU B 405 9.16 -7.96 19.00
C GLU B 405 7.83 -8.37 18.36
N VAL B 406 7.59 -9.66 18.11
CA VAL B 406 6.35 -10.00 17.35
C VAL B 406 5.18 -9.66 18.27
N MET B 407 5.33 -9.88 19.59
CA MET B 407 4.28 -9.59 20.58
C MET B 407 4.04 -8.08 20.62
N ALA B 408 5.10 -7.27 20.53
CA ALA B 408 4.98 -5.79 20.51
C ALA B 408 4.28 -5.36 19.24
N SER B 409 4.55 -6.03 18.11
CA SER B 409 3.83 -5.74 16.83
C SER B 409 2.33 -6.09 16.95
N ALA B 410 2.00 -7.21 17.58
CA ALA B 410 0.61 -7.65 17.81
C ALA B 410 -0.15 -6.56 18.58
N VAL B 411 0.48 -6.00 19.61
CA VAL B 411 -0.15 -4.96 20.47
C VAL B 411 -0.50 -3.79 19.55
N LYS B 412 0.46 -3.34 18.75
CA LYS B 412 0.25 -2.16 17.88
C LYS B 412 -1.00 -2.39 17.02
N ASP B 413 -1.09 -3.57 16.43
CA ASP B 413 -2.15 -3.94 15.46
C ASP B 413 -3.51 -4.00 16.20
N ALA B 414 -3.57 -4.64 17.38
CA ALA B 414 -4.78 -4.62 18.23
C ALA B 414 -5.22 -3.18 18.46
N THR B 415 -4.29 -2.27 18.81
CA THR B 415 -4.65 -0.86 19.09
C THR B 415 -5.07 -0.10 17.81
N SER B 416 -4.61 -0.50 16.62
CA SER B 416 -4.94 0.09 15.29
C SER B 416 -6.31 -0.42 14.79
N SER B 417 -6.76 -1.58 15.29
CA SER B 417 -7.94 -2.33 14.79
C SER B 417 -9.15 -2.10 15.70
N MET B 418 -8.94 -1.98 17.01
CA MET B 418 -10.01 -1.79 18.02
C MET B 418 -9.78 -0.50 18.77
N ASP B 419 -10.77 -0.08 19.55
CA ASP B 419 -10.64 1.04 20.51
C ASP B 419 -10.04 0.44 21.78
N ILE B 420 -8.71 0.46 21.90
CA ILE B 420 -8.01 -0.08 23.10
C ILE B 420 -7.74 1.09 24.04
N LYS B 421 -8.28 1.03 25.25
CA LYS B 421 -8.13 2.17 26.18
C LYS B 421 -6.70 2.18 26.75
N LEU B 422 -6.11 1.01 26.95
CA LEU B 422 -4.86 0.88 27.74
C LEU B 422 -4.16 -0.41 27.35
N VAL B 423 -2.84 -0.33 27.19
CA VAL B 423 -1.94 -1.49 27.05
C VAL B 423 -1.26 -1.63 28.40
N VAL B 424 -1.34 -2.81 29.01
CA VAL B 424 -0.66 -3.12 30.29
C VAL B 424 0.45 -4.14 30.01
N THR B 425 1.68 -3.85 30.47
CA THR B 425 2.77 -4.83 30.31
C THR B 425 3.33 -5.14 31.70
N LEU B 426 3.45 -6.41 32.05
CA LEU B 426 4.13 -6.87 33.28
C LEU B 426 5.59 -7.12 32.92
N THR B 427 6.51 -6.26 33.39
CA THR B 427 7.88 -6.18 32.83
C THR B 427 8.88 -6.09 34.00
N LYS B 428 9.72 -7.11 34.15
CA LYS B 428 10.81 -7.10 35.17
C LYS B 428 11.82 -5.98 34.86
N THR B 429 12.26 -5.87 33.61
CA THR B 429 13.39 -5.02 33.19
C THR B 429 12.91 -3.74 32.49
N GLY B 430 11.64 -3.68 32.07
CA GLY B 430 11.12 -2.59 31.24
C GLY B 430 11.29 -2.82 29.76
N HIS B 431 11.99 -3.88 29.36
CA HIS B 431 12.26 -4.21 27.92
C HIS B 431 10.95 -4.22 27.12
N THR B 432 9.90 -4.86 27.63
CA THR B 432 8.61 -5.01 26.88
C THR B 432 7.96 -3.65 26.75
N ALA B 433 8.03 -2.81 27.77
CA ALA B 433 7.47 -1.46 27.73
C ALA B 433 8.21 -0.66 26.65
N ARG B 434 9.54 -0.75 26.62
CA ARG B 434 10.35 -0.02 25.60
C ARG B 434 9.96 -0.49 24.20
N LEU B 435 9.83 -1.80 23.98
CA LEU B 435 9.45 -2.31 22.63
C LEU B 435 8.03 -1.89 22.24
N ILE B 436 7.04 -1.95 23.13
CA ILE B 436 5.66 -1.44 22.81
C ILE B 436 5.72 0.07 22.49
N SER B 437 6.46 0.86 23.28
CA SER B 437 6.57 2.32 23.13
C SER B 437 7.06 2.66 21.72
N LYS B 438 8.09 1.95 21.25
CA LYS B 438 8.73 2.12 19.92
C LYS B 438 7.64 2.10 18.84
N TYR B 439 6.65 1.21 18.99
CA TYR B 439 5.58 1.03 17.98
C TYR B 439 4.58 2.19 18.00
N ARG B 440 4.60 3.05 19.03
CA ARG B 440 3.72 4.23 19.13
C ARG B 440 2.27 3.76 19.01
N PRO B 441 1.81 2.85 19.89
CA PRO B 441 0.42 2.43 19.86
C PRO B 441 -0.54 3.57 20.16
N ASN B 442 -1.75 3.50 19.58
CA ASN B 442 -2.82 4.48 19.88
C ASN B 442 -3.50 4.07 21.20
N ALA B 443 -2.74 4.15 22.28
CA ALA B 443 -3.18 3.79 23.63
C ALA B 443 -2.08 4.21 24.60
N ASP B 444 -2.44 4.48 25.83
CA ASP B 444 -1.51 4.66 26.96
C ASP B 444 -0.92 3.30 27.28
N ILE B 445 0.30 3.26 27.77
CA ILE B 445 1.02 2.01 28.14
C ILE B 445 1.25 2.05 29.66
N LEU B 446 0.56 1.22 30.40
CA LEU B 446 0.84 1.04 31.83
C LEU B 446 1.94 -0.02 31.97
N ALA B 447 3.08 0.34 32.54
CA ALA B 447 4.17 -0.63 32.72
C ALA B 447 4.28 -0.95 34.20
N LEU B 448 3.81 -2.13 34.60
CA LEU B 448 3.84 -2.62 35.99
C LEU B 448 5.19 -3.30 36.14
N THR B 449 6.01 -2.75 37.04
CA THR B 449 7.38 -3.26 37.31
C THR B 449 7.52 -3.46 38.82
N PHE B 450 8.59 -4.13 39.25
CA PHE B 450 8.71 -4.69 40.61
C PHE B 450 9.84 -4.00 41.37
N ASP B 451 10.48 -2.99 40.81
CA ASP B 451 11.54 -2.24 41.55
C ASP B 451 11.53 -0.79 41.08
N GLU B 452 11.89 0.13 41.99
CA GLU B 452 11.85 1.61 41.80
C GLU B 452 12.85 2.07 40.74
N LEU B 453 13.97 1.40 40.58
CA LEU B 453 14.97 1.81 39.53
C LEU B 453 14.36 1.59 38.14
N THR B 454 13.72 0.44 37.92
CA THR B 454 13.13 0.11 36.60
C THR B 454 11.97 1.10 36.38
N GLU B 455 11.12 1.33 37.38
CA GLU B 455 9.97 2.26 37.32
C GLU B 455 10.44 3.68 36.92
N ARG B 456 11.46 4.24 37.57
CA ARG B 456 11.92 5.61 37.26
C ARG B 456 12.66 5.63 35.92
N GLY B 457 13.32 4.54 35.56
CA GLY B 457 14.07 4.39 34.31
C GLY B 457 13.11 4.47 33.12
N LEU B 458 11.80 4.29 33.31
CA LEU B 458 10.84 4.25 32.16
C LEU B 458 10.14 5.59 31.95
N MET B 459 10.47 6.64 32.72
CA MET B 459 9.67 7.87 32.82
C MET B 459 9.78 8.71 31.56
N LEU B 460 10.76 8.52 30.69
CA LEU B 460 10.89 9.33 29.45
C LEU B 460 10.48 8.59 28.17
N ASN B 461 10.10 7.30 28.23
CA ASN B 461 9.62 6.54 27.06
C ASN B 461 8.21 7.01 26.69
N TRP B 462 8.01 7.39 25.43
CA TRP B 462 6.72 7.83 24.83
C TRP B 462 5.59 6.94 25.36
N GLY B 463 4.56 7.56 25.95
CA GLY B 463 3.29 6.90 26.30
C GLY B 463 3.37 6.00 27.52
N VAL B 464 4.55 5.82 28.11
CA VAL B 464 4.68 4.82 29.21
C VAL B 464 4.31 5.46 30.54
N ILE B 465 3.42 4.80 31.27
CA ILE B 465 3.07 5.16 32.65
C ILE B 465 3.62 4.07 33.55
N PRO B 466 4.81 4.29 34.18
CA PRO B 466 5.38 3.29 35.07
C PRO B 466 4.57 3.23 36.36
N MET B 467 4.49 2.04 36.95
CA MET B 467 3.82 1.81 38.24
C MET B 467 4.49 0.64 38.96
N LEU B 468 4.73 0.82 40.24
CA LEU B 468 5.42 -0.17 41.07
C LEU B 468 4.36 -1.10 41.66
N THR B 469 4.61 -2.39 41.62
CA THR B 469 3.74 -3.42 42.22
C THR B 469 4.64 -4.46 42.88
N ASP B 470 4.05 -5.22 43.82
CA ASP B 470 4.76 -6.31 44.55
C ASP B 470 5.09 -7.38 43.52
N ALA B 471 6.30 -7.93 43.56
CA ALA B 471 6.70 -9.05 42.70
C ALA B 471 5.59 -10.10 42.78
N PRO B 472 5.16 -10.70 41.65
CA PRO B 472 4.14 -11.76 41.67
C PRO B 472 4.45 -12.94 42.60
N SER B 473 3.50 -13.26 43.48
CA SER B 473 3.52 -14.50 44.33
C SER B 473 3.11 -15.70 43.46
N SER B 474 3.50 -16.91 43.88
CA SER B 474 3.19 -18.21 43.21
C SER B 474 1.69 -18.34 42.91
N THR B 475 0.82 -17.84 43.80
CA THR B 475 -0.66 -17.96 43.74
C THR B 475 -1.33 -16.69 43.19
N ASP B 476 -0.55 -15.68 42.75
CA ASP B 476 -1.08 -14.41 42.21
C ASP B 476 -1.51 -14.60 40.76
N ASP B 477 -2.62 -13.98 40.37
CA ASP B 477 -3.05 -13.93 38.95
C ASP B 477 -2.56 -12.55 38.43
N MET B 478 -1.45 -12.53 37.71
CA MET B 478 -0.83 -11.29 37.15
C MET B 478 -1.88 -10.49 36.36
N PHE B 479 -2.68 -11.18 35.54
CA PHE B 479 -3.68 -10.55 34.65
C PHE B 479 -4.75 -9.83 35.46
N GLU B 480 -5.29 -10.47 36.52
CA GLU B 480 -6.27 -9.84 37.42
C GLU B 480 -5.61 -8.64 38.13
N ILE B 481 -4.39 -8.81 38.61
CA ILE B 481 -3.66 -7.70 39.30
C ILE B 481 -3.54 -6.53 38.32
N ALA B 482 -3.11 -6.78 37.09
CA ALA B 482 -2.90 -5.73 36.07
C ALA B 482 -4.20 -4.94 35.92
N GLU B 483 -5.32 -5.63 35.74
CA GLU B 483 -6.62 -4.96 35.50
C GLU B 483 -6.97 -4.12 36.73
N ARG B 484 -6.87 -4.72 37.90
CA ARG B 484 -7.25 -4.09 39.19
C ARG B 484 -6.44 -2.80 39.38
N LYS B 485 -5.13 -2.85 39.15
CA LYS B 485 -4.24 -1.65 39.31
C LYS B 485 -4.69 -0.54 38.33
N ALA B 486 -5.01 -0.91 37.08
CA ALA B 486 -5.43 0.03 36.04
C ALA B 486 -6.75 0.66 36.46
N VAL B 487 -7.68 -0.13 37.00
CA VAL B 487 -9.01 0.38 37.46
C VAL B 487 -8.81 1.35 38.65
N GLU B 488 -8.06 0.94 39.66
CA GLU B 488 -7.80 1.73 40.90
C GLU B 488 -7.13 3.07 40.53
N ALA B 489 -6.22 3.08 39.57
CA ALA B 489 -5.50 4.30 39.13
C ALA B 489 -6.41 5.17 38.27
N GLY B 490 -7.62 4.71 37.89
CA GLY B 490 -8.58 5.52 37.11
C GLY B 490 -8.27 5.58 35.62
N LEU B 491 -7.44 4.68 35.10
CA LEU B 491 -7.00 4.69 33.68
C LEU B 491 -8.06 4.02 32.80
N VAL B 492 -8.83 3.09 33.37
CA VAL B 492 -9.86 2.30 32.64
C VAL B 492 -11.05 2.08 33.59
N GLU B 493 -12.23 1.78 33.04
CA GLU B 493 -13.40 1.42 33.87
C GLU B 493 -14.14 0.28 33.18
N SER B 494 -15.10 -0.29 33.89
CA SER B 494 -16.02 -1.34 33.40
C SER B 494 -16.39 -1.07 31.94
N GLY B 495 -16.09 -2.04 31.07
CA GLY B 495 -16.54 -2.09 29.67
C GLY B 495 -15.47 -1.61 28.73
N ASP B 496 -14.39 -1.01 29.24
CA ASP B 496 -13.24 -0.64 28.38
C ASP B 496 -12.54 -1.92 27.93
N ASP B 497 -11.95 -1.90 26.74
CA ASP B 497 -11.09 -3.01 26.25
C ASP B 497 -9.63 -2.63 26.49
N ILE B 498 -8.86 -3.57 27.02
CA ILE B 498 -7.41 -3.38 27.28
C ILE B 498 -6.64 -4.56 26.70
N VAL B 499 -5.35 -4.36 26.44
CA VAL B 499 -4.44 -5.42 26.02
C VAL B 499 -3.49 -5.62 27.19
N ILE B 500 -3.31 -6.85 27.62
CA ILE B 500 -2.32 -7.18 28.69
C ILE B 500 -1.26 -8.10 28.11
N VAL B 501 0.01 -7.79 28.39
CA VAL B 501 1.13 -8.58 27.86
C VAL B 501 2.03 -8.94 29.06
N ALA B 502 2.57 -10.14 29.06
CA ALA B 502 3.39 -10.71 30.16
C ALA B 502 4.23 -11.89 29.70
N GLY B 503 5.30 -12.19 30.44
CA GLY B 503 6.07 -13.44 30.31
C GLY B 503 5.58 -14.42 31.34
N VAL B 504 4.75 -15.38 30.93
CA VAL B 504 4.15 -16.39 31.83
C VAL B 504 5.12 -17.57 31.93
N PRO B 505 5.54 -17.95 33.16
CA PRO B 505 4.85 -17.54 34.38
C PRO B 505 5.59 -16.55 35.30
N VAL B 506 4.89 -16.15 36.36
CA VAL B 506 5.37 -15.46 37.60
C VAL B 506 6.43 -14.38 37.28
N GLY B 507 6.31 -13.68 36.14
CA GLY B 507 7.27 -12.64 35.72
C GLY B 507 8.70 -12.96 36.16
N GLU B 508 9.15 -14.20 35.92
CA GLU B 508 10.55 -14.68 36.18
C GLU B 508 11.50 -13.83 35.34
N ALA B 509 12.62 -14.40 34.87
CA ALA B 509 13.45 -13.87 33.76
C ALA B 509 13.01 -14.54 32.46
N VAL B 510 11.69 -14.63 32.22
CA VAL B 510 11.06 -15.25 31.01
C VAL B 510 10.59 -14.12 30.09
N ARG B 511 11.02 -14.15 28.83
CA ARG B 511 10.64 -13.19 27.77
C ARG B 511 9.10 -13.16 27.68
N THR B 512 8.55 -11.97 27.44
CA THR B 512 7.10 -11.78 27.17
C THR B 512 6.64 -12.77 26.12
N ASN B 513 5.59 -13.51 26.45
CA ASN B 513 5.16 -14.62 25.58
C ASN B 513 3.63 -14.66 25.46
N THR B 514 2.89 -13.80 26.16
CA THR B 514 1.41 -13.91 26.31
C THR B 514 0.76 -12.55 26.07
N MET B 515 -0.30 -12.52 25.28
CA MET B 515 -1.11 -11.31 25.07
C MET B 515 -2.55 -11.67 25.38
N ARG B 516 -3.22 -10.86 26.19
CA ARG B 516 -4.68 -10.97 26.38
C ARG B 516 -5.37 -9.73 25.85
N ILE B 517 -6.51 -9.92 25.22
CA ILE B 517 -7.44 -8.81 24.90
C ILE B 517 -8.66 -9.04 25.79
N ARG B 518 -8.93 -8.04 26.61
CA ARG B 518 -9.84 -8.16 27.78
C ARG B 518 -10.85 -6.99 27.76
N THR B 519 -12.14 -7.32 27.83
CA THR B 519 -13.14 -6.31 28.25
C THR B 519 -13.11 -6.21 29.78
N VAL B 520 -12.85 -5.02 30.30
CA VAL B 520 -12.72 -4.78 31.76
C VAL B 520 -14.09 -5.00 32.42
N ARG B 521 -14.09 -5.73 33.53
CA ARG B 521 -15.25 -5.93 34.42
C ARG B 521 -15.63 -4.59 35.07
N MET C 21 19.47 25.54 -8.49
CA MET C 21 18.88 25.60 -7.12
C MET C 21 17.90 26.77 -7.06
N ASN C 22 16.62 26.50 -7.27
CA ASN C 22 15.56 27.53 -7.37
C ASN C 22 14.60 27.36 -6.20
N LYS C 23 14.18 28.47 -5.62
CA LYS C 23 13.33 28.43 -4.40
C LYS C 23 11.91 28.13 -4.85
N ARG C 24 11.38 26.98 -4.45
CA ARG C 24 10.08 26.51 -4.92
C ARG C 24 8.98 27.15 -4.11
N VAL C 25 9.18 27.31 -2.81
CA VAL C 25 8.15 27.88 -1.92
C VAL C 25 8.15 29.41 -2.11
N LYS C 26 6.98 30.01 -2.28
CA LYS C 26 6.89 31.45 -2.68
C LYS C 26 6.91 32.31 -1.41
N ILE C 27 7.43 33.53 -1.51
CA ILE C 27 7.40 34.50 -0.39
C ILE C 27 6.47 35.67 -0.75
N VAL C 28 5.51 35.95 0.11
CA VAL C 28 4.79 37.25 0.20
C VAL C 28 5.53 38.12 1.22
N ALA C 29 6.09 39.25 0.80
CA ALA C 29 6.64 40.28 1.72
C ALA C 29 5.68 41.48 1.79
N THR C 30 5.12 41.78 2.97
CA THR C 30 4.29 42.99 3.22
C THR C 30 5.19 44.22 3.12
N LEU C 31 4.70 45.28 2.47
CA LEU C 31 5.51 46.50 2.33
C LEU C 31 5.01 47.56 3.32
N GLY C 32 5.89 48.50 3.63
CA GLY C 32 5.59 49.54 4.60
C GLY C 32 6.78 50.46 4.75
N PRO C 33 6.79 51.28 5.81
CA PRO C 33 7.83 52.29 5.96
C PRO C 33 9.25 51.72 6.14
N ALA C 34 9.35 50.47 6.61
CA ALA C 34 10.66 49.85 6.89
C ALA C 34 11.56 49.97 5.67
N VAL C 35 11.05 49.84 4.45
CA VAL C 35 11.93 49.88 3.24
C VAL C 35 11.95 51.28 2.62
N GLU C 36 11.14 52.22 3.13
CA GLU C 36 10.99 53.57 2.51
C GLU C 36 11.96 54.57 3.13
N ILE C 37 12.70 55.24 2.25
CA ILE C 37 13.65 56.33 2.62
C ILE C 37 12.90 57.63 2.45
N ARG C 38 12.95 58.50 3.47
CA ARG C 38 12.32 59.84 3.38
C ARG C 38 13.39 60.88 3.69
N GLY C 39 13.69 61.74 2.72
CA GLY C 39 14.68 62.81 2.90
C GLY C 39 15.96 62.22 3.43
N GLY C 40 16.37 61.08 2.85
CA GLY C 40 17.62 60.36 3.16
C GLY C 40 17.59 59.72 4.54
N LYS C 41 16.44 59.69 5.22
CA LYS C 41 16.32 59.07 6.56
C LYS C 41 15.69 57.69 6.41
N LYS C 42 16.10 56.74 7.26
CA LYS C 42 15.52 55.38 7.37
C LYS C 42 14.47 55.42 8.48
N PHE C 43 13.49 54.51 8.39
CA PHE C 43 12.33 54.44 9.31
C PHE C 43 12.90 54.39 10.74
N GLY C 44 12.30 55.15 11.67
CA GLY C 44 12.72 55.25 13.09
C GLY C 44 13.82 56.29 13.35
N GLU C 45 14.46 56.86 12.34
CA GLU C 45 15.41 58.00 12.56
C GLU C 45 14.61 59.29 12.86
N ASP C 46 15.19 60.21 13.63
CA ASP C 46 14.50 61.48 14.01
C ASP C 46 14.10 62.29 12.76
N GLY C 47 12.84 62.75 12.72
CA GLY C 47 12.29 63.63 11.68
C GLY C 47 11.93 62.89 10.41
N TYR C 48 12.00 61.54 10.42
CA TYR C 48 11.68 60.66 9.26
C TYR C 48 10.35 61.09 8.62
N TRP C 49 9.28 61.17 9.41
CA TRP C 49 7.89 61.41 8.92
C TRP C 49 7.77 62.84 8.38
N GLY C 50 8.65 63.76 8.76
CA GLY C 50 8.62 65.16 8.30
C GLY C 50 9.10 65.33 6.86
N GLU C 51 9.68 64.28 6.26
CA GLU C 51 10.36 64.36 4.94
C GLU C 51 9.44 63.69 3.92
N LYS C 52 9.62 64.03 2.65
CA LYS C 52 8.85 63.38 1.55
C LYS C 52 9.53 62.07 1.16
N LEU C 53 8.78 61.17 0.53
CA LEU C 53 9.30 59.85 0.11
C LEU C 53 10.35 60.04 -0.99
N ASP C 54 11.51 59.40 -0.85
CA ASP C 54 12.54 59.26 -1.91
C ASP C 54 12.17 58.01 -2.72
N VAL C 55 11.65 58.19 -3.94
CA VAL C 55 11.07 57.07 -4.74
C VAL C 55 12.21 56.23 -5.33
N GLU C 56 13.30 56.84 -5.77
CA GLU C 56 14.47 56.16 -6.40
C GLU C 56 15.19 55.33 -5.32
N ALA C 57 15.37 55.88 -4.11
CA ALA C 57 16.16 55.24 -3.03
C ALA C 57 15.31 54.10 -2.46
N SER C 58 14.00 54.27 -2.39
CA SER C 58 13.04 53.30 -1.83
C SER C 58 12.91 52.11 -2.79
N ALA C 59 12.83 52.40 -4.10
CA ALA C 59 12.73 51.41 -5.18
C ALA C 59 13.99 50.54 -5.19
N LYS C 60 15.17 51.13 -4.97
CA LYS C 60 16.45 50.37 -4.90
C LYS C 60 16.36 49.40 -3.73
N ASN C 61 15.81 49.82 -2.59
CA ASN C 61 15.64 48.94 -1.40
C ASN C 61 14.68 47.80 -1.77
N ILE C 62 13.55 48.10 -2.40
CA ILE C 62 12.49 47.10 -2.73
C ILE C 62 13.06 46.09 -3.74
N ALA C 63 13.86 46.54 -4.70
CA ALA C 63 14.53 45.69 -5.71
C ALA C 63 15.40 44.63 -5.06
N LYS C 64 16.02 44.99 -3.94
CA LYS C 64 16.90 44.09 -3.16
C LYS C 64 16.04 42.96 -2.57
N LEU C 65 14.81 43.27 -2.18
CA LEU C 65 13.86 42.28 -1.60
C LEU C 65 13.47 41.30 -2.71
N ILE C 66 13.35 41.80 -3.93
CA ILE C 66 13.10 40.92 -5.12
C ILE C 66 14.31 40.01 -5.36
N GLU C 67 15.53 40.54 -5.43
CA GLU C 67 16.76 39.71 -5.65
C GLU C 67 16.82 38.61 -4.58
N ALA C 68 16.47 38.93 -3.33
CA ALA C 68 16.52 38.04 -2.15
C ALA C 68 15.48 36.91 -2.23
N GLY C 69 14.31 37.15 -2.83
CA GLY C 69 13.38 36.09 -3.24
C GLY C 69 11.94 36.36 -2.92
N ALA C 70 11.53 37.62 -2.72
CA ALA C 70 10.12 38.02 -2.60
C ALA C 70 9.44 37.81 -3.96
N ASN C 71 8.28 37.13 -3.97
CA ASN C 71 7.54 36.74 -5.21
C ASN C 71 6.28 37.62 -5.35
N THR C 72 5.78 38.20 -4.26
CA THR C 72 4.53 38.99 -4.23
C THR C 72 4.67 40.02 -3.10
N PHE C 73 4.09 41.22 -3.27
CA PHE C 73 4.06 42.26 -2.22
C PHE C 73 2.65 42.40 -1.74
N ARG C 74 2.49 42.40 -0.43
CA ARG C 74 1.21 42.61 0.25
C ARG C 74 1.17 44.10 0.61
N PHE C 75 0.08 44.74 0.19
CA PHE C 75 -0.33 46.11 0.59
C PHE C 75 -1.47 45.96 1.57
N ASN C 76 -1.22 46.19 2.85
CA ASN C 76 -2.19 45.97 3.95
C ASN C 76 -3.00 47.24 4.15
N PHE C 77 -4.31 47.19 3.88
CA PHE C 77 -5.19 48.38 3.80
C PHE C 77 -5.71 48.69 5.20
N SER C 78 -5.30 47.90 6.21
CA SER C 78 -5.56 48.16 7.65
C SER C 78 -4.85 49.47 8.09
N HIS C 79 -3.81 49.90 7.38
CA HIS C 79 -2.89 50.99 7.79
C HIS C 79 -2.39 51.72 6.54
N GLY C 80 -2.56 53.04 6.49
CA GLY C 80 -2.13 53.90 5.37
C GLY C 80 -3.32 54.36 4.54
N ASP C 81 -3.25 55.57 4.00
CA ASP C 81 -4.26 56.15 3.08
C ASP C 81 -3.96 55.66 1.65
N HIS C 82 -4.84 55.96 0.70
CA HIS C 82 -4.71 55.55 -0.71
C HIS C 82 -3.42 56.16 -1.29
N GLN C 83 -3.10 57.42 -0.97
CA GLN C 83 -1.89 58.09 -1.51
C GLN C 83 -0.64 57.30 -1.08
N GLU C 84 -0.52 56.95 0.21
CA GLU C 84 0.62 56.13 0.74
C GLU C 84 0.67 54.80 -0.04
N GLN C 85 -0.47 54.11 -0.15
CA GLN C 85 -0.57 52.79 -0.85
C GLN C 85 -0.16 52.96 -2.32
N GLY C 86 -0.70 53.97 -3.02
CA GLY C 86 -0.45 54.22 -4.46
C GLY C 86 1.01 54.48 -4.75
N GLU C 87 1.67 55.33 -3.94
CA GLU C 87 3.11 55.67 -4.08
C GLU C 87 3.95 54.40 -3.87
N ARG C 88 3.50 53.54 -2.96
CA ARG C 88 4.21 52.29 -2.59
C ARG C 88 4.21 51.34 -3.79
N MET C 89 3.04 51.07 -4.34
CA MET C 89 2.85 50.23 -5.56
C MET C 89 3.64 50.81 -6.73
N ALA C 90 3.66 52.13 -6.87
CA ALA C 90 4.43 52.80 -7.94
C ALA C 90 5.91 52.59 -7.64
N THR C 91 6.29 52.61 -6.36
CA THR C 91 7.70 52.32 -6.02
C THR C 91 8.02 50.89 -6.49
N VAL C 92 7.08 49.96 -6.29
CA VAL C 92 7.23 48.49 -6.58
C VAL C 92 7.42 48.34 -8.09
N LYS C 93 6.54 48.99 -8.87
CA LYS C 93 6.60 49.00 -10.35
C LYS C 93 7.99 49.49 -10.80
N LEU C 94 8.55 50.50 -10.13
CA LEU C 94 9.95 50.94 -10.44
C LEU C 94 10.95 49.88 -9.99
N ALA C 95 10.66 49.21 -8.87
CA ALA C 95 11.57 48.19 -8.27
C ALA C 95 11.89 47.08 -9.30
N GLU C 96 10.87 46.58 -9.98
CA GLU C 96 10.98 45.44 -10.93
C GLU C 96 12.02 45.74 -12.01
N LYS C 97 12.04 46.99 -12.49
CA LYS C 97 12.93 47.44 -13.58
C LYS C 97 14.36 47.50 -13.05
N ILE C 98 14.54 47.84 -11.77
CA ILE C 98 15.90 47.82 -11.19
C ILE C 98 16.29 46.35 -11.06
N ALA C 99 15.36 45.51 -10.60
CA ALA C 99 15.63 44.08 -10.31
C ALA C 99 15.75 43.30 -11.63
N GLY C 100 14.99 43.67 -12.65
CA GLY C 100 14.88 42.93 -13.93
C GLY C 100 14.11 41.64 -13.74
N LYS C 101 13.24 41.61 -12.73
CA LYS C 101 12.34 40.47 -12.42
C LYS C 101 11.02 41.08 -11.99
N LYS C 102 9.90 40.49 -12.41
CA LYS C 102 8.55 40.95 -12.03
C LYS C 102 8.15 40.25 -10.72
N VAL C 103 7.10 40.76 -10.08
CA VAL C 103 6.56 40.23 -8.81
C VAL C 103 5.07 40.48 -8.85
N GLY C 104 4.33 39.75 -8.01
CA GLY C 104 2.89 39.85 -7.88
C GLY C 104 2.50 40.98 -6.94
N PHE C 105 1.25 41.43 -7.02
CA PHE C 105 0.69 42.58 -6.29
C PHE C 105 -0.53 42.07 -5.56
N LEU C 106 -0.48 42.09 -4.22
CA LEU C 106 -1.56 41.54 -3.38
C LEU C 106 -2.07 42.67 -2.53
N LEU C 107 -3.39 42.79 -2.48
CA LEU C 107 -4.10 43.75 -1.64
C LEU C 107 -4.79 42.98 -0.53
N ASP C 108 -4.60 43.42 0.72
CA ASP C 108 -5.15 42.78 1.93
C ASP C 108 -6.10 43.79 2.56
N THR C 109 -7.32 43.39 2.85
CA THR C 109 -8.41 44.33 3.24
C THR C 109 -8.44 44.57 4.75
N LYS C 110 -8.86 45.77 5.15
CA LYS C 110 -9.03 46.07 6.59
C LYS C 110 -10.01 45.04 7.14
N GLY C 111 -11.18 44.92 6.50
CA GLY C 111 -12.23 44.03 7.00
C GLY C 111 -12.82 44.51 8.32
N PRO C 112 -13.50 43.64 9.07
CA PRO C 112 -14.26 44.05 10.25
C PRO C 112 -13.49 44.15 11.58
N GLU C 113 -12.41 44.90 11.59
CA GLU C 113 -11.52 45.11 12.78
C GLU C 113 -12.21 45.92 13.86
N ILE C 114 -12.04 45.54 15.13
CA ILE C 114 -12.37 46.34 16.35
C ILE C 114 -11.05 46.81 16.96
N ARG C 115 -10.98 48.05 17.42
CA ARG C 115 -9.75 48.61 18.02
C ARG C 115 -10.13 49.40 19.28
N THR C 116 -9.17 49.57 20.19
CA THR C 116 -9.35 50.48 21.32
C THR C 116 -9.28 51.91 20.78
N GLU C 117 -10.04 52.81 21.39
CA GLU C 117 -10.03 54.23 20.95
C GLU C 117 -8.81 54.91 21.57
N LEU C 118 -8.56 56.15 21.15
CA LEU C 118 -7.68 57.09 21.88
C LEU C 118 -8.27 57.28 23.28
N PHE C 119 -7.41 57.59 24.27
CA PHE C 119 -7.79 57.91 25.66
C PHE C 119 -7.91 59.42 25.80
N GLU C 120 -8.80 59.86 26.68
CA GLU C 120 -8.95 61.31 27.01
C GLU C 120 -7.66 61.79 27.66
N GLY C 121 -7.30 63.06 27.49
CA GLY C 121 -6.09 63.64 28.09
C GLY C 121 -4.81 63.08 27.50
N GLU C 122 -4.89 62.48 26.31
CA GLU C 122 -3.73 62.03 25.48
C GLU C 122 -2.96 60.88 26.15
N ALA C 123 -3.46 60.33 27.28
CA ALA C 123 -2.89 59.13 27.94
C ALA C 123 -2.74 58.03 26.89
N LYS C 124 -1.62 57.33 26.86
CA LYS C 124 -1.31 56.32 25.82
C LYS C 124 -1.86 54.96 26.25
N GLU C 125 -1.81 54.63 27.55
CA GLU C 125 -2.18 53.29 28.08
C GLU C 125 -2.48 53.33 29.57
N TYR C 126 -3.13 52.29 30.08
CA TYR C 126 -3.31 51.98 31.52
C TYR C 126 -2.98 50.51 31.74
N SER C 127 -2.40 50.20 32.92
CA SER C 127 -2.19 48.80 33.38
C SER C 127 -3.29 48.42 34.36
N TYR C 128 -3.76 47.19 34.26
CA TYR C 128 -4.87 46.63 35.07
C TYR C 128 -4.36 45.40 35.81
N LYS C 129 -5.07 45.01 36.85
CA LYS C 129 -4.79 43.79 37.64
C LYS C 129 -6.03 42.91 37.63
N THR C 130 -5.83 41.60 37.64
CA THR C 130 -6.89 40.56 37.70
C THR C 130 -7.93 40.99 38.73
N GLY C 131 -9.22 40.75 38.48
CA GLY C 131 -10.30 41.02 39.45
C GLY C 131 -10.86 42.43 39.36
N GLU C 132 -10.06 43.41 38.89
CA GLU C 132 -10.51 44.80 38.63
C GLU C 132 -11.85 44.79 37.88
N LYS C 133 -12.73 45.72 38.22
CA LYS C 133 -14.07 45.88 37.59
C LYS C 133 -14.01 47.17 36.78
N ILE C 134 -14.18 47.09 35.46
CA ILE C 134 -14.19 48.26 34.55
C ILE C 134 -15.32 48.07 33.54
N ARG C 135 -15.35 48.91 32.51
CA ARG C 135 -16.45 48.97 31.53
C ARG C 135 -15.87 49.13 30.13
N VAL C 136 -16.58 48.57 29.15
CA VAL C 136 -16.32 48.73 27.70
C VAL C 136 -17.54 49.41 27.09
N ALA C 137 -17.34 50.56 26.47
CA ALA C 137 -18.40 51.38 25.84
C ALA C 137 -18.62 50.86 24.41
N THR C 138 -19.89 50.84 23.97
CA THR C 138 -20.31 50.47 22.60
C THR C 138 -20.55 51.71 21.74
N LYS C 139 -20.90 52.85 22.35
CA LYS C 139 -21.13 54.09 21.58
C LYS C 139 -19.86 54.41 20.79
N GLN C 140 -20.02 54.82 19.54
CA GLN C 140 -18.92 55.14 18.61
C GLN C 140 -18.60 56.63 18.63
N GLY C 141 -17.37 56.98 18.23
CA GLY C 141 -16.88 58.37 18.10
C GLY C 141 -16.44 58.96 19.42
N ILE C 142 -16.53 58.22 20.53
CA ILE C 142 -16.11 58.73 21.87
C ILE C 142 -14.71 58.23 22.20
N LYS C 143 -14.10 58.78 23.26
CA LYS C 143 -12.75 58.43 23.74
C LYS C 143 -12.85 57.55 24.98
N SER C 144 -11.81 56.76 25.24
CA SER C 144 -11.69 55.87 26.41
C SER C 144 -11.25 56.69 27.64
N THR C 145 -11.62 56.25 28.83
CA THR C 145 -10.96 56.61 30.11
C THR C 145 -10.36 55.32 30.69
N ARG C 146 -9.62 55.39 31.79
CA ARG C 146 -9.09 54.15 32.42
C ARG C 146 -10.29 53.23 32.76
N GLU C 147 -11.40 53.79 33.23
CA GLU C 147 -12.52 53.02 33.85
C GLU C 147 -13.52 52.60 32.76
N VAL C 148 -13.53 53.28 31.61
CA VAL C 148 -14.49 53.01 30.49
C VAL C 148 -13.73 53.01 29.16
N ILE C 149 -13.47 51.80 28.65
CA ILE C 149 -12.71 51.58 27.38
C ILE C 149 -13.67 51.75 26.21
N ALA C 150 -13.34 52.60 25.24
CA ALA C 150 -14.21 52.80 24.06
C ALA C 150 -13.62 52.07 22.85
N LEU C 151 -14.48 51.64 21.95
CA LEU C 151 -14.09 50.83 20.76
C LEU C 151 -14.28 51.64 19.49
N ASN C 152 -13.30 51.52 18.60
CA ASN C 152 -13.42 51.89 17.18
C ASN C 152 -13.89 50.62 16.43
N VAL C 153 -15.18 50.54 16.07
CA VAL C 153 -15.78 49.35 15.36
C VAL C 153 -15.86 49.65 13.87
N ALA C 154 -15.51 48.68 13.01
CA ALA C 154 -15.56 48.88 11.55
C ALA C 154 -16.98 49.32 11.19
N GLY C 155 -17.11 50.36 10.35
CA GLY C 155 -18.39 50.97 9.92
C GLY C 155 -19.22 51.52 11.07
N ALA C 156 -18.60 51.84 12.21
CA ALA C 156 -19.24 52.43 13.42
C ALA C 156 -20.45 51.61 13.86
N LEU C 157 -20.39 50.28 13.74
CA LEU C 157 -21.48 49.37 14.18
C LEU C 157 -21.69 49.46 15.70
N ASP C 158 -22.95 49.47 16.14
CA ASP C 158 -23.33 49.23 17.55
C ASP C 158 -23.30 47.72 17.72
N ILE C 159 -22.55 47.21 18.71
CA ILE C 159 -22.39 45.76 18.97
C ILE C 159 -23.10 45.38 20.27
N TYR C 160 -23.81 46.31 20.93
CA TYR C 160 -24.28 46.08 22.33
C TYR C 160 -25.17 44.84 22.38
N ASP C 161 -26.04 44.63 21.39
CA ASP C 161 -27.04 43.52 21.41
C ASP C 161 -26.39 42.22 20.92
N ASP C 162 -25.21 42.29 20.29
CA ASP C 162 -24.58 41.17 19.53
C ASP C 162 -23.45 40.51 20.32
N VAL C 163 -23.22 40.88 21.58
CA VAL C 163 -22.30 40.15 22.49
C VAL C 163 -23.01 39.93 23.82
N GLU C 164 -23.08 38.68 24.28
CA GLU C 164 -23.89 38.27 25.45
C GLU C 164 -22.99 38.29 26.69
N VAL C 165 -23.58 38.16 27.88
CA VAL C 165 -22.91 37.99 29.20
C VAL C 165 -22.17 36.64 29.17
N GLY C 166 -21.01 36.57 29.85
CA GLY C 166 -20.14 35.38 29.86
C GLY C 166 -19.15 35.36 28.70
N ARG C 167 -19.27 36.29 27.74
CA ARG C 167 -18.34 36.41 26.58
C ARG C 167 -17.03 37.10 27.00
N GLN C 168 -16.02 36.98 26.16
CA GLN C 168 -14.63 37.44 26.43
C GLN C 168 -14.28 38.52 25.40
N VAL C 169 -13.79 39.68 25.87
CA VAL C 169 -13.20 40.76 25.03
C VAL C 169 -11.68 40.74 25.26
N LEU C 170 -10.90 40.57 24.19
CA LEU C 170 -9.44 40.42 24.27
C LEU C 170 -8.77 41.61 23.60
N VAL C 171 -7.74 42.17 24.24
CA VAL C 171 -7.03 43.39 23.77
C VAL C 171 -5.57 43.05 23.50
N ASP C 172 -5.07 43.51 22.37
CA ASP C 172 -3.63 43.54 21.97
C ASP C 172 -3.17 42.10 21.82
N ASP C 173 -3.38 41.53 20.62
CA ASP C 173 -2.92 40.16 20.30
C ASP C 173 -3.44 39.19 21.35
N GLY C 174 -4.60 39.48 21.92
CA GLY C 174 -5.24 38.59 22.90
C GLY C 174 -4.47 38.44 24.20
N LYS C 175 -3.66 39.43 24.58
CA LYS C 175 -2.78 39.35 25.78
C LYS C 175 -3.65 39.61 27.01
N LEU C 176 -4.63 40.52 26.91
CA LEU C 176 -5.45 40.93 28.09
C LEU C 176 -6.92 40.52 27.90
N GLY C 177 -7.44 39.75 28.83
CA GLY C 177 -8.81 39.20 28.80
C GLY C 177 -9.73 39.99 29.69
N LEU C 178 -10.86 40.43 29.15
CA LEU C 178 -11.96 41.10 29.90
C LEU C 178 -13.17 40.18 29.86
N ARG C 179 -13.67 39.71 31.00
CA ARG C 179 -14.87 38.84 31.03
C ARG C 179 -16.15 39.70 31.18
N VAL C 180 -17.06 39.63 30.23
CA VAL C 180 -18.39 40.32 30.32
C VAL C 180 -19.22 39.66 31.44
N VAL C 181 -19.51 40.39 32.52
CA VAL C 181 -20.29 39.92 33.72
C VAL C 181 -21.72 40.49 33.69
N ALA C 182 -21.95 41.67 33.11
CA ALA C 182 -23.29 42.28 32.99
C ALA C 182 -23.29 43.29 31.84
N LYS C 183 -24.49 43.64 31.37
CA LYS C 183 -24.74 44.65 30.31
C LYS C 183 -25.66 45.74 30.90
N ASP C 184 -25.20 47.00 30.83
CA ASP C 184 -25.91 48.18 31.38
C ASP C 184 -26.67 48.86 30.23
N ASP C 185 -27.98 48.59 30.15
CA ASP C 185 -28.87 49.08 29.05
C ASP C 185 -28.83 50.61 29.02
N ALA C 186 -28.82 51.26 30.19
CA ALA C 186 -28.85 52.73 30.34
C ALA C 186 -27.69 53.37 29.57
N THR C 187 -26.49 52.79 29.66
CA THR C 187 -25.23 53.33 29.07
C THR C 187 -24.82 52.52 27.82
N ARG C 188 -25.43 51.35 27.58
CA ARG C 188 -25.03 50.42 26.48
C ARG C 188 -23.52 50.13 26.62
N GLU C 189 -23.11 49.79 27.84
CA GLU C 189 -21.71 49.45 28.21
C GLU C 189 -21.72 48.00 28.70
N PHE C 190 -20.61 47.28 28.48
CA PHE C 190 -20.33 45.97 29.12
C PHE C 190 -19.62 46.23 30.46
N GLU C 191 -20.13 45.61 31.53
CA GLU C 191 -19.39 45.48 32.79
C GLU C 191 -18.48 44.27 32.61
N VAL C 192 -17.16 44.48 32.66
CA VAL C 192 -16.14 43.43 32.37
C VAL C 192 -15.24 43.30 33.59
N GLU C 193 -14.76 42.08 33.84
CA GLU C 193 -13.82 41.78 34.95
C GLU C 193 -12.47 41.47 34.29
N VAL C 194 -11.41 42.15 34.73
CA VAL C 194 -10.05 41.89 34.17
C VAL C 194 -9.65 40.47 34.60
N GLU C 195 -9.33 39.61 33.62
CA GLU C 195 -9.06 38.16 33.77
C GLU C 195 -7.60 37.94 34.16
N ASN C 196 -6.70 38.85 33.82
CA ASN C 196 -5.23 38.71 34.05
C ASN C 196 -4.56 40.08 34.03
N ASP C 197 -3.41 40.21 34.69
CA ASP C 197 -2.61 41.47 34.69
C ASP C 197 -2.28 41.82 33.24
N GLY C 198 -2.49 43.07 32.83
CA GLY C 198 -2.12 43.48 31.47
C GLY C 198 -2.35 44.94 31.22
N ILE C 199 -2.02 45.36 30.00
CA ILE C 199 -2.07 46.77 29.52
C ILE C 199 -3.18 46.91 28.48
N ILE C 200 -3.93 48.01 28.54
CA ILE C 200 -4.86 48.44 27.45
C ILE C 200 -4.30 49.76 26.93
N ALA C 201 -3.63 49.74 25.79
CA ALA C 201 -3.09 50.92 25.08
C ALA C 201 -4.06 51.34 23.97
N LYS C 202 -3.88 52.55 23.44
CA LYS C 202 -4.78 53.14 22.42
C LYS C 202 -4.52 52.44 21.10
N GLN C 203 -5.58 52.29 20.29
CA GLN C 203 -5.46 51.85 18.88
C GLN C 203 -4.81 50.46 18.80
N LYS C 204 -5.17 49.58 19.73
CA LYS C 204 -4.77 48.15 19.71
C LYS C 204 -5.94 47.28 19.24
N GLY C 205 -5.62 46.16 18.60
CA GLY C 205 -6.62 45.17 18.14
C GLY C 205 -7.45 44.64 19.30
N VAL C 206 -8.76 44.57 19.09
CA VAL C 206 -9.74 43.95 20.02
C VAL C 206 -10.38 42.80 19.27
N ASN C 207 -10.61 41.69 19.98
CA ASN C 207 -11.23 40.46 19.43
C ASN C 207 -12.33 40.06 20.39
N ILE C 208 -13.48 39.69 19.83
CA ILE C 208 -14.61 39.15 20.62
C ILE C 208 -14.99 37.83 19.97
N PRO C 209 -14.25 36.74 20.29
CA PRO C 209 -14.46 35.44 19.69
C PRO C 209 -15.82 34.78 19.98
N ASN C 210 -16.22 33.88 19.08
CA ASN C 210 -17.47 33.07 19.15
C ASN C 210 -18.70 33.99 19.31
N THR C 211 -18.73 35.10 18.56
CA THR C 211 -19.88 36.02 18.44
C THR C 211 -20.26 36.10 16.97
N LYS C 212 -21.43 36.68 16.65
CA LYS C 212 -21.89 36.89 15.27
C LYS C 212 -22.30 38.36 15.14
N ILE C 213 -21.32 39.27 15.21
CA ILE C 213 -21.53 40.72 14.98
C ILE C 213 -21.83 40.87 13.49
N PRO C 214 -23.00 41.45 13.14
CA PRO C 214 -23.42 41.52 11.74
C PRO C 214 -22.63 42.49 10.85
N PHE C 215 -21.35 42.22 10.61
CA PHE C 215 -20.57 43.02 9.63
C PHE C 215 -21.15 42.72 8.26
N PRO C 216 -21.32 43.73 7.39
CA PRO C 216 -21.80 43.48 6.02
C PRO C 216 -20.88 42.45 5.36
N ALA C 217 -21.38 41.68 4.40
CA ALA C 217 -20.60 40.69 3.63
C ALA C 217 -19.47 41.41 2.92
N LEU C 218 -19.75 42.62 2.43
CA LEU C 218 -18.71 43.59 2.00
C LEU C 218 -19.14 44.97 2.55
N ALA C 219 -18.18 45.66 3.17
CA ALA C 219 -18.31 47.02 3.77
C ALA C 219 -17.86 48.04 2.75
N GLU C 220 -18.40 49.27 2.81
CA GLU C 220 -18.16 50.27 1.75
C GLU C 220 -16.67 50.57 1.76
N ARG C 221 -16.07 50.58 2.96
CA ARG C 221 -14.62 50.85 3.10
C ARG C 221 -13.84 49.78 2.32
N ASP C 222 -14.20 48.52 2.51
CA ASP C 222 -13.55 47.37 1.79
C ASP C 222 -13.92 47.45 0.31
N ASN C 223 -15.20 47.67 0.00
CA ASN C 223 -15.62 47.96 -1.41
C ASN C 223 -14.70 49.01 -2.03
N ASP C 224 -14.56 50.17 -1.37
CA ASP C 224 -13.77 51.33 -1.87
C ASP C 224 -12.30 50.97 -2.02
N ASP C 225 -11.76 50.28 -1.01
CA ASP C 225 -10.32 49.94 -1.00
C ASP C 225 -10.04 49.03 -2.21
N ILE C 226 -10.84 47.98 -2.35
CA ILE C 226 -10.70 47.01 -3.47
C ILE C 226 -10.73 47.79 -4.81
N ARG C 227 -11.72 48.67 -5.00
CA ARG C 227 -11.85 49.40 -6.30
C ARG C 227 -10.59 50.24 -6.55
N PHE C 228 -10.05 50.91 -5.53
CA PHE C 228 -8.79 51.69 -5.67
C PHE C 228 -7.68 50.76 -6.16
N GLY C 229 -7.48 49.65 -5.46
CA GLY C 229 -6.34 48.75 -5.76
C GLY C 229 -6.41 48.27 -7.21
N LEU C 230 -7.60 47.91 -7.65
CA LEU C 230 -7.87 47.45 -9.05
C LEU C 230 -7.47 48.54 -10.06
N GLU C 231 -7.76 49.81 -9.76
CA GLU C 231 -7.40 50.92 -10.68
C GLU C 231 -5.87 50.94 -10.77
N GLN C 232 -5.14 50.73 -9.66
CA GLN C 232 -3.64 50.79 -9.69
C GLN C 232 -3.11 49.57 -10.44
N GLY C 233 -3.79 48.43 -10.30
CA GLY C 233 -3.44 47.14 -10.93
C GLY C 233 -2.98 46.12 -9.89
N ILE C 234 -3.89 45.28 -9.38
CA ILE C 234 -3.57 44.20 -8.40
C ILE C 234 -3.75 42.82 -9.08
N ASN C 235 -2.88 41.87 -8.74
CA ASN C 235 -2.95 40.43 -9.15
C ASN C 235 -3.80 39.63 -8.15
N PHE C 236 -3.76 39.91 -6.83
CA PHE C 236 -4.52 39.17 -5.78
C PHE C 236 -5.16 40.09 -4.75
N ILE C 237 -6.25 39.64 -4.16
CA ILE C 237 -6.90 40.21 -2.97
C ILE C 237 -6.92 39.15 -1.88
N ALA C 238 -6.46 39.47 -0.67
CA ALA C 238 -6.77 38.66 0.53
C ALA C 238 -7.89 39.33 1.32
N ILE C 239 -8.92 38.57 1.66
CA ILE C 239 -10.16 39.08 2.28
C ILE C 239 -10.16 38.72 3.76
N SER C 240 -10.19 39.72 4.66
CA SER C 240 -10.05 39.50 6.12
C SER C 240 -11.34 38.95 6.71
N PHE C 241 -11.18 38.04 7.66
CA PHE C 241 -12.27 37.49 8.50
C PHE C 241 -13.34 36.89 7.59
N VAL C 242 -12.97 36.28 6.46
CA VAL C 242 -13.94 35.53 5.60
C VAL C 242 -14.69 34.54 6.48
N ARG C 243 -16.03 34.64 6.59
CA ARG C 243 -16.84 33.71 7.42
C ARG C 243 -17.57 32.69 6.53
N THR C 244 -17.92 33.05 5.29
CA THR C 244 -18.68 32.19 4.36
C THR C 244 -18.32 32.54 2.93
N ALA C 245 -18.78 31.75 1.97
CA ALA C 245 -18.50 31.97 0.53
C ALA C 245 -19.02 33.36 0.11
N LYS C 246 -20.01 33.87 0.83
CA LYS C 246 -20.69 35.16 0.53
C LYS C 246 -19.62 36.27 0.47
N ASP C 247 -18.71 36.28 1.45
CA ASP C 247 -17.68 37.33 1.63
C ASP C 247 -16.70 37.24 0.46
N VAL C 248 -16.49 36.04 -0.11
CA VAL C 248 -15.59 35.95 -1.30
C VAL C 248 -16.32 36.46 -2.55
N ASN C 249 -17.58 36.07 -2.68
CA ASN C 249 -18.37 36.21 -3.94
C ASN C 249 -18.44 37.71 -4.32
N GLU C 250 -18.69 38.55 -3.32
CA GLU C 250 -18.93 40.01 -3.54
C GLU C 250 -17.64 40.64 -4.10
N VAL C 251 -16.45 40.15 -3.72
CA VAL C 251 -15.15 40.73 -4.20
C VAL C 251 -14.91 40.28 -5.66
N ARG C 252 -15.34 39.05 -5.95
CA ARG C 252 -15.26 38.44 -7.30
C ARG C 252 -15.99 39.38 -8.29
N ALA C 253 -17.27 39.66 -8.01
CA ALA C 253 -18.16 40.60 -8.77
C ALA C 253 -17.43 41.88 -9.18
N ILE C 254 -16.77 42.58 -8.25
CA ILE C 254 -16.07 43.85 -8.58
C ILE C 254 -14.94 43.57 -9.59
N CYS C 255 -14.16 42.49 -9.36
CA CYS C 255 -12.95 42.18 -10.17
C CYS C 255 -13.38 41.99 -11.64
N GLU C 256 -14.55 41.39 -11.86
CA GLU C 256 -15.08 41.10 -13.22
C GLU C 256 -15.55 42.44 -13.84
N GLU C 257 -16.39 43.18 -13.10
CA GLU C 257 -17.11 44.38 -13.56
C GLU C 257 -16.12 45.45 -14.02
N THR C 258 -14.90 45.47 -13.48
CA THR C 258 -13.81 46.43 -13.81
C THR C 258 -12.90 45.91 -14.93
N GLY C 259 -13.18 44.73 -15.49
CA GLY C 259 -12.31 44.04 -16.47
C GLY C 259 -11.08 43.46 -15.78
N ASN C 260 -11.19 43.18 -14.49
CA ASN C 260 -10.06 42.68 -13.66
C ASN C 260 -10.36 41.23 -13.22
N GLY C 261 -11.35 40.56 -13.85
CA GLY C 261 -11.83 39.19 -13.50
C GLY C 261 -10.72 38.15 -13.35
N HIS C 262 -9.52 38.46 -13.87
CA HIS C 262 -8.24 37.71 -13.71
C HIS C 262 -7.72 37.71 -12.27
N VAL C 263 -8.39 38.38 -11.35
CA VAL C 263 -7.87 38.63 -9.96
C VAL C 263 -8.23 37.43 -9.09
N GLN C 264 -7.20 36.85 -8.46
CA GLN C 264 -7.36 35.66 -7.59
C GLN C 264 -7.65 36.15 -6.19
N LEU C 265 -8.66 35.55 -5.57
CA LEU C 265 -9.09 35.84 -4.20
C LEU C 265 -8.58 34.75 -3.23
N PHE C 266 -7.80 35.16 -2.24
CA PHE C 266 -7.49 34.33 -1.05
C PHE C 266 -8.39 34.75 0.11
N ALA C 267 -9.25 33.85 0.55
CA ALA C 267 -10.03 33.98 1.78
C ALA C 267 -9.09 33.89 2.99
N LYS C 268 -9.15 34.84 3.91
CA LYS C 268 -8.38 34.77 5.16
C LYS C 268 -9.22 34.05 6.19
N ILE C 269 -8.74 32.90 6.67
CA ILE C 269 -9.40 32.18 7.78
C ILE C 269 -8.79 32.70 9.08
N GLU C 270 -9.61 33.32 9.92
CA GLU C 270 -9.10 34.04 11.13
C GLU C 270 -9.98 33.74 12.32
N ASN C 271 -11.03 32.95 12.18
CA ASN C 271 -12.01 32.82 13.28
C ASN C 271 -12.73 31.48 13.15
N GLN C 272 -13.50 31.15 14.17
CA GLN C 272 -14.15 29.82 14.27
C GLN C 272 -15.07 29.63 13.05
N GLN C 273 -15.81 30.66 12.64
CA GLN C 273 -16.80 30.55 11.55
C GLN C 273 -16.10 30.21 10.23
N GLY C 274 -15.00 30.88 9.92
CA GLY C 274 -14.16 30.59 8.75
C GLY C 274 -13.72 29.14 8.73
N ILE C 275 -13.35 28.59 9.89
CA ILE C 275 -12.90 27.17 10.02
C ILE C 275 -14.12 26.24 9.83
N ASP C 276 -15.21 26.50 10.55
CA ASP C 276 -16.51 25.77 10.46
C ASP C 276 -17.04 25.69 9.01
N ASN C 277 -16.77 26.68 8.15
CA ASN C 277 -17.32 26.78 6.77
C ASN C 277 -16.18 26.65 5.76
N LEU C 278 -15.05 26.06 6.18
CA LEU C 278 -13.83 26.09 5.34
C LEU C 278 -14.13 25.47 3.98
N ASP C 279 -14.86 24.35 3.93
CA ASP C 279 -15.11 23.65 2.64
C ASP C 279 -15.78 24.64 1.65
N GLU C 280 -16.83 25.36 2.04
CA GLU C 280 -17.53 26.27 1.08
C GLU C 280 -16.63 27.45 0.71
N ILE C 281 -15.82 27.94 1.67
CA ILE C 281 -14.88 29.07 1.39
C ILE C 281 -13.85 28.57 0.37
N ILE C 282 -13.31 27.37 0.56
CA ILE C 282 -12.31 26.86 -0.42
C ILE C 282 -12.98 26.80 -1.82
N GLU C 283 -14.21 26.35 -1.92
CA GLU C 283 -14.91 26.23 -3.25
C GLU C 283 -14.93 27.60 -3.97
N ALA C 284 -15.36 28.67 -3.29
CA ALA C 284 -15.49 30.06 -3.84
C ALA C 284 -14.14 30.71 -4.13
N ALA C 285 -13.10 30.38 -3.33
CA ALA C 285 -11.84 31.15 -3.39
C ALA C 285 -10.89 30.54 -4.41
N ASP C 286 -9.81 31.23 -4.71
CA ASP C 286 -8.67 30.69 -5.48
C ASP C 286 -7.58 30.14 -4.52
N GLY C 287 -7.80 30.20 -3.22
CA GLY C 287 -6.68 30.02 -2.28
C GLY C 287 -7.07 30.47 -0.89
N ILE C 288 -6.22 30.17 0.10
CA ILE C 288 -6.52 30.45 1.51
C ILE C 288 -5.27 31.08 2.12
N MET C 289 -5.48 32.11 2.94
CA MET C 289 -4.39 32.71 3.75
C MET C 289 -4.66 32.29 5.18
N ILE C 290 -3.69 31.57 5.79
CA ILE C 290 -3.86 31.09 7.19
C ILE C 290 -3.39 32.27 8.06
N ALA C 291 -4.32 33.01 8.63
CA ALA C 291 -4.09 34.30 9.32
C ALA C 291 -3.88 33.97 10.79
N ARG C 292 -2.67 33.52 11.14
CA ARG C 292 -2.46 32.89 12.46
C ARG C 292 -2.56 33.92 13.59
N GLY C 293 -2.49 35.22 13.27
CA GLY C 293 -2.62 36.29 14.29
C GLY C 293 -4.00 36.27 14.91
N ASP C 294 -5.02 36.71 14.14
CA ASP C 294 -6.42 36.63 14.62
C ASP C 294 -6.78 35.17 14.94
N MET C 295 -6.37 34.20 14.12
CA MET C 295 -6.71 32.78 14.38
C MET C 295 -6.29 32.40 15.80
N GLY C 296 -5.07 32.75 16.20
CA GLY C 296 -4.52 32.38 17.53
C GLY C 296 -5.26 33.05 18.67
N ILE C 297 -5.97 34.14 18.39
CA ILE C 297 -6.80 34.84 19.41
C ILE C 297 -8.23 34.25 19.43
N GLU C 298 -8.77 33.93 18.26
CA GLU C 298 -10.21 33.58 18.06
C GLU C 298 -10.46 32.09 18.36
N VAL C 299 -9.43 31.25 18.30
CA VAL C 299 -9.51 29.80 18.66
C VAL C 299 -8.43 29.52 19.72
N PRO C 300 -8.46 28.37 20.40
CA PRO C 300 -7.39 28.00 21.33
C PRO C 300 -6.00 28.16 20.68
N PHE C 301 -5.16 28.96 21.33
CA PHE C 301 -3.79 29.30 20.88
C PHE C 301 -3.03 28.02 20.51
N GLU C 302 -3.12 27.01 21.36
CA GLU C 302 -2.30 25.77 21.18
C GLU C 302 -2.92 24.85 20.10
N MET C 303 -4.04 25.25 19.46
CA MET C 303 -4.70 24.47 18.38
C MET C 303 -4.40 25.04 17.00
N VAL C 304 -3.77 26.20 16.90
CA VAL C 304 -3.40 26.80 15.59
C VAL C 304 -2.68 25.75 14.75
N PRO C 305 -1.67 24.97 15.26
CA PRO C 305 -0.98 24.04 14.38
C PRO C 305 -1.91 23.00 13.75
N VAL C 306 -2.97 22.62 14.44
CA VAL C 306 -3.92 21.59 13.91
C VAL C 306 -4.62 22.17 12.69
N TYR C 307 -5.09 23.41 12.82
CA TYR C 307 -5.86 24.10 11.76
C TYR C 307 -4.94 24.41 10.61
N GLN C 308 -3.69 24.84 10.86
CA GLN C 308 -2.70 25.10 9.79
C GLN C 308 -2.51 23.86 8.93
N LYS C 309 -2.26 22.70 9.54
CA LYS C 309 -1.93 21.48 8.78
C LYS C 309 -3.17 21.07 7.96
N MET C 310 -4.33 21.10 8.60
CA MET C 310 -5.67 20.72 8.07
C MET C 310 -5.99 21.61 6.85
N ILE C 311 -5.84 22.92 6.98
CA ILE C 311 -6.14 23.90 5.89
C ILE C 311 -5.19 23.66 4.72
N ILE C 312 -3.89 23.45 4.97
CA ILE C 312 -2.92 23.27 3.85
C ILE C 312 -3.27 21.98 3.08
N LYS C 313 -3.66 20.94 3.79
CA LYS C 313 -3.97 19.64 3.13
C LYS C 313 -5.19 19.88 2.23
N LYS C 314 -6.25 20.50 2.76
CA LYS C 314 -7.53 20.67 2.00
C LYS C 314 -7.34 21.57 0.77
N VAL C 315 -6.55 22.63 0.89
CA VAL C 315 -6.33 23.61 -0.21
C VAL C 315 -5.43 22.96 -1.28
N ASN C 316 -4.43 22.18 -0.89
CA ASN C 316 -3.63 21.45 -1.89
C ASN C 316 -4.55 20.47 -2.66
N ALA C 317 -5.42 19.75 -1.96
CA ALA C 317 -6.33 18.73 -2.52
C ALA C 317 -7.29 19.36 -3.56
N ALA C 318 -7.65 20.64 -3.40
CA ALA C 318 -8.52 21.41 -4.32
C ALA C 318 -7.71 22.06 -5.45
N GLY C 319 -6.39 21.90 -5.45
CA GLY C 319 -5.52 22.47 -6.48
C GLY C 319 -5.38 23.99 -6.40
N LYS C 320 -5.59 24.58 -5.22
CA LYS C 320 -5.60 26.04 -4.98
C LYS C 320 -4.37 26.45 -4.16
N VAL C 321 -4.18 27.76 -3.94
CA VAL C 321 -2.95 28.35 -3.31
C VAL C 321 -3.19 28.54 -1.81
N VAL C 322 -2.28 28.06 -0.96
CA VAL C 322 -2.37 28.27 0.52
C VAL C 322 -1.15 29.11 0.94
N ILE C 323 -1.39 30.15 1.73
CA ILE C 323 -0.33 31.07 2.23
C ILE C 323 -0.33 30.86 3.73
N THR C 324 0.82 30.52 4.31
CA THR C 324 1.00 30.45 5.77
C THR C 324 1.52 31.83 6.20
N ALA C 325 0.86 32.45 7.15
CA ALA C 325 1.06 33.90 7.44
C ALA C 325 1.12 34.16 8.95
N THR C 326 1.89 35.19 9.30
CA THR C 326 1.74 35.97 10.55
C THR C 326 2.69 35.42 11.60
N ASN C 327 3.67 36.25 11.94
CA ASN C 327 4.60 36.04 13.08
C ASN C 327 5.52 34.84 12.82
N MET C 328 5.81 34.52 11.56
CA MET C 328 6.70 33.39 11.17
C MET C 328 8.16 33.68 11.58
N LEU C 329 8.61 34.95 11.46
CA LEU C 329 9.96 35.38 11.89
C LEU C 329 9.83 36.63 12.75
N GLU C 330 8.84 36.66 13.65
CA GLU C 330 8.43 37.85 14.43
C GLU C 330 9.63 38.54 15.10
N THR C 331 10.57 37.81 15.70
CA THR C 331 11.65 38.49 16.47
C THR C 331 12.54 39.29 15.52
N MET C 332 12.52 39.02 14.21
CA MET C 332 13.39 39.73 13.22
C MET C 332 12.84 41.14 12.93
N THR C 333 11.71 41.50 13.52
CA THR C 333 11.18 42.88 13.52
C THR C 333 12.19 43.75 14.28
N GLU C 334 12.79 43.20 15.35
CA GLU C 334 13.67 43.96 16.29
C GLU C 334 15.13 43.49 16.22
N LYS C 335 15.40 42.25 15.79
CA LYS C 335 16.76 41.64 15.88
C LYS C 335 17.18 41.07 14.54
N PRO C 336 18.49 41.06 14.24
CA PRO C 336 19.01 40.64 12.95
C PRO C 336 19.01 39.12 12.75
N ARG C 337 18.58 38.35 13.75
CA ARG C 337 18.57 36.87 13.63
C ARG C 337 17.30 36.31 14.26
N ALA C 338 16.73 35.30 13.63
CA ALA C 338 15.47 34.70 14.10
C ALA C 338 15.79 33.78 15.28
N THR C 339 14.76 33.32 15.97
CA THR C 339 14.87 32.33 17.06
C THR C 339 14.92 30.91 16.47
N ARG C 340 15.32 29.91 17.27
CA ARG C 340 15.22 28.50 16.81
C ARG C 340 13.75 28.15 16.49
N SER C 341 12.80 28.62 17.29
CA SER C 341 11.37 28.25 17.16
C SER C 341 10.86 28.82 15.82
N GLU C 342 11.25 30.06 15.51
CA GLU C 342 10.85 30.72 14.23
C GLU C 342 11.39 29.93 13.06
N VAL C 343 12.65 29.52 13.11
CA VAL C 343 13.25 28.72 12.02
C VAL C 343 12.43 27.44 11.84
N SER C 344 12.06 26.78 12.95
CA SER C 344 11.24 25.54 12.95
C SER C 344 9.87 25.79 12.32
N ASP C 345 9.27 26.91 12.66
CA ASP C 345 7.91 27.30 12.21
C ASP C 345 7.92 27.45 10.69
N VAL C 346 8.83 28.26 10.15
CA VAL C 346 8.98 28.40 8.67
C VAL C 346 9.25 27.04 8.00
N PHE C 347 10.25 26.32 8.49
CA PHE C 347 10.66 25.02 7.93
C PHE C 347 9.45 24.07 7.85
N ASN C 348 8.68 23.97 8.94
CA ASN C 348 7.56 23.01 9.09
C ASN C 348 6.35 23.48 8.26
N ALA C 349 6.16 24.78 8.01
CA ALA C 349 5.08 25.19 7.06
C ALA C 349 5.40 24.62 5.68
N VAL C 350 6.67 24.60 5.28
CA VAL C 350 7.11 24.06 3.97
C VAL C 350 6.85 22.54 3.96
N ILE C 351 7.25 21.83 5.02
CA ILE C 351 6.99 20.37 5.12
C ILE C 351 5.47 20.10 5.09
N ASP C 352 4.66 20.92 5.74
CA ASP C 352 3.18 20.81 5.78
C ASP C 352 2.63 20.83 4.35
N GLY C 353 3.34 21.45 3.40
CA GLY C 353 2.92 21.54 2.00
C GLY C 353 2.48 22.94 1.58
N THR C 354 2.85 23.99 2.32
CA THR C 354 2.40 25.36 1.95
C THR C 354 2.93 25.71 0.56
N ASP C 355 2.15 26.50 -0.20
CA ASP C 355 2.67 27.09 -1.47
C ASP C 355 3.56 28.27 -1.14
N ALA C 356 3.15 29.05 -0.14
CA ALA C 356 3.84 30.30 0.19
C ALA C 356 3.92 30.49 1.71
N THR C 357 4.95 31.24 2.09
CA THR C 357 5.19 31.77 3.44
C THR C 357 5.14 33.29 3.37
N MET C 358 4.77 33.94 4.47
CA MET C 358 4.50 35.39 4.43
C MET C 358 5.24 36.08 5.57
N LEU C 359 5.67 37.31 5.28
CA LEU C 359 6.21 38.31 6.25
C LEU C 359 5.23 39.47 6.34
N SER C 360 4.93 39.91 7.56
CA SER C 360 4.05 41.07 7.85
C SER C 360 4.91 42.17 8.46
N GLY C 361 4.81 42.41 9.77
CA GLY C 361 5.64 43.40 10.48
C GLY C 361 7.11 43.30 10.14
N GLU C 362 7.64 42.07 9.98
CA GLU C 362 9.08 41.85 9.73
C GLU C 362 9.57 42.62 8.49
N SER C 363 8.77 42.68 7.43
CA SER C 363 9.18 43.36 6.16
C SER C 363 8.56 44.76 6.09
N ALA C 364 7.43 44.99 6.73
CA ALA C 364 6.69 46.27 6.62
C ALA C 364 7.27 47.30 7.60
N ASN C 365 7.50 46.89 8.86
CA ASN C 365 7.69 47.83 10.00
C ASN C 365 9.00 47.56 10.74
N GLY C 366 9.79 46.58 10.33
CA GLY C 366 10.94 46.09 11.11
C GLY C 366 12.24 46.80 10.78
N LYS C 367 13.26 46.56 11.61
CA LYS C 367 14.62 47.12 11.39
C LYS C 367 15.35 46.30 10.32
N TYR C 368 14.92 45.06 10.00
CA TYR C 368 15.71 44.17 9.10
C TYR C 368 14.85 43.53 8.00
N PRO C 369 14.21 44.34 7.13
CA PRO C 369 13.33 43.78 6.09
C PRO C 369 14.07 42.90 5.09
N LEU C 370 15.24 43.31 4.62
CA LEU C 370 15.99 42.53 3.60
C LEU C 370 16.49 41.22 4.24
N GLU C 371 17.06 41.30 5.44
CA GLU C 371 17.54 40.11 6.21
C GLU C 371 16.35 39.16 6.47
N SER C 372 15.15 39.66 6.77
CA SER C 372 13.93 38.84 7.02
C SER C 372 13.59 38.01 5.77
N VAL C 373 13.64 38.63 4.59
CA VAL C 373 13.33 37.93 3.32
C VAL C 373 14.46 36.94 3.03
N THR C 374 15.71 37.36 3.24
CA THR C 374 16.85 36.45 3.01
C THR C 374 16.72 35.23 3.92
N THR C 375 16.39 35.43 5.19
CA THR C 375 16.28 34.32 6.20
C THR C 375 15.18 33.35 5.76
N MET C 376 13.99 33.86 5.49
CA MET C 376 12.81 33.05 5.03
C MET C 376 13.17 32.29 3.77
N ALA C 377 13.91 32.91 2.83
CA ALA C 377 14.34 32.22 1.58
C ALA C 377 15.26 31.03 1.91
N THR C 378 16.27 31.26 2.74
CA THR C 378 17.25 30.23 3.10
C THR C 378 16.50 29.05 3.71
N ILE C 379 15.58 29.32 4.64
CA ILE C 379 14.86 28.22 5.37
C ILE C 379 13.99 27.49 4.34
N ASP C 380 13.26 28.25 3.52
CA ASP C 380 12.34 27.66 2.52
C ASP C 380 13.11 26.74 1.57
N LYS C 381 14.25 27.17 1.04
CA LYS C 381 15.10 26.39 0.12
C LYS C 381 15.66 25.16 0.85
N ASN C 382 15.98 25.29 2.12
CA ASN C 382 16.52 24.12 2.87
C ASN C 382 15.42 23.08 3.07
N ALA C 383 14.22 23.50 3.39
CA ALA C 383 13.08 22.62 3.65
C ALA C 383 12.63 21.93 2.37
N GLN C 384 12.72 22.57 1.21
CA GLN C 384 12.19 21.94 -0.02
C GLN C 384 13.01 20.67 -0.32
N ALA C 385 14.31 20.66 0.01
CA ALA C 385 15.24 19.52 -0.15
C ALA C 385 14.76 18.29 0.65
N LEU C 386 13.93 18.48 1.67
CA LEU C 386 13.43 17.36 2.54
C LEU C 386 12.01 16.94 2.17
N LEU C 387 11.41 17.55 1.15
CA LEU C 387 9.97 17.26 0.82
C LEU C 387 9.80 15.82 0.33
N ASN C 388 10.73 15.34 -0.49
CA ASN C 388 10.74 13.94 -1.00
C ASN C 388 10.55 12.95 0.15
N GLU C 389 11.40 13.07 1.18
CA GLU C 389 11.43 12.16 2.34
C GLU C 389 10.32 12.50 3.33
N TYR C 390 10.08 13.77 3.64
CA TYR C 390 9.27 14.16 4.82
C TYR C 390 7.98 14.90 4.46
N GLY C 391 7.80 15.33 3.21
CA GLY C 391 6.59 16.05 2.75
C GLY C 391 5.33 15.43 3.32
N ARG C 392 4.50 16.23 4.00
CA ARG C 392 3.22 15.77 4.61
C ARG C 392 2.11 15.65 3.54
N LEU C 393 2.24 16.30 2.38
CA LEU C 393 1.20 16.18 1.30
C LEU C 393 1.32 14.79 0.65
N ASP C 394 0.20 14.25 0.19
CA ASP C 394 0.15 12.86 -0.38
C ASP C 394 -0.59 12.92 -1.73
N SER C 395 0.12 13.23 -2.82
CA SER C 395 -0.44 13.34 -4.20
C SER C 395 -1.09 12.02 -4.65
N ASP C 396 -0.73 10.89 -4.04
CA ASP C 396 -1.21 9.54 -4.43
C ASP C 396 -2.71 9.42 -4.13
N SER C 397 -3.25 10.19 -3.19
CA SER C 397 -4.68 10.11 -2.75
C SER C 397 -5.63 10.76 -3.77
N PHE C 398 -5.15 11.72 -4.58
CA PHE C 398 -6.00 12.57 -5.47
C PHE C 398 -6.66 11.70 -6.53
N GLU C 399 -7.95 11.88 -6.76
CA GLU C 399 -8.67 11.15 -7.83
C GLU C 399 -8.37 11.91 -9.12
N ARG C 400 -7.71 11.25 -10.07
CA ARG C 400 -7.37 11.81 -11.42
C ARG C 400 -8.68 11.88 -12.25
N ASN C 401 -9.34 13.05 -12.26
CA ASN C 401 -10.59 13.30 -13.02
C ASN C 401 -10.24 13.51 -14.50
N SER C 402 -9.93 14.76 -14.89
CA SER C 402 -9.62 15.19 -16.28
C SER C 402 -8.39 14.44 -16.79
N LYS C 403 -8.10 14.57 -18.07
CA LYS C 403 -6.84 14.07 -18.68
C LYS C 403 -5.69 14.96 -18.19
N THR C 404 -6.00 16.22 -17.83
CA THR C 404 -5.03 17.21 -17.32
C THR C 404 -4.46 16.71 -15.98
N GLU C 405 -5.32 16.17 -15.11
CA GLU C 405 -4.92 15.55 -13.82
C GLU C 405 -3.98 14.39 -14.10
N VAL C 406 -4.37 13.47 -14.99
CA VAL C 406 -3.56 12.24 -15.27
C VAL C 406 -2.21 12.64 -15.89
N MET C 407 -2.20 13.63 -16.81
CA MET C 407 -0.94 14.22 -17.36
C MET C 407 -0.07 14.77 -16.19
N ALA C 408 -0.68 15.46 -15.24
CA ALA C 408 0.04 16.08 -14.10
C ALA C 408 0.69 14.98 -13.27
N SER C 409 -0.07 13.92 -12.97
CA SER C 409 0.38 12.73 -12.19
C SER C 409 1.55 12.03 -12.92
N ALA C 410 1.43 11.86 -14.22
CA ALA C 410 2.48 11.30 -15.09
C ALA C 410 3.75 12.15 -15.02
N VAL C 411 3.62 13.48 -15.03
CA VAL C 411 4.81 14.37 -14.93
C VAL C 411 5.45 14.10 -13.57
N LYS C 412 4.64 14.05 -12.50
CA LYS C 412 5.14 13.74 -11.14
C LYS C 412 5.98 12.45 -11.20
N ASP C 413 5.46 11.39 -11.83
CA ASP C 413 6.12 10.06 -11.84
C ASP C 413 7.46 10.15 -12.58
N ALA C 414 7.48 10.80 -13.75
CA ALA C 414 8.69 10.98 -14.58
C ALA C 414 9.79 11.65 -13.74
N THR C 415 9.45 12.64 -12.90
CA THR C 415 10.39 13.37 -12.03
C THR C 415 10.83 12.49 -10.82
N SER C 416 9.98 11.55 -10.37
CA SER C 416 10.28 10.54 -9.31
C SER C 416 11.19 9.44 -9.87
N SER C 417 10.93 9.01 -11.12
CA SER C 417 11.61 7.88 -11.81
C SER C 417 12.95 8.28 -12.39
N MET C 418 13.08 9.49 -12.94
CA MET C 418 14.38 9.94 -13.53
C MET C 418 14.80 11.27 -12.90
N ASP C 419 16.07 11.64 -13.13
CA ASP C 419 16.67 12.95 -12.82
C ASP C 419 16.15 13.96 -13.85
N ILE C 420 14.99 14.56 -13.57
CA ILE C 420 14.41 15.66 -14.39
C ILE C 420 14.88 17.00 -13.81
N LYS C 421 15.58 17.79 -14.62
CA LYS C 421 16.07 19.14 -14.24
C LYS C 421 14.87 20.07 -14.12
N LEU C 422 13.91 19.97 -15.05
CA LEU C 422 12.84 21.00 -15.18
C LEU C 422 11.63 20.45 -15.94
N VAL C 423 10.46 20.94 -15.57
CA VAL C 423 9.19 20.73 -16.28
C VAL C 423 8.81 22.05 -16.95
N VAL C 424 8.75 22.08 -18.27
CA VAL C 424 8.26 23.28 -19.02
C VAL C 424 6.83 23.00 -19.50
N THR C 425 5.90 23.89 -19.17
CA THR C 425 4.52 23.86 -19.73
C THR C 425 4.27 25.15 -20.51
N LEU C 426 3.62 25.03 -21.68
CA LEU C 426 3.05 26.19 -22.43
C LEU C 426 1.56 26.26 -22.12
N THR C 427 1.17 27.33 -21.42
CA THR C 427 -0.14 27.49 -20.77
C THR C 427 -0.67 28.88 -21.12
N LYS C 428 -1.89 28.94 -21.63
CA LYS C 428 -2.61 30.20 -21.96
C LYS C 428 -3.12 30.80 -20.64
N THR C 429 -3.86 29.98 -19.88
CA THR C 429 -4.62 30.40 -18.67
C THR C 429 -3.81 30.11 -17.40
N GLY C 430 -2.68 29.41 -17.52
CA GLY C 430 -1.89 28.88 -16.39
C GLY C 430 -2.40 27.55 -15.84
N HIS C 431 -3.53 27.01 -16.34
CA HIS C 431 -4.26 25.88 -15.70
C HIS C 431 -3.39 24.62 -15.65
N THR C 432 -2.52 24.35 -16.64
CA THR C 432 -1.61 23.18 -16.63
C THR C 432 -0.51 23.41 -15.58
N ALA C 433 -0.04 24.65 -15.42
CA ALA C 433 0.97 25.02 -14.40
C ALA C 433 0.37 24.75 -13.01
N ARG C 434 -0.91 25.08 -12.80
CA ARG C 434 -1.63 24.94 -11.50
C ARG C 434 -1.78 23.45 -11.12
N LEU C 435 -2.17 22.61 -12.07
CA LEU C 435 -2.32 21.14 -11.79
C LEU C 435 -0.94 20.48 -11.66
N ILE C 436 0.07 20.82 -12.46
CA ILE C 436 1.43 20.26 -12.27
C ILE C 436 1.95 20.66 -10.88
N SER C 437 1.81 21.94 -10.51
CA SER C 437 2.20 22.46 -9.17
C SER C 437 1.55 21.64 -8.05
N LYS C 438 0.25 21.39 -8.15
CA LYS C 438 -0.54 20.69 -7.14
C LYS C 438 0.14 19.36 -6.75
N TYR C 439 0.78 18.69 -7.72
CA TYR C 439 1.35 17.34 -7.54
C TYR C 439 2.75 17.45 -6.95
N ARG C 440 3.29 18.66 -6.79
CA ARG C 440 4.59 18.88 -6.12
C ARG C 440 5.64 17.94 -6.70
N PRO C 441 5.94 18.09 -8.00
CA PRO C 441 6.99 17.32 -8.65
C PRO C 441 8.36 17.68 -8.08
N ASN C 442 9.29 16.74 -8.15
CA ASN C 442 10.69 16.97 -7.70
C ASN C 442 11.44 17.66 -8.84
N ALA C 443 10.98 18.84 -9.21
CA ALA C 443 11.51 19.64 -10.34
C ALA C 443 10.94 21.04 -10.26
N ASP C 444 11.71 22.05 -10.70
CA ASP C 444 11.16 23.41 -10.96
C ASP C 444 10.19 23.33 -12.16
N ILE C 445 9.18 24.21 -12.19
CA ILE C 445 8.12 24.26 -13.23
C ILE C 445 8.18 25.60 -13.96
N LEU C 446 8.85 25.64 -15.11
CA LEU C 446 8.89 26.85 -15.99
C LEU C 446 7.56 26.93 -16.74
N ALA C 447 6.71 27.90 -16.42
CA ALA C 447 5.41 28.13 -17.11
C ALA C 447 5.58 29.28 -18.13
N LEU C 448 5.69 28.92 -19.41
CA LEU C 448 5.74 29.88 -20.54
C LEU C 448 4.31 30.27 -20.89
N THR C 449 4.01 31.57 -20.86
CA THR C 449 2.64 32.08 -21.07
C THR C 449 2.69 33.38 -21.91
N PHE C 450 1.55 33.94 -22.29
CA PHE C 450 1.47 34.88 -23.45
C PHE C 450 0.85 36.23 -23.06
N ASP C 451 0.56 36.47 -21.78
CA ASP C 451 0.29 37.83 -21.25
C ASP C 451 0.89 38.00 -19.85
N GLU C 452 1.01 39.25 -19.42
CA GLU C 452 1.58 39.66 -18.11
C GLU C 452 0.59 39.34 -16.98
N LEU C 453 -0.71 39.33 -17.25
CA LEU C 453 -1.77 39.09 -16.24
C LEU C 453 -1.71 37.63 -15.78
N THR C 454 -1.53 36.72 -16.72
CA THR C 454 -1.49 35.27 -16.38
C THR C 454 -0.17 34.99 -15.67
N GLU C 455 0.93 35.59 -16.16
CA GLU C 455 2.34 35.41 -15.72
C GLU C 455 2.53 35.85 -14.25
N ARG C 456 1.92 36.96 -13.83
CA ARG C 456 1.95 37.42 -12.41
C ARG C 456 0.95 36.59 -11.60
N GLY C 457 -0.16 36.17 -12.20
CA GLY C 457 -1.18 35.36 -11.51
C GLY C 457 -0.64 34.00 -11.02
N LEU C 458 0.52 33.55 -11.50
CA LEU C 458 1.10 32.23 -11.13
C LEU C 458 2.22 32.37 -10.09
N MET C 459 2.44 33.57 -9.54
CA MET C 459 3.71 33.80 -8.79
C MET C 459 3.65 33.22 -7.36
N LEU C 460 2.47 32.91 -6.86
CA LEU C 460 2.27 32.26 -5.54
C LEU C 460 2.04 30.75 -5.67
N ASN C 461 2.08 30.16 -6.87
CA ASN C 461 2.01 28.67 -7.02
C ASN C 461 3.37 28.05 -6.75
N TRP C 462 3.35 27.00 -5.91
CA TRP C 462 4.55 26.21 -5.55
C TRP C 462 5.35 25.82 -6.81
N GLY C 463 6.66 26.11 -6.82
CA GLY C 463 7.63 25.61 -7.82
C GLY C 463 7.57 26.30 -9.18
N VAL C 464 6.62 27.19 -9.40
CA VAL C 464 6.33 27.75 -10.76
C VAL C 464 7.12 29.04 -10.99
N ILE C 465 7.96 29.02 -12.02
CA ILE C 465 8.73 30.18 -12.56
C ILE C 465 7.99 30.68 -13.80
N PRO C 466 7.15 31.74 -13.69
CA PRO C 466 6.45 32.26 -14.87
C PRO C 466 7.44 32.99 -15.80
N MET C 467 7.11 32.96 -17.09
CA MET C 467 7.95 33.55 -18.15
C MET C 467 7.02 33.95 -19.31
N LEU C 468 7.16 35.19 -19.81
CA LEU C 468 6.31 35.67 -20.91
C LEU C 468 6.99 35.27 -22.23
N THR C 469 6.20 34.80 -23.18
CA THR C 469 6.66 34.50 -24.56
C THR C 469 5.48 34.81 -25.49
N ASP C 470 5.71 34.92 -26.80
CA ASP C 470 4.62 35.02 -27.81
C ASP C 470 4.14 33.58 -28.08
N ALA C 471 2.83 33.41 -28.33
CA ALA C 471 2.16 32.13 -28.63
C ALA C 471 2.93 31.37 -29.71
N PRO C 472 2.78 30.02 -29.77
CA PRO C 472 3.56 29.20 -30.71
C PRO C 472 2.79 29.19 -32.03
N SER C 473 3.45 28.91 -33.16
CA SER C 473 2.84 28.85 -34.52
C SER C 473 2.47 27.41 -34.90
N SER C 474 3.36 26.48 -34.59
CA SER C 474 3.23 25.02 -34.89
C SER C 474 3.46 24.22 -33.60
N THR C 475 3.25 22.89 -33.64
CA THR C 475 3.53 22.00 -32.48
C THR C 475 5.05 21.87 -32.33
N ASP C 476 5.77 21.55 -33.42
CA ASP C 476 7.25 21.44 -33.46
C ASP C 476 7.86 22.76 -32.94
N ASP C 477 7.23 23.90 -33.28
CA ASP C 477 7.49 25.25 -32.72
C ASP C 477 7.36 25.18 -31.19
N MET C 478 6.19 24.81 -30.67
CA MET C 478 5.84 24.82 -29.21
C MET C 478 6.92 24.09 -28.41
N PHE C 479 7.35 22.89 -28.84
CA PHE C 479 8.41 22.08 -28.17
C PHE C 479 9.81 22.72 -28.29
N GLU C 480 10.11 23.44 -29.38
CA GLU C 480 11.47 24.05 -29.56
C GLU C 480 11.57 25.30 -28.69
N ILE C 481 10.45 26.02 -28.53
CA ILE C 481 10.29 27.25 -27.67
C ILE C 481 10.53 26.85 -26.20
N ALA C 482 9.94 25.74 -25.75
CA ALA C 482 10.02 25.28 -24.35
C ALA C 482 11.49 25.07 -23.99
N GLU C 483 12.26 24.48 -24.89
CA GLU C 483 13.70 24.11 -24.67
C GLU C 483 14.60 25.35 -24.80
N ARG C 484 14.35 26.19 -25.82
CA ARG C 484 15.20 27.39 -26.07
C ARG C 484 15.04 28.35 -24.87
N LYS C 485 13.81 28.73 -24.53
CA LYS C 485 13.45 29.60 -23.37
C LYS C 485 14.10 29.08 -22.08
N ALA C 486 14.18 27.76 -21.91
CA ALA C 486 14.74 27.11 -20.71
C ALA C 486 16.25 27.32 -20.69
N VAL C 487 16.94 27.12 -21.81
CA VAL C 487 18.44 27.28 -21.90
C VAL C 487 18.77 28.78 -21.73
N GLU C 488 17.91 29.66 -22.26
CA GLU C 488 18.09 31.13 -22.24
C GLU C 488 17.96 31.67 -20.80
N ALA C 489 17.06 31.10 -19.99
CA ALA C 489 16.86 31.48 -18.57
C ALA C 489 18.00 30.96 -17.69
N GLY C 490 18.83 30.06 -18.21
CA GLY C 490 19.92 29.39 -17.47
C GLY C 490 19.39 28.28 -16.55
N LEU C 491 18.12 27.89 -16.69
CA LEU C 491 17.46 26.86 -15.84
C LEU C 491 18.01 25.47 -16.19
N VAL C 492 18.40 25.25 -17.44
CA VAL C 492 18.89 23.93 -17.95
C VAL C 492 20.02 24.19 -18.95
N GLU C 493 20.93 23.25 -19.07
CA GLU C 493 21.99 23.26 -20.10
C GLU C 493 21.97 21.92 -20.83
N SER C 494 22.90 21.73 -21.77
CA SER C 494 23.07 20.51 -22.59
C SER C 494 23.31 19.30 -21.65
N GLY C 495 22.59 18.19 -21.89
CA GLY C 495 22.71 16.92 -21.15
C GLY C 495 21.62 16.76 -20.09
N ASP C 496 20.96 17.85 -19.68
CA ASP C 496 19.85 17.89 -18.70
C ASP C 496 18.55 17.38 -19.36
N ASP C 497 17.82 16.46 -18.73
CA ASP C 497 16.51 15.94 -19.22
C ASP C 497 15.39 16.84 -18.70
N ILE C 498 14.49 17.28 -19.59
CA ILE C 498 13.30 18.09 -19.22
C ILE C 498 12.06 17.36 -19.71
N VAL C 499 10.94 17.62 -19.04
CA VAL C 499 9.58 17.18 -19.44
C VAL C 499 8.84 18.40 -19.96
N ILE C 500 8.33 18.36 -21.20
CA ILE C 500 7.47 19.43 -21.75
C ILE C 500 6.04 18.94 -21.82
N VAL C 501 5.12 19.78 -21.36
CA VAL C 501 3.68 19.48 -21.31
C VAL C 501 2.97 20.66 -21.97
N ALA C 502 1.82 20.40 -22.59
CA ALA C 502 1.03 21.41 -23.33
C ALA C 502 -0.31 20.81 -23.76
N GLY C 503 -1.30 21.67 -24.00
CA GLY C 503 -2.42 21.35 -24.90
C GLY C 503 -1.90 21.26 -26.33
N VAL C 504 -2.63 20.56 -27.20
CA VAL C 504 -2.37 20.55 -28.68
C VAL C 504 -3.70 20.87 -29.37
N PRO C 505 -3.89 22.13 -29.84
CA PRO C 505 -2.84 23.14 -29.81
C PRO C 505 -2.79 23.77 -28.40
N VAL C 506 -1.74 24.53 -28.12
CA VAL C 506 -1.43 25.13 -26.77
C VAL C 506 -2.67 25.87 -26.24
N GLY C 507 -3.14 25.49 -25.04
CA GLY C 507 -4.25 26.14 -24.31
C GLY C 507 -5.57 25.39 -24.39
N GLU C 508 -5.58 24.16 -24.94
CA GLU C 508 -6.80 23.31 -25.06
C GLU C 508 -6.54 21.93 -24.43
N ALA C 509 -5.65 21.85 -23.43
CA ALA C 509 -5.19 20.58 -22.78
C ALA C 509 -6.39 19.83 -22.19
N VAL C 510 -7.48 20.56 -21.89
CA VAL C 510 -8.80 20.04 -21.39
C VAL C 510 -9.28 18.88 -22.30
N ARG C 511 -9.24 19.11 -23.61
CA ARG C 511 -9.49 18.10 -24.67
C ARG C 511 -8.22 18.02 -25.53
N THR C 512 -7.37 17.02 -25.27
CA THR C 512 -6.13 16.68 -26.04
C THR C 512 -4.93 17.45 -25.46
N ASN C 513 -3.97 16.73 -24.87
CA ASN C 513 -2.76 17.31 -24.22
C ASN C 513 -1.60 16.33 -24.42
N THR C 514 -0.37 16.83 -24.33
CA THR C 514 0.86 16.10 -24.72
C THR C 514 1.96 16.27 -23.67
N MET C 515 2.72 15.19 -23.47
CA MET C 515 3.91 15.12 -22.58
C MET C 515 5.05 14.61 -23.42
N ARG C 516 6.19 15.31 -23.39
CA ARG C 516 7.42 14.87 -24.07
C ARG C 516 8.59 14.91 -23.09
N ILE C 517 9.41 13.88 -23.09
CA ILE C 517 10.71 13.88 -22.35
C ILE C 517 11.85 14.07 -23.35
N ARG C 518 12.64 15.14 -23.19
CA ARG C 518 13.71 15.57 -24.12
C ARG C 518 14.99 15.92 -23.37
N THR C 519 16.12 15.44 -23.87
CA THR C 519 17.49 15.85 -23.48
C THR C 519 17.84 17.13 -24.26
N VAL C 520 18.30 18.17 -23.53
CA VAL C 520 18.66 19.49 -24.11
C VAL C 520 19.94 19.31 -24.94
N ARG C 521 19.94 19.78 -26.20
CA ARG C 521 21.06 19.61 -27.18
C ARG C 521 22.03 20.80 -27.09
N MET D 21 -14.80 -4.94 -28.26
CA MET D 21 -14.26 -6.00 -27.35
C MET D 21 -13.29 -6.90 -28.13
N ASN D 22 -11.99 -6.62 -27.99
CA ASN D 22 -10.89 -7.32 -28.71
C ASN D 22 -10.24 -8.33 -27.76
N LYS D 23 -9.89 -9.50 -28.30
CA LYS D 23 -9.19 -10.58 -27.55
C LYS D 23 -7.72 -10.19 -27.37
N ARG D 24 -7.29 -9.96 -26.14
CA ARG D 24 -5.89 -9.52 -25.88
C ARG D 24 -4.93 -10.72 -25.84
N VAL D 25 -5.38 -11.86 -25.35
CA VAL D 25 -4.53 -13.08 -25.26
C VAL D 25 -4.45 -13.69 -26.67
N LYS D 26 -3.25 -13.99 -27.14
CA LYS D 26 -3.04 -14.46 -28.51
C LYS D 26 -3.27 -15.98 -28.55
N ILE D 27 -3.68 -16.48 -29.70
CA ILE D 27 -3.97 -17.92 -29.93
C ILE D 27 -3.00 -18.41 -30.98
N VAL D 28 -2.26 -19.45 -30.64
CA VAL D 28 -1.48 -20.26 -31.59
C VAL D 28 -2.34 -21.50 -31.92
N ALA D 29 -2.66 -21.71 -33.18
CA ALA D 29 -3.36 -22.94 -33.66
C ALA D 29 -2.38 -23.76 -34.51
N THR D 30 -2.20 -25.03 -34.15
CA THR D 30 -1.44 -26.00 -34.97
C THR D 30 -2.28 -26.37 -36.19
N LEU D 31 -1.65 -26.36 -37.38
CA LEU D 31 -2.36 -26.75 -38.62
C LEU D 31 -2.02 -28.20 -38.97
N GLY D 32 -2.97 -28.86 -39.60
CA GLY D 32 -2.87 -30.28 -39.98
C GLY D 32 -4.05 -30.67 -40.86
N PRO D 33 -4.24 -31.99 -41.10
CA PRO D 33 -5.25 -32.46 -42.04
C PRO D 33 -6.70 -32.10 -41.67
N ALA D 34 -6.99 -31.82 -40.40
CA ALA D 34 -8.36 -31.59 -39.89
C ALA D 34 -9.05 -30.49 -40.68
N VAL D 35 -8.32 -29.46 -41.13
CA VAL D 35 -8.93 -28.31 -41.87
C VAL D 35 -8.78 -28.49 -43.39
N GLU D 36 -8.01 -29.50 -43.83
CA GLU D 36 -7.58 -29.71 -45.25
C GLU D 36 -8.53 -30.66 -45.96
N ILE D 37 -9.00 -30.26 -47.13
CA ILE D 37 -9.91 -31.04 -48.02
C ILE D 37 -9.08 -31.65 -49.16
N ARG D 38 -9.15 -32.98 -49.31
CA ARG D 38 -8.43 -33.75 -50.36
C ARG D 38 -9.46 -34.26 -51.37
N GLY D 39 -9.34 -33.84 -52.63
CA GLY D 39 -10.46 -33.90 -53.59
C GLY D 39 -11.67 -33.18 -53.00
N GLY D 40 -12.75 -33.93 -52.74
CA GLY D 40 -13.92 -33.47 -51.98
C GLY D 40 -13.96 -34.07 -50.58
N LYS D 41 -12.96 -34.87 -50.20
CA LYS D 41 -12.99 -35.70 -48.96
C LYS D 41 -12.42 -34.91 -47.77
N LYS D 42 -13.23 -34.72 -46.73
CA LYS D 42 -12.79 -34.20 -45.41
C LYS D 42 -11.83 -35.20 -44.77
N PHE D 43 -11.26 -34.88 -43.60
CA PHE D 43 -10.32 -35.78 -42.87
C PHE D 43 -11.12 -36.93 -42.24
N GLY D 44 -10.55 -38.14 -42.24
CA GLY D 44 -11.17 -39.36 -41.67
C GLY D 44 -12.15 -40.03 -42.62
N GLU D 45 -12.27 -39.51 -43.86
CA GLU D 45 -13.09 -40.12 -44.94
C GLU D 45 -12.37 -41.36 -45.49
N ASP D 46 -13.10 -42.18 -46.24
CA ASP D 46 -12.60 -43.40 -46.92
C ASP D 46 -11.72 -42.96 -48.09
N GLY D 47 -10.43 -43.37 -48.08
CA GLY D 47 -9.39 -42.96 -49.06
C GLY D 47 -9.23 -41.46 -49.12
N TYR D 48 -9.17 -40.79 -47.95
CA TYR D 48 -8.88 -39.32 -47.84
C TYR D 48 -7.50 -39.07 -48.45
N TRP D 49 -6.47 -39.79 -48.00
CA TRP D 49 -5.07 -39.71 -48.54
C TRP D 49 -5.03 -40.13 -50.02
N GLY D 50 -6.14 -40.69 -50.53
CA GLY D 50 -6.28 -41.09 -51.94
C GLY D 50 -6.66 -39.94 -52.86
N GLU D 51 -6.39 -38.68 -52.48
CA GLU D 51 -6.65 -37.50 -53.36
C GLU D 51 -5.50 -36.51 -53.26
N LYS D 52 -5.56 -35.46 -54.09
CA LYS D 52 -4.68 -34.27 -54.06
C LYS D 52 -5.31 -33.27 -53.09
N LEU D 53 -4.58 -32.20 -52.75
CA LEU D 53 -5.05 -31.12 -51.86
C LEU D 53 -5.98 -30.15 -52.62
N ASP D 54 -7.21 -29.96 -52.14
CA ASP D 54 -8.12 -28.87 -52.60
C ASP D 54 -7.64 -27.57 -51.91
N VAL D 55 -6.65 -26.88 -52.51
CA VAL D 55 -5.93 -25.74 -51.88
C VAL D 55 -6.93 -24.62 -51.57
N GLU D 56 -7.78 -24.22 -52.52
CA GLU D 56 -8.70 -23.07 -52.31
C GLU D 56 -9.65 -23.42 -51.16
N ALA D 57 -10.24 -24.61 -51.18
CA ALA D 57 -11.23 -25.07 -50.17
C ALA D 57 -10.56 -25.18 -48.79
N SER D 58 -9.32 -25.68 -48.73
CA SER D 58 -8.49 -25.73 -47.50
C SER D 58 -8.23 -24.31 -46.97
N ALA D 59 -7.81 -23.37 -47.83
CA ALA D 59 -7.48 -21.96 -47.47
C ALA D 59 -8.73 -21.26 -46.92
N LYS D 60 -9.90 -21.53 -47.49
CA LYS D 60 -11.19 -20.97 -47.00
C LYS D 60 -11.49 -21.51 -45.59
N ASN D 61 -11.15 -22.76 -45.29
CA ASN D 61 -11.33 -23.36 -43.94
C ASN D 61 -10.38 -22.68 -42.95
N ILE D 62 -9.12 -22.46 -43.37
CA ILE D 62 -8.08 -21.81 -42.52
C ILE D 62 -8.49 -20.35 -42.27
N ALA D 63 -9.05 -19.66 -43.27
CA ALA D 63 -9.57 -18.27 -43.13
C ALA D 63 -10.57 -18.18 -41.97
N LYS D 64 -11.42 -19.20 -41.80
CA LYS D 64 -12.41 -19.26 -40.70
C LYS D 64 -11.70 -19.28 -39.34
N LEU D 65 -10.54 -19.97 -39.25
CA LEU D 65 -9.73 -20.03 -38.01
C LEU D 65 -9.19 -18.63 -37.72
N ILE D 66 -8.68 -17.94 -38.74
CA ILE D 66 -8.13 -16.56 -38.61
C ILE D 66 -9.26 -15.67 -38.09
N GLU D 67 -10.44 -15.79 -38.67
CA GLU D 67 -11.62 -14.95 -38.32
C GLU D 67 -11.95 -15.17 -36.83
N ALA D 68 -11.93 -16.41 -36.35
CA ALA D 68 -12.33 -16.83 -34.98
C ALA D 68 -11.25 -16.43 -33.94
N GLY D 69 -10.04 -16.04 -34.38
CA GLY D 69 -9.07 -15.43 -33.46
C GLY D 69 -7.73 -16.14 -33.41
N ALA D 70 -7.43 -17.10 -34.28
CA ALA D 70 -6.05 -17.61 -34.42
C ALA D 70 -5.14 -16.46 -34.85
N ASN D 71 -4.08 -16.21 -34.09
CA ASN D 71 -3.15 -15.08 -34.35
C ASN D 71 -1.87 -15.60 -34.97
N THR D 72 -1.54 -16.87 -34.80
CA THR D 72 -0.32 -17.47 -35.38
C THR D 72 -0.64 -18.94 -35.71
N PHE D 73 -0.07 -19.47 -36.78
CA PHE D 73 -0.22 -20.92 -37.14
C PHE D 73 1.09 -21.61 -36.84
N ARG D 74 0.99 -22.75 -36.15
CA ARG D 74 2.13 -23.62 -35.79
C ARG D 74 2.23 -24.76 -36.82
N PHE D 75 3.41 -24.94 -37.40
CA PHE D 75 3.74 -26.04 -38.35
C PHE D 75 4.67 -26.97 -37.59
N ASN D 76 4.15 -28.11 -37.16
CA ASN D 76 4.85 -29.06 -36.27
C ASN D 76 5.72 -29.97 -37.13
N PHE D 77 7.05 -29.84 -37.10
CA PHE D 77 7.95 -30.61 -38.00
C PHE D 77 8.23 -32.00 -37.39
N SER D 78 7.55 -32.33 -36.30
CA SER D 78 7.49 -33.73 -35.79
C SER D 78 6.74 -34.64 -36.79
N HIS D 79 5.81 -34.10 -37.57
CA HIS D 79 4.89 -34.92 -38.40
C HIS D 79 4.79 -34.31 -39.80
N GLY D 80 5.08 -35.11 -40.83
CA GLY D 80 5.06 -34.67 -42.25
C GLY D 80 6.48 -34.53 -42.79
N ASP D 81 6.61 -34.34 -44.09
CA ASP D 81 7.91 -34.04 -44.75
C ASP D 81 7.87 -32.57 -45.22
N HIS D 82 8.97 -32.08 -45.77
CA HIS D 82 9.11 -30.70 -46.26
C HIS D 82 7.99 -30.40 -47.27
N GLN D 83 7.65 -31.35 -48.15
CA GLN D 83 6.62 -31.11 -49.19
C GLN D 83 5.28 -30.78 -48.52
N GLU D 84 4.86 -31.57 -47.53
CA GLU D 84 3.56 -31.38 -46.83
C GLU D 84 3.59 -30.03 -46.09
N GLN D 85 4.65 -29.78 -45.35
CA GLN D 85 4.85 -28.54 -44.54
C GLN D 85 4.79 -27.35 -45.50
N GLY D 86 5.51 -27.45 -46.62
CA GLY D 86 5.63 -26.40 -47.64
C GLY D 86 4.28 -26.01 -48.19
N GLU D 87 3.50 -26.99 -48.66
CA GLU D 87 2.15 -26.78 -49.24
C GLU D 87 1.21 -26.13 -48.20
N ARG D 88 1.35 -26.54 -46.94
CA ARG D 88 0.46 -26.06 -45.85
C ARG D 88 0.75 -24.58 -45.62
N MET D 89 2.01 -24.20 -45.44
CA MET D 89 2.43 -22.78 -45.36
C MET D 89 1.85 -22.00 -46.56
N ALA D 90 1.92 -22.55 -47.77
CA ALA D 90 1.41 -21.84 -48.97
C ALA D 90 -0.11 -21.68 -48.86
N THR D 91 -0.80 -22.67 -48.31
CA THR D 91 -2.28 -22.59 -48.15
C THR D 91 -2.59 -21.45 -47.17
N VAL D 92 -1.78 -21.31 -46.13
CA VAL D 92 -1.96 -20.24 -45.09
C VAL D 92 -1.82 -18.88 -45.78
N LYS D 93 -0.80 -18.73 -46.64
CA LYS D 93 -0.56 -17.44 -47.36
C LYS D 93 -1.84 -17.05 -48.10
N LEU D 94 -2.59 -18.02 -48.64
CA LEU D 94 -3.88 -17.79 -49.35
C LEU D 94 -4.98 -17.40 -48.37
N ALA D 95 -5.09 -18.09 -47.23
CA ALA D 95 -6.11 -17.84 -46.20
C ALA D 95 -6.05 -16.38 -45.68
N GLU D 96 -4.85 -15.88 -45.40
CA GLU D 96 -4.62 -14.47 -44.98
C GLU D 96 -5.31 -13.53 -45.98
N LYS D 97 -5.06 -13.73 -47.28
CA LYS D 97 -5.66 -12.93 -48.39
C LYS D 97 -7.18 -13.03 -48.32
N ILE D 98 -7.71 -14.24 -48.16
CA ILE D 98 -9.18 -14.49 -48.09
C ILE D 98 -9.76 -13.79 -46.87
N ALA D 99 -9.06 -13.85 -45.73
CA ALA D 99 -9.53 -13.36 -44.41
C ALA D 99 -9.42 -11.84 -44.36
N GLY D 100 -8.45 -11.29 -45.10
CA GLY D 100 -8.05 -9.87 -45.04
C GLY D 100 -7.32 -9.56 -43.75
N LYS D 101 -6.72 -10.57 -43.12
CA LYS D 101 -6.00 -10.47 -41.82
C LYS D 101 -4.73 -11.31 -41.91
N LYS D 102 -3.60 -10.78 -41.47
CA LYS D 102 -2.32 -11.52 -41.51
C LYS D 102 -2.18 -12.29 -40.20
N VAL D 103 -1.37 -13.34 -40.23
CA VAL D 103 -1.09 -14.17 -39.03
C VAL D 103 0.40 -14.50 -39.02
N GLY D 104 0.92 -14.85 -37.85
CA GLY D 104 2.31 -15.28 -37.68
C GLY D 104 2.48 -16.71 -38.17
N PHE D 105 3.69 -17.04 -38.59
CA PHE D 105 4.12 -18.38 -39.03
C PHE D 105 5.18 -18.87 -38.06
N LEU D 106 4.88 -19.94 -37.33
CA LEU D 106 5.79 -20.51 -36.32
C LEU D 106 6.14 -21.95 -36.74
N LEU D 107 7.43 -22.26 -36.80
CA LEU D 107 7.94 -23.63 -37.04
C LEU D 107 8.27 -24.22 -35.68
N ASP D 108 7.80 -25.44 -35.42
CA ASP D 108 8.05 -26.20 -34.16
C ASP D 108 8.92 -27.39 -34.57
N THR D 109 10.10 -27.52 -33.97
CA THR D 109 11.14 -28.50 -34.34
C THR D 109 10.77 -29.88 -33.79
N LYS D 110 11.16 -30.93 -34.50
CA LYS D 110 11.03 -32.34 -34.02
C LYS D 110 11.85 -32.49 -32.73
N GLY D 111 13.13 -32.10 -32.76
CA GLY D 111 13.99 -32.17 -31.56
C GLY D 111 14.34 -33.63 -31.23
N PRO D 112 14.96 -33.89 -30.05
CA PRO D 112 15.44 -35.22 -29.65
C PRO D 112 14.36 -36.23 -29.21
N GLU D 113 13.43 -36.51 -30.12
CA GLU D 113 12.27 -37.40 -29.84
C GLU D 113 12.76 -38.84 -29.79
N ILE D 114 12.25 -39.58 -28.82
CA ILE D 114 12.38 -41.07 -28.77
C ILE D 114 10.97 -41.63 -29.05
N ARG D 115 10.87 -42.58 -29.97
CA ARG D 115 9.59 -43.27 -30.25
C ARG D 115 9.81 -44.78 -30.18
N THR D 116 8.73 -45.53 -29.99
CA THR D 116 8.72 -47.02 -30.11
C THR D 116 8.82 -47.38 -31.59
N GLU D 117 9.46 -48.52 -31.87
CA GLU D 117 9.66 -49.00 -33.25
C GLU D 117 8.38 -49.70 -33.73
N LEU D 118 8.25 -49.82 -35.04
CA LEU D 118 7.38 -50.82 -35.75
C LEU D 118 7.64 -52.20 -35.14
N PHE D 119 6.65 -53.09 -35.23
CA PHE D 119 6.66 -54.44 -34.62
C PHE D 119 6.95 -55.52 -35.69
N GLU D 120 7.67 -56.58 -35.30
CA GLU D 120 7.76 -57.85 -36.09
C GLU D 120 6.36 -58.28 -36.54
N GLY D 121 6.20 -58.59 -37.83
CA GLY D 121 4.96 -59.14 -38.40
C GLY D 121 3.83 -58.12 -38.41
N GLU D 122 4.17 -56.83 -38.45
CA GLU D 122 3.19 -55.74 -38.72
C GLU D 122 2.15 -55.64 -37.58
N ALA D 123 2.45 -56.17 -36.39
CA ALA D 123 1.58 -56.06 -35.20
C ALA D 123 1.44 -54.57 -34.83
N LYS D 124 0.24 -54.13 -34.46
CA LYS D 124 -0.05 -52.69 -34.16
C LYS D 124 0.41 -52.37 -32.73
N GLU D 125 0.21 -53.30 -31.78
CA GLU D 125 0.37 -53.03 -30.33
C GLU D 125 0.24 -54.32 -29.53
N TYR D 126 0.73 -54.31 -28.29
CA TYR D 126 0.56 -55.38 -27.28
C TYR D 126 0.20 -54.75 -25.93
N SER D 127 -0.59 -55.47 -25.13
CA SER D 127 -1.02 -55.03 -23.79
C SER D 127 -0.29 -55.88 -22.74
N TYR D 128 0.12 -55.23 -21.66
CA TYR D 128 1.01 -55.79 -20.60
C TYR D 128 0.34 -55.63 -19.25
N LYS D 129 0.73 -56.45 -18.28
CA LYS D 129 0.19 -56.44 -16.90
C LYS D 129 1.32 -56.06 -15.95
N THR D 130 0.98 -55.41 -14.85
CA THR D 130 1.93 -55.03 -13.77
C THR D 130 2.80 -56.26 -13.43
N GLY D 131 4.09 -56.03 -13.27
CA GLY D 131 5.04 -57.03 -12.76
C GLY D 131 5.68 -57.84 -13.87
N GLU D 132 5.09 -57.86 -15.07
CA GLU D 132 5.68 -58.51 -16.27
C GLU D 132 7.12 -58.02 -16.43
N LYS D 133 8.03 -58.95 -16.71
CA LYS D 133 9.45 -58.68 -17.03
C LYS D 133 9.62 -58.69 -18.54
N ILE D 134 10.19 -57.63 -19.10
CA ILE D 134 10.44 -57.53 -20.57
C ILE D 134 11.75 -56.77 -20.76
N ARG D 135 12.12 -56.52 -22.02
CA ARG D 135 13.41 -55.86 -22.33
C ARG D 135 13.16 -54.66 -23.25
N VAL D 136 13.98 -53.62 -23.08
CA VAL D 136 14.07 -52.49 -24.05
C VAL D 136 15.46 -52.53 -24.69
N ALA D 137 15.51 -52.67 -26.01
CA ALA D 137 16.77 -52.72 -26.81
C ALA D 137 17.21 -51.28 -27.09
N THR D 138 18.53 -51.03 -27.08
CA THR D 138 19.16 -49.73 -27.44
C THR D 138 19.63 -49.77 -28.90
N LYS D 139 19.76 -50.97 -29.47
CA LYS D 139 20.25 -51.16 -30.86
C LYS D 139 19.26 -50.48 -31.81
N GLN D 140 19.76 -49.70 -32.75
CA GLN D 140 18.92 -48.87 -33.66
C GLN D 140 18.69 -49.62 -34.95
N GLY D 141 17.58 -49.35 -35.62
CA GLY D 141 17.25 -49.91 -36.95
C GLY D 141 16.74 -51.35 -36.87
N ILE D 142 16.21 -51.76 -35.71
CA ILE D 142 15.61 -53.12 -35.54
C ILE D 142 14.13 -52.95 -35.18
N LYS D 143 13.36 -54.03 -35.35
CA LYS D 143 11.89 -54.04 -35.08
C LYS D 143 11.69 -54.50 -33.63
N SER D 144 10.59 -54.03 -33.03
CA SER D 144 10.15 -54.46 -31.69
C SER D 144 9.53 -55.85 -31.81
N THR D 145 9.56 -56.61 -30.72
CA THR D 145 8.73 -57.82 -30.49
C THR D 145 7.94 -57.50 -29.21
N ARG D 146 7.03 -58.38 -28.78
CA ARG D 146 6.28 -58.17 -27.50
C ARG D 146 7.27 -58.19 -26.32
N GLU D 147 8.30 -59.03 -26.39
CA GLU D 147 9.23 -59.31 -25.26
C GLU D 147 10.41 -58.33 -25.28
N VAL D 148 10.72 -57.73 -26.44
CA VAL D 148 11.91 -56.83 -26.60
C VAL D 148 11.50 -55.61 -27.42
N ILE D 149 11.24 -54.50 -26.72
CA ILE D 149 10.81 -53.21 -27.35
C ILE D 149 12.05 -52.52 -27.89
N ALA D 150 12.04 -52.16 -29.18
CA ALA D 150 13.09 -51.32 -29.81
C ALA D 150 12.67 -49.85 -29.85
N LEU D 151 13.66 -48.97 -29.88
CA LEU D 151 13.44 -47.50 -29.87
C LEU D 151 13.97 -46.89 -31.17
N ASN D 152 13.24 -45.90 -31.67
CA ASN D 152 13.66 -45.01 -32.77
C ASN D 152 14.15 -43.74 -32.06
N VAL D 153 15.45 -43.68 -31.76
CA VAL D 153 16.09 -42.55 -31.02
C VAL D 153 16.48 -41.53 -32.08
N ALA D 154 16.21 -40.23 -31.86
CA ALA D 154 16.63 -39.18 -32.81
C ALA D 154 18.16 -39.28 -33.01
N GLY D 155 18.63 -39.17 -34.27
CA GLY D 155 20.07 -39.26 -34.60
C GLY D 155 20.65 -40.66 -34.47
N ALA D 156 19.84 -41.66 -34.09
CA ALA D 156 20.22 -43.08 -33.97
C ALA D 156 21.28 -43.24 -32.88
N LEU D 157 21.19 -42.40 -31.85
CA LEU D 157 22.10 -42.46 -30.67
C LEU D 157 21.89 -43.81 -29.96
N ASP D 158 22.97 -44.40 -29.44
CA ASP D 158 22.93 -45.59 -28.57
C ASP D 158 22.83 -45.07 -27.13
N ILE D 159 21.71 -45.28 -26.47
CA ILE D 159 21.39 -44.56 -25.19
C ILE D 159 21.85 -45.43 -24.00
N TYR D 160 22.38 -46.63 -24.30
CA TYR D 160 22.67 -47.67 -23.27
C TYR D 160 23.44 -47.07 -22.08
N ASP D 161 24.48 -46.28 -22.35
CA ASP D 161 25.38 -45.80 -21.26
C ASP D 161 24.77 -44.63 -20.51
N ASP D 162 23.64 -44.09 -20.97
CA ASP D 162 23.05 -42.83 -20.45
C ASP D 162 21.89 -43.11 -19.48
N VAL D 163 21.46 -44.36 -19.32
CA VAL D 163 20.34 -44.67 -18.39
C VAL D 163 20.83 -45.70 -17.37
N GLU D 164 20.81 -45.31 -16.10
CA GLU D 164 21.21 -46.12 -14.92
C GLU D 164 20.02 -47.00 -14.50
N VAL D 165 20.31 -48.12 -13.83
CA VAL D 165 19.29 -48.98 -13.14
C VAL D 165 18.40 -48.07 -12.28
N GLY D 166 17.10 -48.39 -12.19
CA GLY D 166 16.15 -47.62 -11.36
C GLY D 166 15.58 -46.40 -12.07
N ARG D 167 16.10 -46.02 -13.25
CA ARG D 167 15.45 -45.00 -14.12
C ARG D 167 14.16 -45.61 -14.65
N GLN D 168 13.30 -44.78 -15.25
CA GLN D 168 11.94 -45.15 -15.70
C GLN D 168 11.84 -44.84 -17.19
N VAL D 169 11.39 -45.81 -17.98
CA VAL D 169 11.10 -45.60 -19.42
C VAL D 169 9.57 -45.50 -19.52
N LEU D 170 9.04 -44.42 -20.10
CA LEU D 170 7.57 -44.18 -20.19
C LEU D 170 7.13 -44.19 -21.65
N VAL D 171 5.99 -44.82 -21.92
CA VAL D 171 5.44 -44.98 -23.28
C VAL D 171 4.03 -44.36 -23.38
N ASP D 172 3.80 -43.62 -24.47
CA ASP D 172 2.46 -43.08 -24.89
C ASP D 172 1.97 -42.08 -23.85
N ASP D 173 2.44 -40.83 -23.95
CA ASP D 173 2.04 -39.71 -23.06
C ASP D 173 2.26 -40.14 -21.61
N GLY D 174 3.31 -40.91 -21.36
CA GLY D 174 3.66 -41.35 -20.00
C GLY D 174 2.63 -42.27 -19.36
N LYS D 175 1.78 -42.94 -20.14
CA LYS D 175 0.65 -43.74 -19.58
C LYS D 175 1.20 -45.07 -19.05
N LEU D 176 2.17 -45.66 -19.75
CA LEU D 176 2.78 -46.96 -19.33
C LEU D 176 4.23 -46.76 -18.87
N GLY D 177 4.50 -47.13 -17.61
CA GLY D 177 5.85 -47.03 -17.01
C GLY D 177 6.59 -48.35 -17.13
N LEU D 178 7.90 -48.29 -17.39
CA LEU D 178 8.85 -49.44 -17.33
C LEU D 178 10.02 -49.05 -16.40
N ARG D 179 10.25 -49.83 -15.35
CA ARG D 179 11.34 -49.58 -14.37
C ARG D 179 12.57 -50.41 -14.77
N VAL D 180 13.67 -49.75 -15.12
CA VAL D 180 14.98 -50.42 -15.42
C VAL D 180 15.45 -51.09 -14.12
N VAL D 181 15.38 -52.43 -14.06
CA VAL D 181 15.81 -53.24 -12.87
C VAL D 181 17.25 -53.74 -13.04
N ALA D 182 17.76 -53.81 -14.28
CA ALA D 182 19.14 -54.25 -14.58
C ALA D 182 19.50 -53.89 -16.02
N LYS D 183 20.80 -53.98 -16.34
CA LYS D 183 21.37 -53.68 -17.69
C LYS D 183 22.17 -54.90 -18.18
N ASP D 184 21.84 -55.44 -19.36
CA ASP D 184 22.54 -56.59 -19.99
C ASP D 184 23.65 -56.03 -20.91
N ASP D 185 24.91 -56.11 -20.47
CA ASP D 185 26.08 -55.61 -21.23
C ASP D 185 26.23 -56.40 -22.54
N ALA D 186 25.83 -57.68 -22.57
CA ALA D 186 25.98 -58.61 -23.73
C ALA D 186 25.10 -58.18 -24.92
N THR D 187 23.87 -57.71 -24.68
CA THR D 187 22.91 -57.29 -25.74
C THR D 187 22.69 -55.76 -25.73
N ARG D 188 23.22 -55.05 -24.72
CA ARG D 188 22.93 -53.61 -24.47
C ARG D 188 21.40 -53.42 -24.48
N GLU D 189 20.72 -54.21 -23.64
CA GLU D 189 19.25 -54.11 -23.39
C GLU D 189 19.03 -53.72 -21.92
N PHE D 190 17.94 -52.99 -21.67
CA PHE D 190 17.41 -52.75 -20.31
C PHE D 190 16.50 -53.93 -19.95
N GLU D 191 16.74 -54.48 -18.76
CA GLU D 191 15.81 -55.37 -18.02
C GLU D 191 14.84 -54.47 -17.25
N VAL D 192 13.57 -54.43 -17.68
CA VAL D 192 12.55 -53.53 -17.07
C VAL D 192 11.41 -54.37 -16.50
N GLU D 193 10.79 -53.85 -15.44
CA GLU D 193 9.52 -54.38 -14.88
C GLU D 193 8.40 -53.40 -15.28
N VAL D 194 7.33 -53.95 -15.86
CA VAL D 194 6.07 -53.20 -16.16
C VAL D 194 5.54 -52.69 -14.81
N GLU D 195 5.39 -51.38 -14.66
CA GLU D 195 5.03 -50.77 -13.37
C GLU D 195 3.50 -50.75 -13.18
N ASN D 196 2.72 -50.88 -14.26
CA ASN D 196 1.26 -50.66 -14.29
C ASN D 196 0.68 -51.29 -15.56
N ASP D 197 -0.61 -51.67 -15.55
CA ASP D 197 -1.29 -52.29 -16.73
C ASP D 197 -1.32 -51.26 -17.86
N GLY D 198 -1.04 -51.66 -19.10
CA GLY D 198 -1.08 -50.72 -20.23
C GLY D 198 -0.58 -51.32 -21.53
N ILE D 199 -0.56 -50.50 -22.57
CA ILE D 199 -0.39 -50.91 -23.99
C ILE D 199 0.92 -50.28 -24.49
N ILE D 200 1.70 -51.06 -25.23
CA ILE D 200 2.81 -50.51 -26.06
C ILE D 200 2.40 -50.65 -27.52
N ALA D 201 2.10 -49.53 -28.17
CA ALA D 201 1.81 -49.50 -29.61
C ALA D 201 3.06 -49.05 -30.36
N LYS D 202 3.06 -49.26 -31.68
CA LYS D 202 4.16 -48.86 -32.58
C LYS D 202 4.15 -47.33 -32.70
N GLN D 203 5.33 -46.70 -32.84
CA GLN D 203 5.49 -45.26 -33.22
C GLN D 203 4.84 -44.33 -32.18
N LYS D 204 4.91 -44.71 -30.90
CA LYS D 204 4.42 -43.91 -29.76
C LYS D 204 5.59 -43.19 -29.13
N GLY D 205 5.33 -41.99 -28.60
CA GLY D 205 6.28 -41.22 -27.76
C GLY D 205 6.81 -41.99 -26.57
N VAL D 206 8.13 -41.90 -26.36
CA VAL D 206 8.88 -42.48 -25.20
C VAL D 206 9.62 -41.35 -24.49
N ASN D 207 9.53 -41.34 -23.16
CA ASN D 207 10.28 -40.39 -22.29
C ASN D 207 11.13 -41.21 -21.31
N ILE D 208 12.33 -40.71 -21.00
CA ILE D 208 13.26 -41.31 -20.01
C ILE D 208 13.68 -40.17 -19.09
N PRO D 209 12.79 -39.76 -18.15
CA PRO D 209 13.03 -38.55 -17.36
C PRO D 209 14.36 -38.60 -16.58
N ASN D 210 14.97 -37.43 -16.36
CA ASN D 210 16.12 -37.25 -15.45
C ASN D 210 17.36 -37.97 -16.00
N THR D 211 17.55 -38.00 -17.31
CA THR D 211 18.74 -38.58 -17.99
C THR D 211 19.41 -37.45 -18.76
N LYS D 212 20.64 -37.64 -19.22
CA LYS D 212 21.41 -36.63 -19.98
C LYS D 212 21.95 -37.34 -21.22
N ILE D 213 21.05 -37.78 -22.08
CA ILE D 213 21.40 -38.41 -23.37
C ILE D 213 22.10 -37.33 -24.19
N PRO D 214 23.35 -37.57 -24.64
CA PRO D 214 24.12 -36.52 -25.32
C PRO D 214 23.57 -36.16 -26.70
N PHE D 215 22.28 -35.81 -26.81
CA PHE D 215 21.73 -35.26 -28.07
C PHE D 215 22.52 -33.98 -28.35
N PRO D 216 22.82 -33.66 -29.62
CA PRO D 216 23.57 -32.43 -29.91
C PRO D 216 22.75 -31.16 -29.62
N ALA D 217 23.43 -30.05 -29.31
CA ALA D 217 22.80 -28.73 -29.16
C ALA D 217 21.87 -28.51 -30.35
N LEU D 218 22.34 -28.78 -31.57
CA LEU D 218 21.46 -28.73 -32.77
C LEU D 218 21.77 -29.93 -33.67
N ALA D 219 20.83 -30.87 -33.78
CA ALA D 219 20.93 -32.09 -34.61
C ALA D 219 20.72 -31.74 -36.08
N GLU D 220 21.36 -32.51 -36.96
CA GLU D 220 21.40 -32.24 -38.42
C GLU D 220 19.97 -32.19 -38.94
N ARG D 221 19.10 -33.08 -38.45
CA ARG D 221 17.69 -33.12 -38.89
C ARG D 221 17.01 -31.79 -38.55
N ASP D 222 17.29 -31.24 -37.37
CA ASP D 222 16.65 -29.97 -36.92
C ASP D 222 17.26 -28.80 -37.71
N ASN D 223 18.57 -28.84 -37.88
CA ASN D 223 19.33 -27.87 -38.73
C ASN D 223 18.63 -27.77 -40.09
N ASP D 224 18.41 -28.91 -40.75
CA ASP D 224 17.80 -29.02 -42.10
C ASP D 224 16.37 -28.46 -42.06
N ASP D 225 15.55 -28.86 -41.09
CA ASP D 225 14.13 -28.45 -41.01
C ASP D 225 14.08 -26.93 -40.85
N ILE D 226 14.92 -26.38 -39.97
CA ILE D 226 14.92 -24.91 -39.69
C ILE D 226 15.29 -24.19 -40.98
N ARG D 227 16.34 -24.65 -41.66
CA ARG D 227 16.82 -24.00 -42.92
C ARG D 227 15.70 -24.05 -43.96
N PHE D 228 15.01 -25.19 -44.09
CA PHE D 228 13.87 -25.29 -45.04
C PHE D 228 12.77 -24.28 -44.69
N GLY D 229 12.40 -24.20 -43.41
CA GLY D 229 11.35 -23.28 -42.94
C GLY D 229 11.76 -21.84 -43.17
N LEU D 230 13.01 -21.51 -42.84
CA LEU D 230 13.57 -20.15 -43.08
C LEU D 230 13.40 -19.80 -44.56
N GLU D 231 13.71 -20.76 -45.44
CA GLU D 231 13.55 -20.64 -46.91
C GLU D 231 12.11 -20.25 -47.26
N GLN D 232 11.09 -20.87 -46.65
CA GLN D 232 9.66 -20.66 -47.02
C GLN D 232 9.19 -19.29 -46.49
N GLY D 233 9.78 -18.83 -45.39
CA GLY D 233 9.40 -17.57 -44.73
C GLY D 233 8.59 -17.82 -43.46
N ILE D 234 9.22 -17.61 -42.30
CA ILE D 234 8.58 -17.80 -40.96
C ILE D 234 8.90 -16.59 -40.09
N ASN D 235 8.14 -16.43 -39.00
CA ASN D 235 8.28 -15.33 -38.03
C ASN D 235 8.88 -15.86 -36.72
N PHE D 236 8.61 -17.13 -36.37
CA PHE D 236 8.99 -17.68 -35.05
C PHE D 236 9.47 -19.13 -35.19
N ILE D 237 10.42 -19.53 -34.35
CA ILE D 237 10.80 -20.95 -34.18
C ILE D 237 10.54 -21.34 -32.72
N ALA D 238 9.78 -22.41 -32.52
CA ALA D 238 9.64 -23.09 -31.20
C ALA D 238 10.64 -24.25 -31.17
N ILE D 239 11.66 -24.16 -30.31
CA ILE D 239 12.78 -25.15 -30.21
C ILE D 239 12.44 -26.21 -29.16
N SER D 240 12.20 -27.43 -29.62
CA SER D 240 11.81 -28.58 -28.75
C SER D 240 12.97 -28.95 -27.83
N PHE D 241 12.65 -29.23 -26.56
CA PHE D 241 13.52 -29.85 -25.53
C PHE D 241 14.76 -28.99 -25.30
N VAL D 242 14.57 -27.68 -25.07
CA VAL D 242 15.74 -26.79 -24.81
C VAL D 242 16.26 -27.08 -23.41
N ARG D 243 17.55 -27.44 -23.26
CA ARG D 243 18.19 -27.76 -21.96
C ARG D 243 19.02 -26.58 -21.43
N THR D 244 19.63 -25.82 -22.34
CA THR D 244 20.63 -24.76 -22.04
C THR D 244 20.53 -23.66 -23.09
N ALA D 245 21.25 -22.56 -22.88
CA ALA D 245 21.29 -21.41 -23.80
C ALA D 245 21.90 -21.85 -25.12
N LYS D 246 22.81 -22.83 -25.08
CA LYS D 246 23.51 -23.36 -26.29
C LYS D 246 22.47 -23.80 -27.31
N ASP D 247 21.40 -24.50 -26.87
CA ASP D 247 20.33 -25.01 -27.76
C ASP D 247 19.69 -23.83 -28.52
N VAL D 248 19.54 -22.68 -27.87
CA VAL D 248 18.89 -21.50 -28.51
C VAL D 248 19.91 -20.81 -29.43
N ASN D 249 21.11 -20.56 -28.91
CA ASN D 249 22.18 -19.79 -29.61
C ASN D 249 22.50 -20.48 -30.94
N GLU D 250 22.59 -21.81 -30.95
CA GLU D 250 22.96 -22.54 -32.18
C GLU D 250 21.85 -22.37 -33.21
N VAL D 251 20.58 -22.17 -32.81
CA VAL D 251 19.50 -21.84 -33.79
C VAL D 251 19.61 -20.35 -34.19
N ARG D 252 19.88 -19.46 -33.22
CA ARG D 252 20.11 -18.02 -33.49
C ARG D 252 21.21 -17.88 -34.57
N ALA D 253 22.32 -18.60 -34.42
CA ALA D 253 23.46 -18.62 -35.39
C ALA D 253 22.92 -18.73 -36.83
N ILE D 254 22.04 -19.68 -37.07
CA ILE D 254 21.47 -19.98 -38.42
C ILE D 254 20.53 -18.87 -38.88
N CYS D 255 19.66 -18.35 -38.01
CA CYS D 255 18.71 -17.26 -38.39
C CYS D 255 19.55 -16.04 -38.83
N GLU D 256 20.67 -15.81 -38.13
CA GLU D 256 21.64 -14.72 -38.35
C GLU D 256 22.35 -14.94 -39.69
N GLU D 257 23.03 -16.08 -39.85
CA GLU D 257 23.88 -16.42 -41.03
C GLU D 257 23.05 -16.33 -42.32
N THR D 258 21.75 -16.63 -42.29
CA THR D 258 20.87 -16.74 -43.48
C THR D 258 20.16 -15.41 -43.77
N GLY D 259 20.41 -14.36 -42.97
CA GLY D 259 19.72 -13.05 -43.10
C GLY D 259 18.26 -13.15 -42.69
N ASN D 260 18.00 -13.95 -41.66
CA ASN D 260 16.65 -14.16 -41.08
C ASN D 260 16.68 -13.65 -39.63
N GLY D 261 17.43 -12.58 -39.35
CA GLY D 261 17.66 -12.06 -37.99
C GLY D 261 16.36 -11.56 -37.34
N HIS D 262 15.34 -11.31 -38.13
CA HIS D 262 13.98 -10.90 -37.66
C HIS D 262 13.29 -12.05 -36.88
N VAL D 263 13.70 -13.29 -37.13
CA VAL D 263 13.02 -14.49 -36.55
C VAL D 263 13.18 -14.50 -35.03
N GLN D 264 12.07 -14.73 -34.31
CA GLN D 264 12.10 -14.82 -32.85
C GLN D 264 12.06 -16.30 -32.43
N LEU D 265 12.83 -16.62 -31.40
CA LEU D 265 13.09 -17.98 -30.89
C LEU D 265 12.33 -18.19 -29.59
N PHE D 266 11.41 -19.15 -29.59
CA PHE D 266 10.74 -19.59 -28.34
C PHE D 266 11.43 -20.86 -27.88
N ALA D 267 12.08 -20.84 -26.72
CA ALA D 267 12.59 -22.06 -26.09
C ALA D 267 11.39 -22.84 -25.56
N LYS D 268 11.24 -24.10 -25.95
CA LYS D 268 10.19 -24.99 -25.35
C LYS D 268 10.76 -25.64 -24.11
N ILE D 269 10.11 -25.46 -22.96
CA ILE D 269 10.56 -25.98 -21.66
C ILE D 269 9.69 -27.19 -21.39
N GLU D 270 10.30 -28.37 -21.34
CA GLU D 270 9.54 -29.65 -21.29
C GLU D 270 10.38 -30.74 -20.63
N ASN D 271 11.44 -30.37 -19.93
CA ASN D 271 12.18 -31.35 -19.08
C ASN D 271 12.90 -30.61 -17.95
N GLN D 272 13.39 -31.39 -16.99
CA GLN D 272 13.96 -30.85 -15.72
C GLN D 272 15.14 -29.92 -16.04
N GLN D 273 15.94 -30.23 -17.07
CA GLN D 273 17.13 -29.40 -17.39
C GLN D 273 16.67 -28.02 -17.83
N GLY D 274 15.67 -27.98 -18.72
CA GLY D 274 15.02 -26.70 -19.11
C GLY D 274 14.66 -25.89 -17.88
N ILE D 275 13.98 -26.50 -16.93
CA ILE D 275 13.51 -25.79 -15.70
C ILE D 275 14.74 -25.27 -14.94
N ASP D 276 15.74 -26.14 -14.76
CA ASP D 276 16.97 -25.85 -13.96
C ASP D 276 17.69 -24.64 -14.59
N ASN D 277 17.78 -24.54 -15.92
CA ASN D 277 18.55 -23.47 -16.64
C ASN D 277 17.59 -22.39 -17.15
N LEU D 278 16.40 -22.27 -16.58
CA LEU D 278 15.35 -21.40 -17.16
C LEU D 278 15.92 -19.97 -17.35
N ASP D 279 16.62 -19.44 -16.35
CA ASP D 279 17.10 -18.03 -16.35
C ASP D 279 18.00 -17.81 -17.58
N GLU D 280 18.99 -18.67 -17.80
CA GLU D 280 19.95 -18.50 -18.93
C GLU D 280 19.21 -18.70 -20.27
N ILE D 281 18.20 -19.58 -20.33
CA ILE D 281 17.37 -19.83 -21.54
C ILE D 281 16.51 -18.59 -21.87
N ILE D 282 15.85 -17.99 -20.86
CA ILE D 282 15.02 -16.76 -21.06
C ILE D 282 15.95 -15.68 -21.64
N GLU D 283 17.15 -15.55 -21.08
CA GLU D 283 18.16 -14.52 -21.48
C GLU D 283 18.43 -14.69 -22.99
N ALA D 284 18.71 -15.91 -23.45
CA ALA D 284 19.12 -16.24 -24.83
C ALA D 284 17.95 -16.14 -25.82
N ALA D 285 16.73 -16.41 -25.36
CA ALA D 285 15.57 -16.58 -26.26
C ALA D 285 14.74 -15.29 -26.36
N ASP D 286 13.77 -15.30 -27.28
CA ASP D 286 12.78 -14.20 -27.45
C ASP D 286 11.53 -14.44 -26.59
N GLY D 287 11.39 -15.64 -26.01
CA GLY D 287 10.15 -16.05 -25.33
C GLY D 287 10.20 -17.51 -24.92
N ILE D 288 9.18 -18.00 -24.23
CA ILE D 288 9.15 -19.41 -23.73
C ILE D 288 7.84 -20.04 -24.20
N MET D 289 7.91 -21.29 -24.67
CA MET D 289 6.69 -22.10 -24.85
C MET D 289 6.65 -23.16 -23.74
N ILE D 290 5.63 -23.11 -22.89
CA ILE D 290 5.45 -24.07 -21.75
C ILE D 290 4.83 -25.33 -22.35
N ALA D 291 5.66 -26.33 -22.65
CA ALA D 291 5.28 -27.56 -23.39
C ALA D 291 4.82 -28.62 -22.39
N ARG D 292 3.55 -28.53 -21.98
CA ARG D 292 3.04 -29.27 -20.80
C ARG D 292 2.86 -30.75 -21.11
N GLY D 293 2.88 -31.13 -22.38
CA GLY D 293 2.86 -32.54 -22.83
C GLY D 293 4.05 -33.26 -22.25
N ASP D 294 5.21 -33.06 -22.85
CA ASP D 294 6.50 -33.62 -22.34
C ASP D 294 6.72 -33.18 -20.91
N MET D 295 6.42 -31.94 -20.53
CA MET D 295 6.78 -31.48 -19.16
C MET D 295 6.04 -32.36 -18.14
N GLY D 296 4.77 -32.71 -18.37
CA GLY D 296 4.01 -33.50 -17.37
C GLY D 296 4.50 -34.93 -17.30
N ILE D 297 5.25 -35.39 -18.30
CA ILE D 297 5.85 -36.75 -18.25
C ILE D 297 7.23 -36.68 -17.58
N GLU D 298 7.97 -35.61 -17.85
CA GLU D 298 9.38 -35.44 -17.37
C GLU D 298 9.46 -34.98 -15.91
N VAL D 299 8.45 -34.28 -15.39
CA VAL D 299 8.40 -33.85 -13.96
C VAL D 299 7.14 -34.43 -13.32
N PRO D 300 7.02 -34.44 -11.97
CA PRO D 300 5.84 -34.96 -11.28
C PRO D 300 4.57 -34.28 -11.84
N PHE D 301 3.59 -35.09 -12.27
CA PHE D 301 2.42 -34.68 -13.09
C PHE D 301 1.74 -33.52 -12.37
N GLU D 302 1.56 -33.72 -11.07
CA GLU D 302 0.80 -32.80 -10.18
C GLU D 302 1.66 -31.55 -9.87
N MET D 303 2.89 -31.42 -10.41
CA MET D 303 3.74 -30.20 -10.25
C MET D 303 3.73 -29.29 -11.50
N VAL D 304 3.14 -29.70 -12.61
CA VAL D 304 3.11 -28.87 -13.85
C VAL D 304 2.58 -27.47 -13.55
N PRO D 305 1.50 -27.29 -12.74
CA PRO D 305 0.99 -25.94 -12.44
C PRO D 305 2.00 -25.01 -11.77
N VAL D 306 2.85 -25.56 -10.92
CA VAL D 306 3.92 -24.77 -10.25
C VAL D 306 4.84 -24.21 -11.33
N TYR D 307 5.27 -25.05 -12.27
CA TYR D 307 6.28 -24.63 -13.27
C TYR D 307 5.61 -23.67 -14.25
N GLN D 308 4.35 -23.93 -14.61
CA GLN D 308 3.61 -23.00 -15.49
C GLN D 308 3.63 -21.62 -14.84
N LYS D 309 3.26 -21.50 -13.57
CA LYS D 309 3.06 -20.17 -12.95
C LYS D 309 4.41 -19.47 -12.81
N MET D 310 5.43 -20.20 -12.39
CA MET D 310 6.79 -19.64 -12.21
C MET D 310 7.30 -19.12 -13.56
N ILE D 311 7.17 -19.94 -14.60
CA ILE D 311 7.70 -19.62 -15.95
C ILE D 311 7.02 -18.35 -16.44
N ILE D 312 5.67 -18.29 -16.37
CA ILE D 312 4.93 -17.09 -16.86
C ILE D 312 5.45 -15.83 -16.11
N LYS D 313 5.63 -15.92 -14.81
CA LYS D 313 6.07 -14.76 -13.96
C LYS D 313 7.47 -14.30 -14.43
N LYS D 314 8.42 -15.21 -14.60
CA LYS D 314 9.81 -14.89 -15.02
C LYS D 314 9.80 -14.32 -16.44
N VAL D 315 8.95 -14.84 -17.34
CA VAL D 315 8.98 -14.38 -18.74
C VAL D 315 8.31 -13.01 -18.84
N ASN D 316 7.22 -12.76 -18.10
CA ASN D 316 6.66 -11.37 -18.10
C ASN D 316 7.71 -10.41 -17.53
N ALA D 317 8.40 -10.81 -16.44
CA ALA D 317 9.39 -9.96 -15.74
C ALA D 317 10.50 -9.54 -16.72
N ALA D 318 10.80 -10.38 -17.72
CA ALA D 318 11.84 -10.15 -18.75
C ALA D 318 11.25 -9.41 -19.94
N GLY D 319 9.96 -9.08 -19.92
CA GLY D 319 9.26 -8.43 -21.06
C GLY D 319 9.39 -9.24 -22.34
N LYS D 320 9.31 -10.57 -22.22
CA LYS D 320 9.34 -11.48 -23.38
C LYS D 320 7.98 -12.17 -23.53
N VAL D 321 7.84 -13.04 -24.51
CA VAL D 321 6.54 -13.66 -24.87
C VAL D 321 6.46 -15.05 -24.24
N VAL D 322 5.35 -15.34 -23.58
CA VAL D 322 5.12 -16.72 -23.05
C VAL D 322 3.85 -17.32 -23.66
N ILE D 323 3.98 -18.54 -24.17
CA ILE D 323 2.89 -19.35 -24.75
C ILE D 323 2.58 -20.50 -23.78
N THR D 324 1.34 -20.64 -23.34
CA THR D 324 0.91 -21.82 -22.54
C THR D 324 0.39 -22.86 -23.52
N ALA D 325 0.93 -24.08 -23.52
CA ALA D 325 0.67 -25.04 -24.62
C ALA D 325 0.29 -26.43 -24.11
N THR D 326 -0.52 -27.12 -24.91
CA THR D 326 -0.70 -28.61 -24.94
C THR D 326 -1.85 -29.05 -24.02
N ASN D 327 -2.84 -29.70 -24.64
CA ASN D 327 -3.99 -30.34 -24.00
C ASN D 327 -4.88 -29.31 -23.30
N MET D 328 -4.89 -28.06 -23.76
CA MET D 328 -5.72 -27.02 -23.11
C MET D 328 -7.23 -27.27 -23.35
N LEU D 329 -7.63 -27.76 -24.53
CA LEU D 329 -9.04 -28.14 -24.82
C LEU D 329 -9.08 -29.55 -25.42
N GLU D 330 -8.31 -30.48 -24.83
CA GLU D 330 -8.05 -31.85 -25.36
C GLU D 330 -9.33 -32.52 -25.87
N THR D 331 -10.38 -32.54 -25.06
CA THR D 331 -11.59 -33.36 -25.34
C THR D 331 -12.23 -32.83 -26.63
N MET D 332 -12.02 -31.57 -27.01
CA MET D 332 -12.62 -31.01 -28.23
C MET D 332 -12.00 -31.63 -29.50
N THR D 333 -10.94 -32.42 -29.35
CA THR D 333 -10.36 -33.22 -30.47
C THR D 333 -11.43 -34.18 -30.99
N GLU D 334 -12.26 -34.72 -30.08
CA GLU D 334 -13.27 -35.76 -30.40
C GLU D 334 -14.70 -35.31 -30.06
N LYS D 335 -14.91 -34.35 -29.15
CA LYS D 335 -16.28 -33.90 -28.75
C LYS D 335 -16.51 -32.42 -29.06
N PRO D 336 -17.78 -32.01 -29.32
CA PRO D 336 -18.14 -30.64 -29.64
C PRO D 336 -18.06 -29.64 -28.48
N ARG D 337 -17.88 -30.12 -27.24
CA ARG D 337 -17.83 -29.24 -26.05
C ARG D 337 -16.60 -29.61 -25.20
N ALA D 338 -15.89 -28.61 -24.67
CA ALA D 338 -14.77 -28.77 -23.72
C ALA D 338 -15.34 -29.19 -22.36
N THR D 339 -14.49 -29.68 -21.46
CA THR D 339 -14.89 -30.01 -20.06
C THR D 339 -14.80 -28.74 -19.20
N ARG D 340 -15.42 -28.78 -18.03
CA ARG D 340 -15.26 -27.72 -17.01
C ARG D 340 -13.79 -27.52 -16.66
N SER D 341 -13.00 -28.58 -16.53
CA SER D 341 -11.56 -28.48 -16.14
C SER D 341 -10.81 -27.77 -17.27
N GLU D 342 -11.16 -28.04 -18.52
CA GLU D 342 -10.45 -27.42 -19.68
C GLU D 342 -10.79 -25.93 -19.73
N VAL D 343 -12.03 -25.57 -19.44
CA VAL D 343 -12.42 -24.14 -19.40
C VAL D 343 -11.57 -23.47 -18.30
N SER D 344 -11.50 -24.10 -17.14
CA SER D 344 -10.76 -23.60 -15.96
C SER D 344 -9.28 -23.42 -16.32
N ASP D 345 -8.72 -24.39 -17.04
CA ASP D 345 -7.30 -24.45 -17.44
C ASP D 345 -6.98 -23.24 -18.31
N VAL D 346 -7.77 -23.01 -19.36
CA VAL D 346 -7.52 -21.90 -20.31
C VAL D 346 -7.70 -20.59 -19.54
N PHE D 347 -8.77 -20.46 -18.76
CA PHE D 347 -9.11 -19.22 -18.01
C PHE D 347 -7.93 -18.83 -17.11
N ASN D 348 -7.42 -19.79 -16.35
CA ASN D 348 -6.34 -19.53 -15.36
C ASN D 348 -4.99 -19.25 -16.03
N ALA D 349 -4.74 -19.76 -17.23
CA ALA D 349 -3.51 -19.44 -17.96
C ALA D 349 -3.51 -17.96 -18.27
N VAL D 350 -4.68 -17.43 -18.60
CA VAL D 350 -4.85 -15.98 -18.85
C VAL D 350 -4.58 -15.25 -17.54
N ILE D 351 -5.18 -15.73 -16.44
CA ILE D 351 -5.08 -15.04 -15.13
C ILE D 351 -3.61 -15.08 -14.68
N ASP D 352 -2.90 -16.17 -14.95
CA ASP D 352 -1.45 -16.35 -14.63
C ASP D 352 -0.57 -15.30 -15.32
N GLY D 353 -1.03 -14.78 -16.45
CA GLY D 353 -0.34 -13.70 -17.19
C GLY D 353 0.18 -14.16 -18.53
N THR D 354 -0.35 -15.24 -19.10
CA THR D 354 0.16 -15.74 -20.39
C THR D 354 -0.08 -14.70 -21.50
N ASP D 355 0.88 -14.57 -22.41
CA ASP D 355 0.69 -13.77 -23.65
C ASP D 355 -0.24 -14.53 -24.59
N ALA D 356 -0.05 -15.84 -24.69
CA ALA D 356 -0.77 -16.65 -25.71
C ALA D 356 -1.11 -18.03 -25.14
N THR D 357 -2.20 -18.59 -25.64
CA THR D 357 -2.66 -19.98 -25.37
C THR D 357 -2.61 -20.74 -26.69
N MET D 358 -2.40 -22.05 -26.64
CA MET D 358 -2.16 -22.81 -27.90
C MET D 358 -3.13 -23.99 -28.00
N LEU D 359 -3.42 -24.37 -29.26
CA LEU D 359 -4.10 -25.60 -29.66
C LEU D 359 -3.14 -26.44 -30.51
N SER D 360 -3.08 -27.74 -30.26
CA SER D 360 -2.26 -28.69 -31.05
C SER D 360 -3.20 -29.64 -31.81
N GLY D 361 -3.45 -30.83 -31.27
CA GLY D 361 -4.36 -31.81 -31.91
C GLY D 361 -5.77 -31.26 -32.12
N GLU D 362 -6.24 -30.34 -31.28
CA GLU D 362 -7.61 -29.78 -31.39
C GLU D 362 -7.81 -29.11 -32.75
N SER D 363 -6.82 -28.37 -33.24
CA SER D 363 -6.92 -27.62 -34.52
C SER D 363 -6.28 -28.44 -35.65
N ALA D 364 -5.29 -29.28 -35.34
CA ALA D 364 -4.43 -29.95 -36.34
C ALA D 364 -5.10 -31.22 -36.87
N ASN D 365 -5.74 -32.03 -36.02
CA ASN D 365 -6.26 -33.34 -36.48
C ASN D 365 -7.52 -33.78 -35.75
N GLY D 366 -8.26 -32.89 -35.09
CA GLY D 366 -9.53 -33.28 -34.45
C GLY D 366 -10.73 -32.99 -35.35
N LYS D 367 -11.92 -33.32 -34.85
CA LYS D 367 -13.21 -33.21 -35.59
C LYS D 367 -13.72 -31.77 -35.56
N TYR D 368 -13.24 -30.93 -34.63
CA TYR D 368 -13.85 -29.60 -34.39
C TYR D 368 -12.79 -28.51 -34.29
N PRO D 369 -11.96 -28.28 -35.32
CA PRO D 369 -10.91 -27.25 -35.26
C PRO D 369 -11.46 -25.82 -35.15
N LEU D 370 -12.50 -25.48 -35.91
CA LEU D 370 -13.08 -24.12 -35.82
C LEU D 370 -13.71 -23.89 -34.43
N GLU D 371 -14.45 -24.86 -33.91
CA GLU D 371 -15.16 -24.72 -32.60
C GLU D 371 -14.11 -24.63 -31.49
N SER D 372 -12.99 -25.35 -31.61
CA SER D 372 -11.85 -25.28 -30.66
C SER D 372 -11.31 -23.84 -30.58
N VAL D 373 -10.97 -23.21 -31.72
CA VAL D 373 -10.47 -21.81 -31.74
C VAL D 373 -11.52 -20.88 -31.10
N THR D 374 -12.79 -21.06 -31.46
CA THR D 374 -13.91 -20.20 -31.01
C THR D 374 -14.02 -20.33 -29.48
N THR D 375 -13.98 -21.54 -28.96
CA THR D 375 -14.08 -21.78 -27.51
C THR D 375 -12.87 -21.12 -26.81
N MET D 376 -11.65 -21.34 -27.28
CA MET D 376 -10.46 -20.70 -26.65
C MET D 376 -10.61 -19.17 -26.68
N ALA D 377 -11.06 -18.62 -27.80
CA ALA D 377 -11.23 -17.15 -27.95
C ALA D 377 -12.23 -16.64 -26.90
N THR D 378 -13.36 -17.34 -26.74
CA THR D 378 -14.42 -16.96 -25.77
C THR D 378 -13.85 -16.98 -24.34
N ILE D 379 -13.15 -18.03 -23.95
CA ILE D 379 -12.63 -18.16 -22.56
C ILE D 379 -11.59 -17.05 -22.34
N ASP D 380 -10.68 -16.90 -23.30
CA ASP D 380 -9.56 -15.92 -23.25
C ASP D 380 -10.14 -14.51 -23.09
N LYS D 381 -11.17 -14.17 -23.89
CA LYS D 381 -11.86 -12.85 -23.86
C LYS D 381 -12.46 -12.64 -22.47
N ASN D 382 -13.14 -13.65 -21.94
CA ASN D 382 -13.82 -13.53 -20.64
C ASN D 382 -12.81 -13.39 -19.51
N ALA D 383 -11.72 -14.14 -19.57
CA ALA D 383 -10.68 -14.10 -18.54
C ALA D 383 -10.01 -12.72 -18.50
N GLN D 384 -9.77 -12.06 -19.64
CA GLN D 384 -9.00 -10.79 -19.65
C GLN D 384 -9.77 -9.72 -18.83
N ALA D 385 -11.09 -9.84 -18.73
CA ALA D 385 -11.97 -8.92 -17.98
C ALA D 385 -11.68 -8.97 -16.47
N LEU D 386 -11.04 -10.03 -15.98
CA LEU D 386 -10.76 -10.26 -14.55
C LEU D 386 -9.29 -10.00 -14.23
N LEU D 387 -8.46 -9.69 -15.23
CA LEU D 387 -7.02 -9.38 -15.01
C LEU D 387 -6.83 -8.17 -14.09
N ASN D 388 -7.64 -7.11 -14.17
CA ASN D 388 -7.48 -5.92 -13.26
C ASN D 388 -7.64 -6.34 -11.79
N GLU D 389 -8.67 -7.13 -11.46
CA GLU D 389 -8.87 -7.67 -10.09
C GLU D 389 -7.88 -8.82 -9.80
N TYR D 390 -7.98 -9.98 -10.48
CA TYR D 390 -7.31 -11.25 -10.08
C TYR D 390 -5.98 -11.47 -10.83
N GLY D 391 -5.45 -10.51 -11.57
CA GLY D 391 -4.23 -10.70 -12.41
C GLY D 391 -2.99 -10.99 -11.56
N ARG D 392 -2.28 -12.09 -11.88
CA ARG D 392 -1.08 -12.63 -11.16
C ARG D 392 0.11 -11.67 -11.32
N LEU D 393 0.39 -11.27 -12.57
CA LEU D 393 1.41 -10.26 -12.96
C LEU D 393 1.22 -9.00 -12.10
N ASP D 394 2.34 -8.35 -11.76
CA ASP D 394 2.43 -7.09 -10.96
C ASP D 394 3.46 -6.18 -11.66
N SER D 395 3.00 -5.12 -12.32
CA SER D 395 3.84 -4.25 -13.19
C SER D 395 4.55 -3.15 -12.37
N ASP D 396 4.04 -2.80 -11.20
CA ASP D 396 4.64 -1.75 -10.32
C ASP D 396 6.11 -2.12 -10.05
N SER D 397 6.49 -3.40 -10.16
CA SER D 397 7.83 -3.95 -9.83
C SER D 397 8.90 -3.60 -10.88
N PHE D 398 8.52 -3.23 -12.11
CA PHE D 398 9.48 -3.01 -13.23
C PHE D 398 10.34 -1.76 -12.99
N GLU D 399 11.63 -1.88 -13.31
CA GLU D 399 12.61 -0.77 -13.25
C GLU D 399 12.28 0.23 -14.36
N ARG D 400 12.02 1.48 -13.98
CA ARG D 400 11.83 2.61 -14.92
C ARG D 400 13.19 3.30 -15.12
N ASN D 401 14.05 2.72 -15.94
CA ASN D 401 15.48 3.12 -16.06
C ASN D 401 15.72 3.87 -17.39
N SER D 402 14.69 4.01 -18.22
CA SER D 402 14.78 4.54 -19.61
C SER D 402 13.60 5.48 -19.88
N LYS D 403 13.76 6.42 -20.81
CA LYS D 403 12.66 7.31 -21.29
C LYS D 403 11.46 6.46 -21.73
N THR D 404 11.72 5.33 -22.41
CA THR D 404 10.69 4.45 -23.01
C THR D 404 9.93 3.76 -21.87
N GLU D 405 10.66 3.26 -20.86
CA GLU D 405 10.08 2.57 -19.68
C GLU D 405 9.22 3.57 -18.92
N VAL D 406 9.72 4.80 -18.73
CA VAL D 406 8.94 5.86 -18.04
C VAL D 406 7.66 6.09 -18.83
N MET D 407 7.76 6.19 -20.16
CA MET D 407 6.59 6.44 -21.04
C MET D 407 5.62 5.25 -20.96
N ALA D 408 6.11 4.02 -21.01
CA ALA D 408 5.25 2.81 -20.93
C ALA D 408 4.53 2.81 -19.57
N SER D 409 5.23 3.16 -18.49
CA SER D 409 4.65 3.22 -17.13
C SER D 409 3.55 4.29 -17.09
N ALA D 410 3.80 5.44 -17.70
CA ALA D 410 2.83 6.56 -17.85
C ALA D 410 1.60 6.11 -18.66
N VAL D 411 1.75 5.27 -19.68
CA VAL D 411 0.60 4.77 -20.49
C VAL D 411 -0.27 3.91 -19.59
N LYS D 412 0.35 3.01 -18.84
CA LYS D 412 -0.36 2.06 -17.95
C LYS D 412 -1.21 2.85 -16.95
N ASP D 413 -0.64 3.89 -16.34
CA ASP D 413 -1.31 4.72 -15.31
C ASP D 413 -2.52 5.43 -15.94
N ALA D 414 -2.36 6.01 -17.13
CA ALA D 414 -3.46 6.63 -17.91
C ALA D 414 -4.62 5.64 -18.03
N THR D 415 -4.34 4.36 -18.35
CA THR D 415 -5.40 3.35 -18.59
C THR D 415 -6.00 2.86 -17.26
N SER D 416 -5.26 2.97 -16.16
CA SER D 416 -5.72 2.66 -14.77
C SER D 416 -6.63 3.80 -14.28
N SER D 417 -6.23 5.06 -14.55
CA SER D 417 -6.89 6.29 -14.03
C SER D 417 -8.13 6.66 -14.87
N MET D 418 -8.13 6.37 -16.17
CA MET D 418 -9.17 6.83 -17.14
C MET D 418 -9.77 5.61 -17.85
N ASP D 419 -10.99 5.75 -18.36
CA ASP D 419 -11.54 4.77 -19.34
C ASP D 419 -10.90 5.07 -20.69
N ILE D 420 -9.76 4.42 -21.00
CA ILE D 420 -9.02 4.56 -22.29
C ILE D 420 -9.43 3.39 -23.20
N LYS D 421 -9.93 3.67 -24.40
CA LYS D 421 -10.43 2.63 -25.34
C LYS D 421 -9.24 2.01 -26.07
N LEU D 422 -8.14 2.75 -26.27
CA LEU D 422 -7.01 2.28 -27.11
C LEU D 422 -5.72 3.04 -26.85
N VAL D 423 -4.61 2.31 -26.84
CA VAL D 423 -3.23 2.84 -26.90
C VAL D 423 -2.74 2.64 -28.33
N VAL D 424 -2.35 3.71 -29.00
CA VAL D 424 -1.70 3.62 -30.34
C VAL D 424 -0.21 3.92 -30.17
N THR D 425 0.65 3.03 -30.65
CA THR D 425 2.11 3.27 -30.69
C THR D 425 2.55 3.28 -32.15
N LEU D 426 3.30 4.29 -32.58
CA LEU D 426 4.00 4.28 -33.88
C LEU D 426 5.43 3.79 -33.64
N THR D 427 5.73 2.58 -34.08
CA THR D 427 6.96 1.84 -33.70
C THR D 427 7.57 1.27 -34.97
N LYS D 428 8.85 1.54 -35.16
CA LYS D 428 9.69 1.06 -36.29
C LYS D 428 10.10 -0.41 -36.06
N THR D 429 10.46 -0.74 -34.82
CA THR D 429 11.02 -2.05 -34.39
C THR D 429 9.99 -2.88 -33.60
N GLY D 430 8.87 -2.26 -33.19
CA GLY D 430 7.88 -2.83 -32.25
C GLY D 430 8.28 -2.69 -30.79
N HIS D 431 9.49 -2.20 -30.49
CA HIS D 431 10.05 -2.13 -29.11
C HIS D 431 9.03 -1.47 -28.18
N THR D 432 8.39 -0.38 -28.61
CA THR D 432 7.50 0.40 -27.73
C THR D 432 6.21 -0.39 -27.46
N ALA D 433 5.70 -1.08 -28.48
CA ALA D 433 4.57 -2.02 -28.35
C ALA D 433 4.90 -3.11 -27.31
N ARG D 434 6.11 -3.66 -27.35
CA ARG D 434 6.52 -4.73 -26.41
C ARG D 434 6.55 -4.20 -24.99
N LEU D 435 7.15 -3.03 -24.78
CA LEU D 435 7.24 -2.45 -23.42
C LEU D 435 5.82 -2.17 -22.92
N ILE D 436 4.99 -1.52 -23.74
CA ILE D 436 3.60 -1.23 -23.33
C ILE D 436 2.91 -2.56 -23.01
N SER D 437 3.11 -3.58 -23.85
CA SER D 437 2.49 -4.91 -23.64
C SER D 437 2.90 -5.47 -22.28
N LYS D 438 4.19 -5.36 -21.93
CA LYS D 438 4.73 -5.86 -20.64
C LYS D 438 3.85 -5.32 -19.49
N TYR D 439 3.39 -4.07 -19.56
CA TYR D 439 2.69 -3.41 -18.44
C TYR D 439 1.23 -3.86 -18.37
N ARG D 440 0.71 -4.54 -19.38
CA ARG D 440 -0.67 -5.07 -19.33
C ARG D 440 -1.61 -3.91 -19.05
N PRO D 441 -1.63 -2.88 -19.91
CA PRO D 441 -2.58 -1.79 -19.79
C PRO D 441 -4.02 -2.32 -19.86
N ASN D 442 -4.97 -1.65 -19.22
CA ASN D 442 -6.41 -1.99 -19.39
C ASN D 442 -6.93 -1.34 -20.66
N ALA D 443 -6.43 -1.77 -21.82
CA ALA D 443 -6.78 -1.23 -23.15
C ALA D 443 -6.12 -2.08 -24.24
N ASP D 444 -6.71 -2.12 -25.42
CA ASP D 444 -6.06 -2.72 -26.61
C ASP D 444 -4.92 -1.82 -27.05
N ILE D 445 -3.91 -2.37 -27.69
CA ILE D 445 -2.68 -1.68 -28.15
C ILE D 445 -2.59 -1.80 -29.66
N LEU D 446 -2.85 -0.73 -30.40
CA LEU D 446 -2.64 -0.68 -31.87
C LEU D 446 -1.18 -0.32 -32.11
N ALA D 447 -0.44 -1.18 -32.78
CA ALA D 447 0.99 -1.00 -33.07
C ALA D 447 1.16 -0.71 -34.57
N LEU D 448 1.34 0.56 -34.91
CA LEU D 448 1.52 1.02 -36.31
C LEU D 448 3.02 0.90 -36.65
N THR D 449 3.37 0.03 -37.59
CA THR D 449 4.77 -0.28 -38.01
C THR D 449 4.82 -0.14 -39.53
N PHE D 450 6.01 -0.20 -40.12
CA PHE D 450 6.23 0.23 -41.54
C PHE D 450 6.82 -0.91 -42.38
N ASP D 451 6.99 -2.12 -41.84
CA ASP D 451 7.41 -3.33 -42.61
C ASP D 451 6.66 -4.56 -42.08
N GLU D 452 6.65 -5.64 -42.86
CA GLU D 452 5.74 -6.78 -42.62
C GLU D 452 6.37 -7.76 -41.63
N LEU D 453 7.70 -7.76 -41.51
CA LEU D 453 8.41 -8.61 -40.54
C LEU D 453 8.08 -8.10 -39.14
N THR D 454 8.13 -6.79 -38.90
CA THR D 454 7.81 -6.22 -37.56
C THR D 454 6.36 -6.54 -37.26
N GLU D 455 5.46 -6.30 -38.23
CA GLU D 455 4.00 -6.50 -38.13
C GLU D 455 3.72 -7.92 -37.66
N ARG D 456 4.21 -8.93 -38.38
CA ARG D 456 3.89 -10.35 -38.05
C ARG D 456 4.62 -10.72 -36.77
N GLY D 457 5.81 -10.15 -36.52
CA GLY D 457 6.62 -10.47 -35.34
C GLY D 457 5.99 -10.05 -34.00
N LEU D 458 4.94 -9.23 -34.02
CA LEU D 458 4.29 -8.66 -32.81
C LEU D 458 3.02 -9.45 -32.49
N MET D 459 2.70 -10.47 -33.29
CA MET D 459 1.33 -11.07 -33.27
C MET D 459 1.14 -12.02 -32.08
N LEU D 460 2.20 -12.35 -31.33
CA LEU D 460 2.05 -13.14 -30.08
C LEU D 460 2.25 -12.28 -28.81
N ASN D 461 2.50 -10.98 -28.90
CA ASN D 461 2.57 -10.10 -27.71
C ASN D 461 1.15 -9.81 -27.22
N TRP D 462 0.92 -9.93 -25.90
CA TRP D 462 -0.38 -9.64 -25.26
C TRP D 462 -0.92 -8.28 -25.71
N GLY D 463 -2.19 -8.25 -26.13
CA GLY D 463 -3.00 -7.05 -26.38
C GLY D 463 -2.65 -6.29 -27.64
N VAL D 464 -1.63 -6.71 -28.37
CA VAL D 464 -1.06 -5.91 -29.51
C VAL D 464 -1.81 -6.26 -30.80
N ILE D 465 -2.46 -5.27 -31.40
CA ILE D 465 -3.00 -5.36 -32.77
C ILE D 465 -2.00 -4.69 -33.70
N PRO D 466 -1.19 -5.45 -34.46
CA PRO D 466 -0.22 -4.85 -35.37
C PRO D 466 -0.91 -4.45 -36.68
N MET D 467 -0.41 -3.41 -37.33
CA MET D 467 -1.02 -2.84 -38.54
C MET D 467 0.05 -2.11 -39.33
N LEU D 468 0.06 -2.31 -40.63
CA LEU D 468 1.11 -1.79 -41.51
C LEU D 468 0.72 -0.36 -41.90
N THR D 469 1.69 0.53 -42.03
CA THR D 469 1.43 1.89 -42.52
C THR D 469 2.70 2.48 -43.13
N ASP D 470 2.53 3.52 -43.94
CA ASP D 470 3.64 4.33 -44.50
C ASP D 470 4.20 5.18 -43.37
N ALA D 471 5.53 5.22 -43.19
CA ALA D 471 6.22 6.14 -42.23
C ALA D 471 5.64 7.55 -42.40
N PRO D 472 5.41 8.31 -41.30
CA PRO D 472 4.52 9.47 -41.34
C PRO D 472 5.30 10.69 -41.86
N SER D 473 4.60 11.78 -42.25
CA SER D 473 5.21 12.99 -42.87
C SER D 473 5.65 14.02 -41.81
N SER D 474 5.03 14.04 -40.62
CA SER D 474 5.29 15.04 -39.54
C SER D 474 4.66 14.61 -38.21
N THR D 475 4.92 15.37 -37.13
CA THR D 475 4.38 15.15 -35.76
C THR D 475 2.84 15.24 -35.80
N ASP D 476 2.31 16.34 -36.35
CA ASP D 476 0.85 16.55 -36.55
C ASP D 476 0.31 15.40 -37.40
N ASP D 477 1.02 15.07 -38.49
CA ASP D 477 0.71 13.93 -39.39
C ASP D 477 0.61 12.64 -38.56
N MET D 478 1.67 12.29 -37.83
CA MET D 478 1.80 11.02 -37.05
C MET D 478 0.61 10.86 -36.10
N PHE D 479 0.29 11.89 -35.31
CA PHE D 479 -0.86 11.89 -34.37
C PHE D 479 -2.18 11.76 -35.16
N GLU D 480 -2.27 12.41 -36.32
CA GLU D 480 -3.47 12.41 -37.21
C GLU D 480 -3.64 11.00 -37.81
N ILE D 481 -2.55 10.41 -38.29
CA ILE D 481 -2.52 9.02 -38.85
C ILE D 481 -3.09 8.09 -37.78
N ALA D 482 -2.47 8.10 -36.61
CA ALA D 482 -2.81 7.21 -35.47
C ALA D 482 -4.32 7.21 -35.27
N GLU D 483 -4.96 8.39 -35.13
CA GLU D 483 -6.41 8.47 -34.84
C GLU D 483 -7.20 7.90 -36.03
N ARG D 484 -6.85 8.29 -37.26
CA ARG D 484 -7.62 7.93 -38.48
C ARG D 484 -7.65 6.39 -38.62
N LYS D 485 -6.48 5.76 -38.66
CA LYS D 485 -6.32 4.28 -38.72
C LYS D 485 -7.23 3.66 -37.66
N ALA D 486 -7.06 4.03 -36.40
CA ALA D 486 -7.84 3.49 -35.26
C ALA D 486 -9.34 3.60 -35.56
N VAL D 487 -9.79 4.77 -36.04
CA VAL D 487 -11.21 5.02 -36.43
C VAL D 487 -11.59 4.12 -37.63
N GLU D 488 -10.76 4.07 -38.67
CA GLU D 488 -10.94 3.19 -39.87
C GLU D 488 -11.16 1.73 -39.42
N ALA D 489 -10.19 1.15 -38.70
CA ALA D 489 -10.23 -0.26 -38.24
C ALA D 489 -11.44 -0.52 -37.33
N GLY D 490 -12.17 0.53 -36.95
CA GLY D 490 -13.38 0.44 -36.11
C GLY D 490 -13.04 0.15 -34.65
N LEU D 491 -11.81 0.42 -34.22
CA LEU D 491 -11.31 0.21 -32.84
C LEU D 491 -11.94 1.25 -31.89
N VAL D 492 -12.18 2.47 -32.40
CA VAL D 492 -12.68 3.63 -31.61
C VAL D 492 -13.60 4.47 -32.50
N GLU D 493 -14.49 5.26 -31.87
CA GLU D 493 -15.35 6.26 -32.54
C GLU D 493 -15.28 7.59 -31.77
N SER D 494 -15.96 8.61 -32.26
CA SER D 494 -15.99 9.98 -31.66
C SER D 494 -16.35 9.87 -30.17
N GLY D 495 -15.68 10.66 -29.32
CA GLY D 495 -15.94 10.72 -27.86
C GLY D 495 -15.10 9.70 -27.08
N ASP D 496 -14.32 8.88 -27.78
CA ASP D 496 -13.42 7.87 -27.18
C ASP D 496 -12.09 8.54 -26.84
N ASP D 497 -11.56 8.21 -25.67
CA ASP D 497 -10.23 8.66 -25.20
C ASP D 497 -9.23 7.59 -25.62
N ILE D 498 -8.19 7.98 -26.37
CA ILE D 498 -7.04 7.11 -26.72
C ILE D 498 -5.75 7.78 -26.25
N VAL D 499 -4.72 6.96 -26.08
CA VAL D 499 -3.33 7.39 -25.75
C VAL D 499 -2.49 7.07 -26.96
N ILE D 500 -1.79 8.06 -27.50
CA ILE D 500 -0.88 7.86 -28.66
C ILE D 500 0.53 8.11 -28.16
N VAL D 501 1.46 7.25 -28.57
CA VAL D 501 2.86 7.26 -28.09
C VAL D 501 3.72 7.13 -29.34
N ALA D 502 4.79 7.90 -29.43
CA ALA D 502 5.69 7.98 -30.60
C ALA D 502 7.02 8.61 -30.19
N GLY D 503 8.02 8.49 -31.06
CA GLY D 503 9.34 9.15 -30.92
C GLY D 503 9.47 10.27 -31.93
N VAL D 504 9.58 11.53 -31.46
CA VAL D 504 9.70 12.75 -32.33
C VAL D 504 11.05 13.40 -32.05
N PRO D 505 11.74 14.03 -33.06
CA PRO D 505 11.29 14.08 -34.45
C PRO D 505 10.85 12.74 -35.07
N VAL D 506 9.72 12.73 -35.77
CA VAL D 506 8.97 11.50 -36.17
C VAL D 506 9.70 10.82 -37.34
N GLY D 507 9.88 9.49 -37.26
CA GLY D 507 10.42 8.63 -38.34
C GLY D 507 11.93 8.42 -38.22
N GLU D 508 12.67 9.33 -37.59
CA GLU D 508 14.17 9.32 -37.50
C GLU D 508 14.64 8.15 -36.60
N ALA D 509 13.79 7.14 -36.37
CA ALA D 509 14.01 6.00 -35.44
C ALA D 509 14.34 6.53 -34.03
N VAL D 510 13.65 7.61 -33.61
CA VAL D 510 13.77 8.25 -32.26
C VAL D 510 13.08 7.34 -31.24
N ARG D 511 13.68 7.19 -30.06
CA ARG D 511 13.08 6.44 -28.92
C ARG D 511 11.84 7.17 -28.44
N THR D 512 10.74 6.45 -28.20
CA THR D 512 9.44 7.06 -27.85
C THR D 512 9.65 7.97 -26.64
N ASN D 513 9.17 9.19 -26.78
CA ASN D 513 9.46 10.30 -25.83
C ASN D 513 8.27 11.25 -25.84
N THR D 514 7.19 10.89 -26.51
CA THR D 514 5.97 11.72 -26.57
C THR D 514 4.76 10.83 -26.28
N MET D 515 3.89 11.33 -25.41
CA MET D 515 2.56 10.77 -25.11
C MET D 515 1.52 11.86 -25.35
N ARG D 516 0.40 11.51 -25.97
CA ARG D 516 -0.76 12.40 -26.12
C ARG D 516 -2.00 11.67 -25.65
N ILE D 517 -2.78 12.26 -24.74
CA ILE D 517 -4.15 11.76 -24.41
C ILE D 517 -5.15 12.59 -25.22
N ARG D 518 -5.92 11.93 -26.07
CA ARG D 518 -6.69 12.56 -27.17
C ARG D 518 -8.13 12.03 -27.13
N THR D 519 -9.13 12.93 -27.05
CA THR D 519 -10.55 12.61 -27.37
C THR D 519 -10.68 12.62 -28.90
N VAL D 520 -11.31 11.58 -29.47
CA VAL D 520 -11.38 11.29 -30.93
C VAL D 520 -12.36 12.27 -31.60
C1 OXL E . -23.60 -30.09 -9.27
C2 OXL E . -23.92 -30.77 -7.96
O1 OXL E . -22.41 -29.84 -9.50
O2 OXL E . -22.95 -31.17 -7.22
O3 OXL E . -24.59 -29.76 -10.00
O4 OXL E . -25.10 -30.82 -7.68
C1 OXL F . -14.77 -20.72 21.40
C2 OXL F . -14.83 -19.33 22.05
O1 OXL F . -15.33 -21.61 22.02
O2 OXL F . -14.14 -19.18 23.09
O3 OXL F . -14.08 -20.85 20.37
O4 OXL F . -15.57 -18.50 21.52
MG MG G . -26.49 -30.15 -9.04
K K H . -28.01 -34.17 -5.01
O1 PG4 I . -29.74 -19.17 -24.93
C1 PG4 I . -28.46 -19.78 -25.08
C2 PG4 I . -27.95 -19.76 -26.51
O2 PG4 I . -27.28 -20.98 -26.82
C3 PG4 I . -27.52 -21.47 -28.15
C4 PG4 I . -26.53 -22.56 -28.49
O3 PG4 I . -27.07 -23.83 -28.19
C5 PG4 I . -26.18 -24.92 -28.48
C6 PG4 I . -26.81 -26.25 -28.11
O4 PG4 I . -26.34 -26.67 -26.83
C7 PG4 I . -25.21 -27.53 -26.88
C8 PG4 I . -24.15 -27.03 -25.94
O5 PG4 I . -22.92 -27.73 -26.07
C1 PGE J . -24.90 -37.52 16.13
O1 PGE J . -25.51 -36.79 17.14
C2 PGE J . -24.60 -36.70 14.92
O2 PGE J . -23.30 -37.08 14.43
C3 PGE J . -23.36 -37.81 13.22
C4 PGE J . -22.02 -38.32 12.83
O4 PGE J . -20.85 -41.24 15.63
C6 PGE J . -21.37 -41.44 14.34
C5 PGE J . -20.94 -40.38 13.36
O3 PGE J . -22.08 -39.75 12.76
C1 GOL K . -22.72 -37.22 -7.14
O1 GOL K . -23.48 -36.27 -7.88
C2 GOL K . -22.95 -38.65 -7.53
O2 GOL K . -21.78 -39.14 -8.16
C3 GOL K . -23.30 -39.53 -6.34
O3 GOL K . -24.25 -40.54 -6.65
C1 OXL L . 22.02 23.06 24.32
C2 OXL L . 22.09 22.18 25.57
O1 OXL L . 23.06 23.63 23.99
O2 OXL L . 23.26 22.06 26.11
O3 OXL L . 20.93 23.15 23.77
O4 OXL L . 21.01 21.66 25.96
C1 OXL M . 10.91 -8.88 29.17
C2 OXL M . 10.63 -7.80 30.23
O1 OXL M . 12.07 -9.23 29.01
O2 OXL M . 11.18 -7.94 31.32
O3 OXL M . 9.94 -9.34 28.57
O4 OXL M . 9.93 -6.85 29.88
MG MG N . 24.80 23.03 25.06
K K O . 24.46 21.60 31.17
C1 OXL P . -3.73 38.54 9.48
C2 OXL P . -3.62 37.71 10.74
O1 OXL P . -2.88 38.35 8.61
O2 OXL P . -2.70 36.88 10.78
O3 OXL P . -4.73 39.31 9.40
O4 OXL P . -4.51 37.87 11.61
C1 OXL Q . -4.62 24.69 -21.00
C2 OXL Q . -3.87 25.86 -20.36
O1 OXL Q . -5.72 24.39 -20.51
O2 OXL Q . -2.91 25.54 -19.64
O3 OXL Q . -4.01 24.06 -21.87
O4 OXL Q . -4.30 27.02 -20.60
MG MG R . -5.96 39.35 10.81
K K S . -5.79 43.53 7.01
C1 PGE T . -11.37 31.56 27.02
O1 PGE T . -12.68 31.67 27.55
C2 PGE T . -10.41 30.85 27.95
O2 PGE T . -10.06 31.68 29.06
C3 PGE T . -8.94 32.53 28.83
C4 PGE T . -8.46 33.11 30.15
O4 PGE T . -5.15 35.84 28.13
C6 PGE T . -6.23 35.79 29.04
C5 PGE T . -7.06 34.58 28.87
O3 PGE T . -7.95 34.44 29.98
C1 OXL U . 4.56 -30.53 -25.60
C2 OXL U . 4.87 -29.83 -26.95
O1 OXL U . 5.32 -31.47 -25.30
O2 OXL U . 5.85 -30.29 -27.56
O3 OXL U . 3.64 -30.10 -24.88
O4 OXL U . 4.17 -28.82 -27.31
C1 OXL V . 10.42 1.89 -31.29
C2 OXL V . 11.39 2.33 -30.18
O1 OXL V . 9.25 1.65 -30.95
O2 OXL V . 12.41 1.67 -30.01
O3 OXL V . 10.88 1.75 -32.43
O4 OXL V . 11.04 3.30 -29.49
MG MG W . 6.99 -31.91 -26.56
K K X . 7.55 -30.81 -32.32
#